data_2BB8
# 
_entry.id   2BB8 
# 
_audit_conform.dict_name       mmcif_pdbx.dic 
_audit_conform.dict_version    5.392 
_audit_conform.dict_location   http://mmcif.pdb.org/dictionaries/ascii/mmcif_pdbx.dic 
# 
loop_
_database_2.database_id 
_database_2.database_code 
_database_2.pdbx_database_accession 
_database_2.pdbx_DOI 
PDB   2BB8         pdb_00002bb8 10.2210/pdb2bb8/pdb 
WWPDB D_1000177809 ?            ?                   
# 
loop_
_pdbx_audit_revision_history.ordinal 
_pdbx_audit_revision_history.data_content_type 
_pdbx_audit_revision_history.major_revision 
_pdbx_audit_revision_history.minor_revision 
_pdbx_audit_revision_history.revision_date 
1 'Structure model' 1 0 1998-11-25 
2 'Structure model' 1 1 2008-03-24 
3 'Structure model' 1 2 2011-07-13 
4 'Structure model' 1 3 2022-03-09 
5 'Structure model' 1 4 2024-05-22 
# 
_pdbx_audit_revision_details.ordinal             1 
_pdbx_audit_revision_details.revision_ordinal    1 
_pdbx_audit_revision_details.data_content_type   'Structure model' 
_pdbx_audit_revision_details.provider            repository 
_pdbx_audit_revision_details.type                'Initial release' 
_pdbx_audit_revision_details.description         ? 
_pdbx_audit_revision_details.details             ? 
# 
loop_
_pdbx_audit_revision_group.ordinal 
_pdbx_audit_revision_group.revision_ordinal 
_pdbx_audit_revision_group.data_content_type 
_pdbx_audit_revision_group.group 
1 2 'Structure model' 'Version format compliance' 
2 3 'Structure model' 'Version format compliance' 
3 4 'Structure model' 'Database references'       
4 4 'Structure model' 'Derived calculations'      
5 4 'Structure model' Other                       
6 5 'Structure model' 'Data collection'           
# 
loop_
_pdbx_audit_revision_category.ordinal 
_pdbx_audit_revision_category.revision_ordinal 
_pdbx_audit_revision_category.data_content_type 
_pdbx_audit_revision_category.category 
1 4 'Structure model' database_2            
2 4 'Structure model' pdbx_database_status  
3 4 'Structure model' pdbx_struct_assembly  
4 4 'Structure model' pdbx_struct_oper_list 
5 5 'Structure model' chem_comp_atom        
6 5 'Structure model' chem_comp_bond        
# 
loop_
_pdbx_audit_revision_item.ordinal 
_pdbx_audit_revision_item.revision_ordinal 
_pdbx_audit_revision_item.data_content_type 
_pdbx_audit_revision_item.item 
1 4 'Structure model' '_database_2.pdbx_DOI'                
2 4 'Structure model' '_database_2.pdbx_database_accession' 
3 4 'Structure model' '_pdbx_database_status.process_site'  
# 
_pdbx_database_status.status_code                     REL 
_pdbx_database_status.entry_id                        2BB8 
_pdbx_database_status.recvd_initial_deposition_date   1998-05-12 
_pdbx_database_status.deposit_site                    ? 
_pdbx_database_status.process_site                    BNL 
_pdbx_database_status.SG_entry                        . 
_pdbx_database_status.pdb_format_compatible           Y 
_pdbx_database_status.status_code_mr                  ? 
_pdbx_database_status.status_code_sf                  ? 
_pdbx_database_status.status_code_cs                  ? 
_pdbx_database_status.status_code_nmr_data            ? 
_pdbx_database_status.methods_development_category    ? 
# 
_pdbx_database_related.db_name        PDB 
_pdbx_database_related.db_id          1BB8 
_pdbx_database_related.details        . 
_pdbx_database_related.content_type   ensemble 
# 
loop_
_audit_author.name 
_audit_author.pdbx_ordinal 
'Clubb, R.T.'    1 
'Connolly, K.M.' 2 
'Wojciak, J.M.'  3 
# 
_citation.id                        primary 
_citation.title                     'Site-specific DNA binding using a variation of the double stranded RNA binding motif.' 
_citation.journal_abbrev            Nat.Struct.Biol. 
_citation.journal_volume            5 
_citation.page_first                546 
_citation.page_last                 550 
_citation.year                      1998 
_citation.journal_id_ASTM           NSBIEW 
_citation.country                   US 
_citation.journal_id_ISSN           1072-8368 
_citation.journal_id_CSD            2024 
_citation.book_publisher            ? 
_citation.pdbx_database_id_PubMed   9665166 
_citation.pdbx_database_id_DOI      10.1038/799 
# 
loop_
_citation_author.citation_id 
_citation_author.name 
_citation_author.ordinal 
_citation_author.identifier_ORCID 
primary 'Connolly, K.M.' 1 ? 
primary 'Wojciak, J.M.'  2 ? 
primary 'Clubb, R.T.'    3 ? 
# 
_entity.id                         1 
_entity.type                       polymer 
_entity.src_method                 man 
_entity.pdbx_description           INTEGRASE 
_entity.formula_weight             8462.620 
_entity.pdbx_number_of_molecules   1 
_entity.pdbx_ec                    ? 
_entity.pdbx_mutation              ? 
_entity.pdbx_fragment              'N-TERMINAL DNA BINDING DOMAIN' 
_entity.details                    ? 
# 
_entity_poly.entity_id                      1 
_entity_poly.type                           'polypeptide(L)' 
_entity_poly.nstd_linkage                   no 
_entity_poly.nstd_monomer                   no 
_entity_poly.pdbx_seq_one_letter_code       EKRRDNRGRILKTGESQRKDGRYLYKYIDSFGEPQFVYSWKLVATDRVPAGKRDCISLREKIAELQKDIHD 
_entity_poly.pdbx_seq_one_letter_code_can   EKRRDNRGRILKTGESQRKDGRYLYKYIDSFGEPQFVYSWKLVATDRVPAGKRDCISLREKIAELQKDIHD 
_entity_poly.pdbx_strand_id                 A 
_entity_poly.pdbx_target_identifier         ? 
# 
loop_
_entity_poly_seq.entity_id 
_entity_poly_seq.num 
_entity_poly_seq.mon_id 
_entity_poly_seq.hetero 
1 1  GLU n 
1 2  LYS n 
1 3  ARG n 
1 4  ARG n 
1 5  ASP n 
1 6  ASN n 
1 7  ARG n 
1 8  GLY n 
1 9  ARG n 
1 10 ILE n 
1 11 LEU n 
1 12 LYS n 
1 13 THR n 
1 14 GLY n 
1 15 GLU n 
1 16 SER n 
1 17 GLN n 
1 18 ARG n 
1 19 LYS n 
1 20 ASP n 
1 21 GLY n 
1 22 ARG n 
1 23 TYR n 
1 24 LEU n 
1 25 TYR n 
1 26 LYS n 
1 27 TYR n 
1 28 ILE n 
1 29 ASP n 
1 30 SER n 
1 31 PHE n 
1 32 GLY n 
1 33 GLU n 
1 34 PRO n 
1 35 GLN n 
1 36 PHE n 
1 37 VAL n 
1 38 TYR n 
1 39 SER n 
1 40 TRP n 
1 41 LYS n 
1 42 LEU n 
1 43 VAL n 
1 44 ALA n 
1 45 THR n 
1 46 ASP n 
1 47 ARG n 
1 48 VAL n 
1 49 PRO n 
1 50 ALA n 
1 51 GLY n 
1 52 LYS n 
1 53 ARG n 
1 54 ASP n 
1 55 CYS n 
1 56 ILE n 
1 57 SER n 
1 58 LEU n 
1 59 ARG n 
1 60 GLU n 
1 61 LYS n 
1 62 ILE n 
1 63 ALA n 
1 64 GLU n 
1 65 LEU n 
1 66 GLN n 
1 67 LYS n 
1 68 ASP n 
1 69 ILE n 
1 70 HIS n 
1 71 ASP n 
# 
_entity_src_gen.entity_id                          1 
_entity_src_gen.pdbx_src_id                        1 
_entity_src_gen.pdbx_alt_source_flag               sample 
_entity_src_gen.pdbx_seq_type                      ? 
_entity_src_gen.pdbx_beg_seq_num                   ? 
_entity_src_gen.pdbx_end_seq_num                   ? 
_entity_src_gen.gene_src_common_name               ? 
_entity_src_gen.gene_src_genus                     Enterococcus 
_entity_src_gen.pdbx_gene_src_gene                 ? 
_entity_src_gen.gene_src_species                   ? 
_entity_src_gen.gene_src_strain                    ? 
_entity_src_gen.gene_src_tissue                    ? 
_entity_src_gen.gene_src_tissue_fraction           ? 
_entity_src_gen.gene_src_details                   ? 
_entity_src_gen.pdbx_gene_src_fragment             ? 
_entity_src_gen.pdbx_gene_src_scientific_name      'Enterococcus faecalis' 
_entity_src_gen.pdbx_gene_src_ncbi_taxonomy_id     1351 
_entity_src_gen.pdbx_gene_src_variant              ? 
_entity_src_gen.pdbx_gene_src_cell_line            BL21 
_entity_src_gen.pdbx_gene_src_atcc                 ? 
_entity_src_gen.pdbx_gene_src_organ                ? 
_entity_src_gen.pdbx_gene_src_organelle            ? 
_entity_src_gen.pdbx_gene_src_cell                 ? 
_entity_src_gen.pdbx_gene_src_cellular_location    ? 
_entity_src_gen.host_org_common_name               ? 
_entity_src_gen.pdbx_host_org_scientific_name      'Escherichia coli BL21(DE3)' 
_entity_src_gen.pdbx_host_org_ncbi_taxonomy_id     469008 
_entity_src_gen.host_org_genus                     Escherichia 
_entity_src_gen.pdbx_host_org_gene                 ? 
_entity_src_gen.pdbx_host_org_organ                ? 
_entity_src_gen.host_org_species                   'Escherichia coli' 
_entity_src_gen.pdbx_host_org_tissue               ? 
_entity_src_gen.pdbx_host_org_tissue_fraction      ? 
_entity_src_gen.pdbx_host_org_strain               'BL21 (DE3)' 
_entity_src_gen.pdbx_host_org_variant              ? 
_entity_src_gen.pdbx_host_org_cell_line            ? 
_entity_src_gen.pdbx_host_org_atcc                 ? 
_entity_src_gen.pdbx_host_org_culture_collection   ? 
_entity_src_gen.pdbx_host_org_cell                 ? 
_entity_src_gen.pdbx_host_org_organelle            ? 
_entity_src_gen.pdbx_host_org_cellular_location    CYTOPLASM 
_entity_src_gen.pdbx_host_org_vector_type          PLASMID 
_entity_src_gen.pdbx_host_org_vector               ? 
_entity_src_gen.host_org_details                   ? 
_entity_src_gen.expression_system_id               ? 
_entity_src_gen.plasmid_name                       PET11A 
_entity_src_gen.plasmid_details                    ? 
_entity_src_gen.pdbx_description                   ? 
# 
loop_
_chem_comp.id 
_chem_comp.type 
_chem_comp.mon_nstd_flag 
_chem_comp.name 
_chem_comp.pdbx_synonyms 
_chem_comp.formula 
_chem_comp.formula_weight 
ALA 'L-peptide linking' y ALANINE         ? 'C3 H7 N O2'     89.093  
ARG 'L-peptide linking' y ARGININE        ? 'C6 H15 N4 O2 1' 175.209 
ASN 'L-peptide linking' y ASPARAGINE      ? 'C4 H8 N2 O3'    132.118 
ASP 'L-peptide linking' y 'ASPARTIC ACID' ? 'C4 H7 N O4'     133.103 
CYS 'L-peptide linking' y CYSTEINE        ? 'C3 H7 N O2 S'   121.158 
GLN 'L-peptide linking' y GLUTAMINE       ? 'C5 H10 N2 O3'   146.144 
GLU 'L-peptide linking' y 'GLUTAMIC ACID' ? 'C5 H9 N O4'     147.129 
GLY 'peptide linking'   y GLYCINE         ? 'C2 H5 N O2'     75.067  
HIS 'L-peptide linking' y HISTIDINE       ? 'C6 H10 N3 O2 1' 156.162 
ILE 'L-peptide linking' y ISOLEUCINE      ? 'C6 H13 N O2'    131.173 
LEU 'L-peptide linking' y LEUCINE         ? 'C6 H13 N O2'    131.173 
LYS 'L-peptide linking' y LYSINE          ? 'C6 H15 N2 O2 1' 147.195 
PHE 'L-peptide linking' y PHENYLALANINE   ? 'C9 H11 N O2'    165.189 
PRO 'L-peptide linking' y PROLINE         ? 'C5 H9 N O2'     115.130 
SER 'L-peptide linking' y SERINE          ? 'C3 H7 N O3'     105.093 
THR 'L-peptide linking' y THREONINE       ? 'C4 H9 N O3'     119.119 
TRP 'L-peptide linking' y TRYPTOPHAN      ? 'C11 H12 N2 O2'  204.225 
TYR 'L-peptide linking' y TYROSINE        ? 'C9 H11 N O3'    181.189 
VAL 'L-peptide linking' y VALINE          ? 'C5 H11 N O2'    117.146 
# 
loop_
_pdbx_poly_seq_scheme.asym_id 
_pdbx_poly_seq_scheme.entity_id 
_pdbx_poly_seq_scheme.seq_id 
_pdbx_poly_seq_scheme.mon_id 
_pdbx_poly_seq_scheme.ndb_seq_num 
_pdbx_poly_seq_scheme.pdb_seq_num 
_pdbx_poly_seq_scheme.auth_seq_num 
_pdbx_poly_seq_scheme.pdb_mon_id 
_pdbx_poly_seq_scheme.auth_mon_id 
_pdbx_poly_seq_scheme.pdb_strand_id 
_pdbx_poly_seq_scheme.pdb_ins_code 
_pdbx_poly_seq_scheme.hetero 
A 1 1  GLU 1  3  3  GLU GLU A . n 
A 1 2  LYS 2  4  4  LYS LYS A . n 
A 1 3  ARG 3  5  5  ARG ARG A . n 
A 1 4  ARG 4  6  6  ARG ARG A . n 
A 1 5  ASP 5  7  7  ASP ASP A . n 
A 1 6  ASN 6  8  8  ASN ASN A . n 
A 1 7  ARG 7  9  9  ARG ARG A . n 
A 1 8  GLY 8  10 10 GLY GLY A . n 
A 1 9  ARG 9  11 11 ARG ARG A . n 
A 1 10 ILE 10 12 12 ILE ILE A . n 
A 1 11 LEU 11 13 13 LEU LEU A . n 
A 1 12 LYS 12 14 14 LYS LYS A . n 
A 1 13 THR 13 15 15 THR THR A . n 
A 1 14 GLY 14 16 16 GLY GLY A . n 
A 1 15 GLU 15 17 17 GLU GLU A . n 
A 1 16 SER 16 18 18 SER SER A . n 
A 1 17 GLN 17 19 19 GLN GLN A . n 
A 1 18 ARG 18 20 20 ARG ARG A . n 
A 1 19 LYS 19 21 21 LYS LYS A . n 
A 1 20 ASP 20 22 22 ASP ASP A . n 
A 1 21 GLY 21 23 23 GLY GLY A . n 
A 1 22 ARG 22 24 24 ARG ARG A . n 
A 1 23 TYR 23 25 25 TYR TYR A . n 
A 1 24 LEU 24 26 26 LEU LEU A . n 
A 1 25 TYR 25 27 27 TYR TYR A . n 
A 1 26 LYS 26 28 28 LYS LYS A . n 
A 1 27 TYR 27 29 29 TYR TYR A . n 
A 1 28 ILE 28 30 30 ILE ILE A . n 
A 1 29 ASP 29 31 31 ASP ASP A . n 
A 1 30 SER 30 32 32 SER SER A . n 
A 1 31 PHE 31 33 33 PHE PHE A . n 
A 1 32 GLY 32 34 34 GLY GLY A . n 
A 1 33 GLU 33 35 35 GLU GLU A . n 
A 1 34 PRO 34 36 36 PRO PRO A . n 
A 1 35 GLN 35 37 37 GLN GLN A . n 
A 1 36 PHE 36 38 38 PHE PHE A . n 
A 1 37 VAL 37 39 39 VAL VAL A . n 
A 1 38 TYR 38 40 40 TYR TYR A . n 
A 1 39 SER 39 41 41 SER SER A . n 
A 1 40 TRP 40 42 42 TRP TRP A . n 
A 1 41 LYS 41 43 43 LYS LYS A . n 
A 1 42 LEU 42 44 44 LEU LEU A . n 
A 1 43 VAL 43 45 45 VAL VAL A . n 
A 1 44 ALA 44 46 46 ALA ALA A . n 
A 1 45 THR 45 47 47 THR THR A . n 
A 1 46 ASP 46 48 48 ASP ASP A . n 
A 1 47 ARG 47 49 49 ARG ARG A . n 
A 1 48 VAL 48 50 50 VAL VAL A . n 
A 1 49 PRO 49 51 51 PRO PRO A . n 
A 1 50 ALA 50 52 52 ALA ALA A . n 
A 1 51 GLY 51 53 53 GLY GLY A . n 
A 1 52 LYS 52 54 54 LYS LYS A . n 
A 1 53 ARG 53 55 55 ARG ARG A . n 
A 1 54 ASP 54 56 56 ASP ASP A . n 
A 1 55 CYS 55 57 57 CYS CYS A . n 
A 1 56 ILE 56 58 58 ILE ILE A . n 
A 1 57 SER 57 59 59 SER SER A . n 
A 1 58 LEU 58 60 60 LEU LEU A . n 
A 1 59 ARG 59 61 61 ARG ARG A . n 
A 1 60 GLU 60 62 62 GLU GLU A . n 
A 1 61 LYS 61 63 63 LYS LYS A . n 
A 1 62 ILE 62 64 64 ILE ILE A . n 
A 1 63 ALA 63 65 65 ALA ALA A . n 
A 1 64 GLU 64 66 66 GLU GLU A . n 
A 1 65 LEU 65 67 67 LEU LEU A . n 
A 1 66 GLN 66 68 68 GLN GLN A . n 
A 1 67 LYS 67 69 69 LYS LYS A . n 
A 1 68 ASP 68 70 70 ASP ASP A . n 
A 1 69 ILE 69 71 71 ILE ILE A . n 
A 1 70 HIS 70 72 72 HIS HIS A . n 
A 1 71 ASP 71 73 73 ASP ASP A . n 
# 
loop_
_software.name 
_software.classification 
_software.version 
_software.citation_id 
_software.pdbx_ordinal 
X-PLOR 'model building' 3.843 ? 1 
X-PLOR refinement       3.843 ? 2 
X-PLOR phasing          3.843 ? 3 
# 
_cell.entry_id           2BB8 
_cell.length_a           1.000 
_cell.length_b           1.000 
_cell.length_c           1.000 
_cell.angle_alpha        90.00 
_cell.angle_beta         90.00 
_cell.angle_gamma        90.00 
_cell.Z_PDB              1 
_cell.pdbx_unique_axis   ? 
# 
_symmetry.entry_id                         2BB8 
_symmetry.space_group_name_H-M             'P 1' 
_symmetry.pdbx_full_space_group_name_H-M   ? 
_symmetry.cell_setting                     ? 
_symmetry.Int_Tables_number                1 
# 
_exptl.entry_id          2BB8 
_exptl.method            'SOLUTION NMR' 
_exptl.crystals_number   ? 
# 
_struct.entry_id                  2BB8 
_struct.title                     'N-TERMINAL DNA BINDING DOMAIN FROM TN916 INTEGRASE, NMR, MINIMIZED AVERAGE STRUCTURE' 
_struct.pdbx_model_details        ? 
_struct.pdbx_CASP_flag            ? 
_struct.pdbx_model_type_details   ? 
# 
_struct_keywords.entry_id        2BB8 
_struct_keywords.pdbx_keywords   'DNA RECOMBINATION' 
_struct_keywords.text            'DNA RECOMBINATION, INTEGRASE, DNA BINDING, TRANSPOSITION, TRANSPOSASE' 
# 
_struct_asym.id                            A 
_struct_asym.pdbx_blank_PDB_chainid_flag   Y 
_struct_asym.pdbx_modified                 N 
_struct_asym.entity_id                     1 
_struct_asym.details                       ? 
# 
_struct_ref.id                         1 
_struct_ref.db_name                    UNP 
_struct_ref.db_code                    TNR6_ENTFA 
_struct_ref.entity_id                  1 
_struct_ref.pdbx_db_accession          P22886 
_struct_ref.pdbx_align_begin           1 
_struct_ref.pdbx_seq_one_letter_code   
;MSEKRRDNRGRILKTGESQRKDGRYLYKYIDSFGEPQFVYSWKLVATDRVPAGKRDCISLREKIAELQKDIHDGIDVVGK
KMTLCQLYAKQNAQRPKVRKNTETGRKYLMDILKKDKLGVRSIDSIKPSDAKEWAIRMSENGYAYQTINNYKRSLKASFY
IAIQDDCVRKNPFDFQLKAVLDDDTVPKTVLTEEQEEKLLAFAKADKTYSKNYDEILILLKTGLRISEFGGLTLPDLDFE
NRLVNIDHQLLRDTEIGYYIETPKTKSGERQVPMVEEAYQAFKRVLANRKNDKRVEIDGYSDFLFLNRKNYPKVASDYNG
MMKGLVKKYNKYNEDKLPHITPHSLRHTFCTNYANAGMNPKALQYIMGHANIAMTLNYYAHATFDSAMAEMKRLNKEKQQ
ERLVA
;
_struct_ref.pdbx_db_isoform            ? 
# 
_struct_ref_seq.align_id                      1 
_struct_ref_seq.ref_id                        1 
_struct_ref_seq.pdbx_PDB_id_code              2BB8 
_struct_ref_seq.pdbx_strand_id                A 
_struct_ref_seq.seq_align_beg                 1 
_struct_ref_seq.pdbx_seq_align_beg_ins_code   ? 
_struct_ref_seq.seq_align_end                 71 
_struct_ref_seq.pdbx_seq_align_end_ins_code   ? 
_struct_ref_seq.pdbx_db_accession             P22886 
_struct_ref_seq.db_align_beg                  3 
_struct_ref_seq.pdbx_db_align_beg_ins_code    ? 
_struct_ref_seq.db_align_end                  73 
_struct_ref_seq.pdbx_db_align_end_ins_code    ? 
_struct_ref_seq.pdbx_auth_seq_align_beg       3 
_struct_ref_seq.pdbx_auth_seq_align_end       73 
# 
_pdbx_struct_assembly.id                   1 
_pdbx_struct_assembly.details              author_defined_assembly 
_pdbx_struct_assembly.method_details       ? 
_pdbx_struct_assembly.oligomeric_details   monomeric 
_pdbx_struct_assembly.oligomeric_count     1 
# 
_pdbx_struct_assembly_gen.assembly_id       1 
_pdbx_struct_assembly_gen.oper_expression   1 
_pdbx_struct_assembly_gen.asym_id_list      A 
# 
_pdbx_struct_oper_list.id                   1 
_pdbx_struct_oper_list.type                 'identity operation' 
_pdbx_struct_oper_list.name                 1_555 
_pdbx_struct_oper_list.symmetry_operation   x,y,z 
_pdbx_struct_oper_list.matrix[1][1]         1.0000000000 
_pdbx_struct_oper_list.matrix[1][2]         0.0000000000 
_pdbx_struct_oper_list.matrix[1][3]         0.0000000000 
_pdbx_struct_oper_list.vector[1]            0.0000000000 
_pdbx_struct_oper_list.matrix[2][1]         0.0000000000 
_pdbx_struct_oper_list.matrix[2][2]         1.0000000000 
_pdbx_struct_oper_list.matrix[2][3]         0.0000000000 
_pdbx_struct_oper_list.vector[2]            0.0000000000 
_pdbx_struct_oper_list.matrix[3][1]         0.0000000000 
_pdbx_struct_oper_list.matrix[3][2]         0.0000000000 
_pdbx_struct_oper_list.matrix[3][3]         1.0000000000 
_pdbx_struct_oper_list.vector[3]            0.0000000000 
# 
_struct_biol.id   1 
# 
_struct_conf.conf_type_id            HELX_P 
_struct_conf.id                      HELX_P1 
_struct_conf.pdbx_PDB_helix_id       1 
_struct_conf.beg_label_comp_id       LEU 
_struct_conf.beg_label_asym_id       A 
_struct_conf.beg_label_seq_id        58 
_struct_conf.pdbx_beg_PDB_ins_code   ? 
_struct_conf.end_label_comp_id       ASP 
_struct_conf.end_label_asym_id       A 
_struct_conf.end_label_seq_id        68 
_struct_conf.pdbx_end_PDB_ins_code   ? 
_struct_conf.beg_auth_comp_id        LEU 
_struct_conf.beg_auth_asym_id        A 
_struct_conf.beg_auth_seq_id         60 
_struct_conf.end_auth_comp_id        ASP 
_struct_conf.end_auth_asym_id        A 
_struct_conf.end_auth_seq_id         70 
_struct_conf.pdbx_PDB_helix_class    1 
_struct_conf.details                 ? 
_struct_conf.pdbx_PDB_helix_length   11 
# 
_struct_conf_type.id          HELX_P 
_struct_conf_type.criteria    ? 
_struct_conf_type.reference   ? 
# 
_struct_sheet.id               A 
_struct_sheet.type             ? 
_struct_sheet.number_strands   3 
_struct_sheet.details          ? 
# 
loop_
_struct_sheet_order.sheet_id 
_struct_sheet_order.range_id_1 
_struct_sheet_order.range_id_2 
_struct_sheet_order.offset 
_struct_sheet_order.sense 
A 1 2 ? anti-parallel 
A 2 3 ? anti-parallel 
# 
loop_
_struct_sheet_range.sheet_id 
_struct_sheet_range.id 
_struct_sheet_range.beg_label_comp_id 
_struct_sheet_range.beg_label_asym_id 
_struct_sheet_range.beg_label_seq_id 
_struct_sheet_range.pdbx_beg_PDB_ins_code 
_struct_sheet_range.end_label_comp_id 
_struct_sheet_range.end_label_asym_id 
_struct_sheet_range.end_label_seq_id 
_struct_sheet_range.pdbx_end_PDB_ins_code 
_struct_sheet_range.beg_auth_comp_id 
_struct_sheet_range.beg_auth_asym_id 
_struct_sheet_range.beg_auth_seq_id 
_struct_sheet_range.end_auth_comp_id 
_struct_sheet_range.end_auth_asym_id 
_struct_sheet_range.end_auth_seq_id 
A 1 SER A 16 ? GLN A 17 ? SER A 18 GLN A 19 
A 2 TYR A 23 ? ILE A 28 ? TYR A 25 ILE A 30 
A 3 PRO A 34 ? SER A 39 ? PRO A 36 SER A 41 
# 
loop_
_pdbx_validate_torsion.id 
_pdbx_validate_torsion.PDB_model_num 
_pdbx_validate_torsion.auth_comp_id 
_pdbx_validate_torsion.auth_asym_id 
_pdbx_validate_torsion.auth_seq_id 
_pdbx_validate_torsion.PDB_ins_code 
_pdbx_validate_torsion.label_alt_id 
_pdbx_validate_torsion.phi 
_pdbx_validate_torsion.psi 
1 1 ASN A 8  ? ? -65.64  1.91    
2 1 SER A 41 ? ? -171.45 144.48  
3 1 ASP A 48 ? ? -67.52  -172.99 
4 1 ALA A 52 ? ? -44.84  152.63  
# 
_pdbx_nmr_ensemble.entry_id                             2BB8 
_pdbx_nmr_ensemble.conformers_calculated_total_number   25 
_pdbx_nmr_ensemble.conformers_submitted_total_number    1 
_pdbx_nmr_ensemble.conformer_selection_criteria         'LEAST RESTRAINT VIOLATIONS' 
# 
_pdbx_nmr_sample_details.solution_id   1 
_pdbx_nmr_sample_details.contents      H2O 
# 
_pdbx_nmr_exptl_sample_conditions.conditions_id       1 
_pdbx_nmr_exptl_sample_conditions.temperature         300 
_pdbx_nmr_exptl_sample_conditions.pressure            ? 
_pdbx_nmr_exptl_sample_conditions.pH                  6.0 
_pdbx_nmr_exptl_sample_conditions.ionic_strength      ? 
_pdbx_nmr_exptl_sample_conditions.pressure_units      . 
_pdbx_nmr_exptl_sample_conditions.temperature_units   K 
# 
_pdbx_nmr_exptl.experiment_id   1 
_pdbx_nmr_exptl.conditions_id   1 
_pdbx_nmr_exptl.type            'NOESY ETC.' 
_pdbx_nmr_exptl.solution_id     1 
# 
_pdbx_nmr_details.entry_id   2BB8 
_pdbx_nmr_details.text       'THREE AND FOUR-DIMENSIONAL HETERONUCLEAR NMR EXPERIMENTS' 
# 
_pdbx_nmr_refine.entry_id           2BB8 
_pdbx_nmr_refine.method             'DISTANCE GEOMETRY AND SIMULATED ANNEALING' 
_pdbx_nmr_refine.details            'REFINEMENT DETAILS CAN BE FOUND IN THE JRNL CITATION ABOVE.' 
_pdbx_nmr_refine.software_ordinal   1 
# 
loop_
_pdbx_nmr_software.classification 
_pdbx_nmr_software.name 
_pdbx_nmr_software.version 
_pdbx_nmr_software.authors 
_pdbx_nmr_software.ordinal 
refinement           X-PLOR 3.843 BRUNGER 1 
'structure solution' X-PLOR ?     ?       2 
# 
loop_
_chem_comp_atom.comp_id 
_chem_comp_atom.atom_id 
_chem_comp_atom.type_symbol 
_chem_comp_atom.pdbx_aromatic_flag 
_chem_comp_atom.pdbx_stereo_config 
_chem_comp_atom.pdbx_ordinal 
ALA N    N N N 1   
ALA CA   C N S 2   
ALA C    C N N 3   
ALA O    O N N 4   
ALA CB   C N N 5   
ALA OXT  O N N 6   
ALA H    H N N 7   
ALA H2   H N N 8   
ALA HA   H N N 9   
ALA HB1  H N N 10  
ALA HB2  H N N 11  
ALA HB3  H N N 12  
ALA HXT  H N N 13  
ARG N    N N N 14  
ARG CA   C N S 15  
ARG C    C N N 16  
ARG O    O N N 17  
ARG CB   C N N 18  
ARG CG   C N N 19  
ARG CD   C N N 20  
ARG NE   N N N 21  
ARG CZ   C N N 22  
ARG NH1  N N N 23  
ARG NH2  N N N 24  
ARG OXT  O N N 25  
ARG H    H N N 26  
ARG H2   H N N 27  
ARG HA   H N N 28  
ARG HB2  H N N 29  
ARG HB3  H N N 30  
ARG HG2  H N N 31  
ARG HG3  H N N 32  
ARG HD2  H N N 33  
ARG HD3  H N N 34  
ARG HE   H N N 35  
ARG HH11 H N N 36  
ARG HH12 H N N 37  
ARG HH21 H N N 38  
ARG HH22 H N N 39  
ARG HXT  H N N 40  
ASN N    N N N 41  
ASN CA   C N S 42  
ASN C    C N N 43  
ASN O    O N N 44  
ASN CB   C N N 45  
ASN CG   C N N 46  
ASN OD1  O N N 47  
ASN ND2  N N N 48  
ASN OXT  O N N 49  
ASN H    H N N 50  
ASN H2   H N N 51  
ASN HA   H N N 52  
ASN HB2  H N N 53  
ASN HB3  H N N 54  
ASN HD21 H N N 55  
ASN HD22 H N N 56  
ASN HXT  H N N 57  
ASP N    N N N 58  
ASP CA   C N S 59  
ASP C    C N N 60  
ASP O    O N N 61  
ASP CB   C N N 62  
ASP CG   C N N 63  
ASP OD1  O N N 64  
ASP OD2  O N N 65  
ASP OXT  O N N 66  
ASP H    H N N 67  
ASP H2   H N N 68  
ASP HA   H N N 69  
ASP HB2  H N N 70  
ASP HB3  H N N 71  
ASP HD2  H N N 72  
ASP HXT  H N N 73  
CYS N    N N N 74  
CYS CA   C N R 75  
CYS C    C N N 76  
CYS O    O N N 77  
CYS CB   C N N 78  
CYS SG   S N N 79  
CYS OXT  O N N 80  
CYS H    H N N 81  
CYS H2   H N N 82  
CYS HA   H N N 83  
CYS HB2  H N N 84  
CYS HB3  H N N 85  
CYS HG   H N N 86  
CYS HXT  H N N 87  
GLN N    N N N 88  
GLN CA   C N S 89  
GLN C    C N N 90  
GLN O    O N N 91  
GLN CB   C N N 92  
GLN CG   C N N 93  
GLN CD   C N N 94  
GLN OE1  O N N 95  
GLN NE2  N N N 96  
GLN OXT  O N N 97  
GLN H    H N N 98  
GLN H2   H N N 99  
GLN HA   H N N 100 
GLN HB2  H N N 101 
GLN HB3  H N N 102 
GLN HG2  H N N 103 
GLN HG3  H N N 104 
GLN HE21 H N N 105 
GLN HE22 H N N 106 
GLN HXT  H N N 107 
GLU N    N N N 108 
GLU CA   C N S 109 
GLU C    C N N 110 
GLU O    O N N 111 
GLU CB   C N N 112 
GLU CG   C N N 113 
GLU CD   C N N 114 
GLU OE1  O N N 115 
GLU OE2  O N N 116 
GLU OXT  O N N 117 
GLU H    H N N 118 
GLU H2   H N N 119 
GLU HA   H N N 120 
GLU HB2  H N N 121 
GLU HB3  H N N 122 
GLU HG2  H N N 123 
GLU HG3  H N N 124 
GLU HE2  H N N 125 
GLU HXT  H N N 126 
GLY N    N N N 127 
GLY CA   C N N 128 
GLY C    C N N 129 
GLY O    O N N 130 
GLY OXT  O N N 131 
GLY H    H N N 132 
GLY H2   H N N 133 
GLY HA2  H N N 134 
GLY HA3  H N N 135 
GLY HXT  H N N 136 
HIS N    N N N 137 
HIS CA   C N S 138 
HIS C    C N N 139 
HIS O    O N N 140 
HIS CB   C N N 141 
HIS CG   C Y N 142 
HIS ND1  N Y N 143 
HIS CD2  C Y N 144 
HIS CE1  C Y N 145 
HIS NE2  N Y N 146 
HIS OXT  O N N 147 
HIS H    H N N 148 
HIS H2   H N N 149 
HIS HA   H N N 150 
HIS HB2  H N N 151 
HIS HB3  H N N 152 
HIS HD1  H N N 153 
HIS HD2  H N N 154 
HIS HE1  H N N 155 
HIS HE2  H N N 156 
HIS HXT  H N N 157 
ILE N    N N N 158 
ILE CA   C N S 159 
ILE C    C N N 160 
ILE O    O N N 161 
ILE CB   C N S 162 
ILE CG1  C N N 163 
ILE CG2  C N N 164 
ILE CD1  C N N 165 
ILE OXT  O N N 166 
ILE H    H N N 167 
ILE H2   H N N 168 
ILE HA   H N N 169 
ILE HB   H N N 170 
ILE HG12 H N N 171 
ILE HG13 H N N 172 
ILE HG21 H N N 173 
ILE HG22 H N N 174 
ILE HG23 H N N 175 
ILE HD11 H N N 176 
ILE HD12 H N N 177 
ILE HD13 H N N 178 
ILE HXT  H N N 179 
LEU N    N N N 180 
LEU CA   C N S 181 
LEU C    C N N 182 
LEU O    O N N 183 
LEU CB   C N N 184 
LEU CG   C N N 185 
LEU CD1  C N N 186 
LEU CD2  C N N 187 
LEU OXT  O N N 188 
LEU H    H N N 189 
LEU H2   H N N 190 
LEU HA   H N N 191 
LEU HB2  H N N 192 
LEU HB3  H N N 193 
LEU HG   H N N 194 
LEU HD11 H N N 195 
LEU HD12 H N N 196 
LEU HD13 H N N 197 
LEU HD21 H N N 198 
LEU HD22 H N N 199 
LEU HD23 H N N 200 
LEU HXT  H N N 201 
LYS N    N N N 202 
LYS CA   C N S 203 
LYS C    C N N 204 
LYS O    O N N 205 
LYS CB   C N N 206 
LYS CG   C N N 207 
LYS CD   C N N 208 
LYS CE   C N N 209 
LYS NZ   N N N 210 
LYS OXT  O N N 211 
LYS H    H N N 212 
LYS H2   H N N 213 
LYS HA   H N N 214 
LYS HB2  H N N 215 
LYS HB3  H N N 216 
LYS HG2  H N N 217 
LYS HG3  H N N 218 
LYS HD2  H N N 219 
LYS HD3  H N N 220 
LYS HE2  H N N 221 
LYS HE3  H N N 222 
LYS HZ1  H N N 223 
LYS HZ2  H N N 224 
LYS HZ3  H N N 225 
LYS HXT  H N N 226 
PHE N    N N N 227 
PHE CA   C N S 228 
PHE C    C N N 229 
PHE O    O N N 230 
PHE CB   C N N 231 
PHE CG   C Y N 232 
PHE CD1  C Y N 233 
PHE CD2  C Y N 234 
PHE CE1  C Y N 235 
PHE CE2  C Y N 236 
PHE CZ   C Y N 237 
PHE OXT  O N N 238 
PHE H    H N N 239 
PHE H2   H N N 240 
PHE HA   H N N 241 
PHE HB2  H N N 242 
PHE HB3  H N N 243 
PHE HD1  H N N 244 
PHE HD2  H N N 245 
PHE HE1  H N N 246 
PHE HE2  H N N 247 
PHE HZ   H N N 248 
PHE HXT  H N N 249 
PRO N    N N N 250 
PRO CA   C N S 251 
PRO C    C N N 252 
PRO O    O N N 253 
PRO CB   C N N 254 
PRO CG   C N N 255 
PRO CD   C N N 256 
PRO OXT  O N N 257 
PRO H    H N N 258 
PRO HA   H N N 259 
PRO HB2  H N N 260 
PRO HB3  H N N 261 
PRO HG2  H N N 262 
PRO HG3  H N N 263 
PRO HD2  H N N 264 
PRO HD3  H N N 265 
PRO HXT  H N N 266 
SER N    N N N 267 
SER CA   C N S 268 
SER C    C N N 269 
SER O    O N N 270 
SER CB   C N N 271 
SER OG   O N N 272 
SER OXT  O N N 273 
SER H    H N N 274 
SER H2   H N N 275 
SER HA   H N N 276 
SER HB2  H N N 277 
SER HB3  H N N 278 
SER HG   H N N 279 
SER HXT  H N N 280 
THR N    N N N 281 
THR CA   C N S 282 
THR C    C N N 283 
THR O    O N N 284 
THR CB   C N R 285 
THR OG1  O N N 286 
THR CG2  C N N 287 
THR OXT  O N N 288 
THR H    H N N 289 
THR H2   H N N 290 
THR HA   H N N 291 
THR HB   H N N 292 
THR HG1  H N N 293 
THR HG21 H N N 294 
THR HG22 H N N 295 
THR HG23 H N N 296 
THR HXT  H N N 297 
TRP N    N N N 298 
TRP CA   C N S 299 
TRP C    C N N 300 
TRP O    O N N 301 
TRP CB   C N N 302 
TRP CG   C Y N 303 
TRP CD1  C Y N 304 
TRP CD2  C Y N 305 
TRP NE1  N Y N 306 
TRP CE2  C Y N 307 
TRP CE3  C Y N 308 
TRP CZ2  C Y N 309 
TRP CZ3  C Y N 310 
TRP CH2  C Y N 311 
TRP OXT  O N N 312 
TRP H    H N N 313 
TRP H2   H N N 314 
TRP HA   H N N 315 
TRP HB2  H N N 316 
TRP HB3  H N N 317 
TRP HD1  H N N 318 
TRP HE1  H N N 319 
TRP HE3  H N N 320 
TRP HZ2  H N N 321 
TRP HZ3  H N N 322 
TRP HH2  H N N 323 
TRP HXT  H N N 324 
TYR N    N N N 325 
TYR CA   C N S 326 
TYR C    C N N 327 
TYR O    O N N 328 
TYR CB   C N N 329 
TYR CG   C Y N 330 
TYR CD1  C Y N 331 
TYR CD2  C Y N 332 
TYR CE1  C Y N 333 
TYR CE2  C Y N 334 
TYR CZ   C Y N 335 
TYR OH   O N N 336 
TYR OXT  O N N 337 
TYR H    H N N 338 
TYR H2   H N N 339 
TYR HA   H N N 340 
TYR HB2  H N N 341 
TYR HB3  H N N 342 
TYR HD1  H N N 343 
TYR HD2  H N N 344 
TYR HE1  H N N 345 
TYR HE2  H N N 346 
TYR HH   H N N 347 
TYR HXT  H N N 348 
VAL N    N N N 349 
VAL CA   C N S 350 
VAL C    C N N 351 
VAL O    O N N 352 
VAL CB   C N N 353 
VAL CG1  C N N 354 
VAL CG2  C N N 355 
VAL OXT  O N N 356 
VAL H    H N N 357 
VAL H2   H N N 358 
VAL HA   H N N 359 
VAL HB   H N N 360 
VAL HG11 H N N 361 
VAL HG12 H N N 362 
VAL HG13 H N N 363 
VAL HG21 H N N 364 
VAL HG22 H N N 365 
VAL HG23 H N N 366 
VAL HXT  H N N 367 
# 
loop_
_chem_comp_bond.comp_id 
_chem_comp_bond.atom_id_1 
_chem_comp_bond.atom_id_2 
_chem_comp_bond.value_order 
_chem_comp_bond.pdbx_aromatic_flag 
_chem_comp_bond.pdbx_stereo_config 
_chem_comp_bond.pdbx_ordinal 
ALA N   CA   sing N N 1   
ALA N   H    sing N N 2   
ALA N   H2   sing N N 3   
ALA CA  C    sing N N 4   
ALA CA  CB   sing N N 5   
ALA CA  HA   sing N N 6   
ALA C   O    doub N N 7   
ALA C   OXT  sing N N 8   
ALA CB  HB1  sing N N 9   
ALA CB  HB2  sing N N 10  
ALA CB  HB3  sing N N 11  
ALA OXT HXT  sing N N 12  
ARG N   CA   sing N N 13  
ARG N   H    sing N N 14  
ARG N   H2   sing N N 15  
ARG CA  C    sing N N 16  
ARG CA  CB   sing N N 17  
ARG CA  HA   sing N N 18  
ARG C   O    doub N N 19  
ARG C   OXT  sing N N 20  
ARG CB  CG   sing N N 21  
ARG CB  HB2  sing N N 22  
ARG CB  HB3  sing N N 23  
ARG CG  CD   sing N N 24  
ARG CG  HG2  sing N N 25  
ARG CG  HG3  sing N N 26  
ARG CD  NE   sing N N 27  
ARG CD  HD2  sing N N 28  
ARG CD  HD3  sing N N 29  
ARG NE  CZ   sing N N 30  
ARG NE  HE   sing N N 31  
ARG CZ  NH1  sing N N 32  
ARG CZ  NH2  doub N N 33  
ARG NH1 HH11 sing N N 34  
ARG NH1 HH12 sing N N 35  
ARG NH2 HH21 sing N N 36  
ARG NH2 HH22 sing N N 37  
ARG OXT HXT  sing N N 38  
ASN N   CA   sing N N 39  
ASN N   H    sing N N 40  
ASN N   H2   sing N N 41  
ASN CA  C    sing N N 42  
ASN CA  CB   sing N N 43  
ASN CA  HA   sing N N 44  
ASN C   O    doub N N 45  
ASN C   OXT  sing N N 46  
ASN CB  CG   sing N N 47  
ASN CB  HB2  sing N N 48  
ASN CB  HB3  sing N N 49  
ASN CG  OD1  doub N N 50  
ASN CG  ND2  sing N N 51  
ASN ND2 HD21 sing N N 52  
ASN ND2 HD22 sing N N 53  
ASN OXT HXT  sing N N 54  
ASP N   CA   sing N N 55  
ASP N   H    sing N N 56  
ASP N   H2   sing N N 57  
ASP CA  C    sing N N 58  
ASP CA  CB   sing N N 59  
ASP CA  HA   sing N N 60  
ASP C   O    doub N N 61  
ASP C   OXT  sing N N 62  
ASP CB  CG   sing N N 63  
ASP CB  HB2  sing N N 64  
ASP CB  HB3  sing N N 65  
ASP CG  OD1  doub N N 66  
ASP CG  OD2  sing N N 67  
ASP OD2 HD2  sing N N 68  
ASP OXT HXT  sing N N 69  
CYS N   CA   sing N N 70  
CYS N   H    sing N N 71  
CYS N   H2   sing N N 72  
CYS CA  C    sing N N 73  
CYS CA  CB   sing N N 74  
CYS CA  HA   sing N N 75  
CYS C   O    doub N N 76  
CYS C   OXT  sing N N 77  
CYS CB  SG   sing N N 78  
CYS CB  HB2  sing N N 79  
CYS CB  HB3  sing N N 80  
CYS SG  HG   sing N N 81  
CYS OXT HXT  sing N N 82  
GLN N   CA   sing N N 83  
GLN N   H    sing N N 84  
GLN N   H2   sing N N 85  
GLN CA  C    sing N N 86  
GLN CA  CB   sing N N 87  
GLN CA  HA   sing N N 88  
GLN C   O    doub N N 89  
GLN C   OXT  sing N N 90  
GLN CB  CG   sing N N 91  
GLN CB  HB2  sing N N 92  
GLN CB  HB3  sing N N 93  
GLN CG  CD   sing N N 94  
GLN CG  HG2  sing N N 95  
GLN CG  HG3  sing N N 96  
GLN CD  OE1  doub N N 97  
GLN CD  NE2  sing N N 98  
GLN NE2 HE21 sing N N 99  
GLN NE2 HE22 sing N N 100 
GLN OXT HXT  sing N N 101 
GLU N   CA   sing N N 102 
GLU N   H    sing N N 103 
GLU N   H2   sing N N 104 
GLU CA  C    sing N N 105 
GLU CA  CB   sing N N 106 
GLU CA  HA   sing N N 107 
GLU C   O    doub N N 108 
GLU C   OXT  sing N N 109 
GLU CB  CG   sing N N 110 
GLU CB  HB2  sing N N 111 
GLU CB  HB3  sing N N 112 
GLU CG  CD   sing N N 113 
GLU CG  HG2  sing N N 114 
GLU CG  HG3  sing N N 115 
GLU CD  OE1  doub N N 116 
GLU CD  OE2  sing N N 117 
GLU OE2 HE2  sing N N 118 
GLU OXT HXT  sing N N 119 
GLY N   CA   sing N N 120 
GLY N   H    sing N N 121 
GLY N   H2   sing N N 122 
GLY CA  C    sing N N 123 
GLY CA  HA2  sing N N 124 
GLY CA  HA3  sing N N 125 
GLY C   O    doub N N 126 
GLY C   OXT  sing N N 127 
GLY OXT HXT  sing N N 128 
HIS N   CA   sing N N 129 
HIS N   H    sing N N 130 
HIS N   H2   sing N N 131 
HIS CA  C    sing N N 132 
HIS CA  CB   sing N N 133 
HIS CA  HA   sing N N 134 
HIS C   O    doub N N 135 
HIS C   OXT  sing N N 136 
HIS CB  CG   sing N N 137 
HIS CB  HB2  sing N N 138 
HIS CB  HB3  sing N N 139 
HIS CG  ND1  sing Y N 140 
HIS CG  CD2  doub Y N 141 
HIS ND1 CE1  doub Y N 142 
HIS ND1 HD1  sing N N 143 
HIS CD2 NE2  sing Y N 144 
HIS CD2 HD2  sing N N 145 
HIS CE1 NE2  sing Y N 146 
HIS CE1 HE1  sing N N 147 
HIS NE2 HE2  sing N N 148 
HIS OXT HXT  sing N N 149 
ILE N   CA   sing N N 150 
ILE N   H    sing N N 151 
ILE N   H2   sing N N 152 
ILE CA  C    sing N N 153 
ILE CA  CB   sing N N 154 
ILE CA  HA   sing N N 155 
ILE C   O    doub N N 156 
ILE C   OXT  sing N N 157 
ILE CB  CG1  sing N N 158 
ILE CB  CG2  sing N N 159 
ILE CB  HB   sing N N 160 
ILE CG1 CD1  sing N N 161 
ILE CG1 HG12 sing N N 162 
ILE CG1 HG13 sing N N 163 
ILE CG2 HG21 sing N N 164 
ILE CG2 HG22 sing N N 165 
ILE CG2 HG23 sing N N 166 
ILE CD1 HD11 sing N N 167 
ILE CD1 HD12 sing N N 168 
ILE CD1 HD13 sing N N 169 
ILE OXT HXT  sing N N 170 
LEU N   CA   sing N N 171 
LEU N   H    sing N N 172 
LEU N   H2   sing N N 173 
LEU CA  C    sing N N 174 
LEU CA  CB   sing N N 175 
LEU CA  HA   sing N N 176 
LEU C   O    doub N N 177 
LEU C   OXT  sing N N 178 
LEU CB  CG   sing N N 179 
LEU CB  HB2  sing N N 180 
LEU CB  HB3  sing N N 181 
LEU CG  CD1  sing N N 182 
LEU CG  CD2  sing N N 183 
LEU CG  HG   sing N N 184 
LEU CD1 HD11 sing N N 185 
LEU CD1 HD12 sing N N 186 
LEU CD1 HD13 sing N N 187 
LEU CD2 HD21 sing N N 188 
LEU CD2 HD22 sing N N 189 
LEU CD2 HD23 sing N N 190 
LEU OXT HXT  sing N N 191 
LYS N   CA   sing N N 192 
LYS N   H    sing N N 193 
LYS N   H2   sing N N 194 
LYS CA  C    sing N N 195 
LYS CA  CB   sing N N 196 
LYS CA  HA   sing N N 197 
LYS C   O    doub N N 198 
LYS C   OXT  sing N N 199 
LYS CB  CG   sing N N 200 
LYS CB  HB2  sing N N 201 
LYS CB  HB3  sing N N 202 
LYS CG  CD   sing N N 203 
LYS CG  HG2  sing N N 204 
LYS CG  HG3  sing N N 205 
LYS CD  CE   sing N N 206 
LYS CD  HD2  sing N N 207 
LYS CD  HD3  sing N N 208 
LYS CE  NZ   sing N N 209 
LYS CE  HE2  sing N N 210 
LYS CE  HE3  sing N N 211 
LYS NZ  HZ1  sing N N 212 
LYS NZ  HZ2  sing N N 213 
LYS NZ  HZ3  sing N N 214 
LYS OXT HXT  sing N N 215 
PHE N   CA   sing N N 216 
PHE N   H    sing N N 217 
PHE N   H2   sing N N 218 
PHE CA  C    sing N N 219 
PHE CA  CB   sing N N 220 
PHE CA  HA   sing N N 221 
PHE C   O    doub N N 222 
PHE C   OXT  sing N N 223 
PHE CB  CG   sing N N 224 
PHE CB  HB2  sing N N 225 
PHE CB  HB3  sing N N 226 
PHE CG  CD1  doub Y N 227 
PHE CG  CD2  sing Y N 228 
PHE CD1 CE1  sing Y N 229 
PHE CD1 HD1  sing N N 230 
PHE CD2 CE2  doub Y N 231 
PHE CD2 HD2  sing N N 232 
PHE CE1 CZ   doub Y N 233 
PHE CE1 HE1  sing N N 234 
PHE CE2 CZ   sing Y N 235 
PHE CE2 HE2  sing N N 236 
PHE CZ  HZ   sing N N 237 
PHE OXT HXT  sing N N 238 
PRO N   CA   sing N N 239 
PRO N   CD   sing N N 240 
PRO N   H    sing N N 241 
PRO CA  C    sing N N 242 
PRO CA  CB   sing N N 243 
PRO CA  HA   sing N N 244 
PRO C   O    doub N N 245 
PRO C   OXT  sing N N 246 
PRO CB  CG   sing N N 247 
PRO CB  HB2  sing N N 248 
PRO CB  HB3  sing N N 249 
PRO CG  CD   sing N N 250 
PRO CG  HG2  sing N N 251 
PRO CG  HG3  sing N N 252 
PRO CD  HD2  sing N N 253 
PRO CD  HD3  sing N N 254 
PRO OXT HXT  sing N N 255 
SER N   CA   sing N N 256 
SER N   H    sing N N 257 
SER N   H2   sing N N 258 
SER CA  C    sing N N 259 
SER CA  CB   sing N N 260 
SER CA  HA   sing N N 261 
SER C   O    doub N N 262 
SER C   OXT  sing N N 263 
SER CB  OG   sing N N 264 
SER CB  HB2  sing N N 265 
SER CB  HB3  sing N N 266 
SER OG  HG   sing N N 267 
SER OXT HXT  sing N N 268 
THR N   CA   sing N N 269 
THR N   H    sing N N 270 
THR N   H2   sing N N 271 
THR CA  C    sing N N 272 
THR CA  CB   sing N N 273 
THR CA  HA   sing N N 274 
THR C   O    doub N N 275 
THR C   OXT  sing N N 276 
THR CB  OG1  sing N N 277 
THR CB  CG2  sing N N 278 
THR CB  HB   sing N N 279 
THR OG1 HG1  sing N N 280 
THR CG2 HG21 sing N N 281 
THR CG2 HG22 sing N N 282 
THR CG2 HG23 sing N N 283 
THR OXT HXT  sing N N 284 
TRP N   CA   sing N N 285 
TRP N   H    sing N N 286 
TRP N   H2   sing N N 287 
TRP CA  C    sing N N 288 
TRP CA  CB   sing N N 289 
TRP CA  HA   sing N N 290 
TRP C   O    doub N N 291 
TRP C   OXT  sing N N 292 
TRP CB  CG   sing N N 293 
TRP CB  HB2  sing N N 294 
TRP CB  HB3  sing N N 295 
TRP CG  CD1  doub Y N 296 
TRP CG  CD2  sing Y N 297 
TRP CD1 NE1  sing Y N 298 
TRP CD1 HD1  sing N N 299 
TRP CD2 CE2  doub Y N 300 
TRP CD2 CE3  sing Y N 301 
TRP NE1 CE2  sing Y N 302 
TRP NE1 HE1  sing N N 303 
TRP CE2 CZ2  sing Y N 304 
TRP CE3 CZ3  doub Y N 305 
TRP CE3 HE3  sing N N 306 
TRP CZ2 CH2  doub Y N 307 
TRP CZ2 HZ2  sing N N 308 
TRP CZ3 CH2  sing Y N 309 
TRP CZ3 HZ3  sing N N 310 
TRP CH2 HH2  sing N N 311 
TRP OXT HXT  sing N N 312 
TYR N   CA   sing N N 313 
TYR N   H    sing N N 314 
TYR N   H2   sing N N 315 
TYR CA  C    sing N N 316 
TYR CA  CB   sing N N 317 
TYR CA  HA   sing N N 318 
TYR C   O    doub N N 319 
TYR C   OXT  sing N N 320 
TYR CB  CG   sing N N 321 
TYR CB  HB2  sing N N 322 
TYR CB  HB3  sing N N 323 
TYR CG  CD1  doub Y N 324 
TYR CG  CD2  sing Y N 325 
TYR CD1 CE1  sing Y N 326 
TYR CD1 HD1  sing N N 327 
TYR CD2 CE2  doub Y N 328 
TYR CD2 HD2  sing N N 329 
TYR CE1 CZ   doub Y N 330 
TYR CE1 HE1  sing N N 331 
TYR CE2 CZ   sing Y N 332 
TYR CE2 HE2  sing N N 333 
TYR CZ  OH   sing N N 334 
TYR OH  HH   sing N N 335 
TYR OXT HXT  sing N N 336 
VAL N   CA   sing N N 337 
VAL N   H    sing N N 338 
VAL N   H2   sing N N 339 
VAL CA  C    sing N N 340 
VAL CA  CB   sing N N 341 
VAL CA  HA   sing N N 342 
VAL C   O    doub N N 343 
VAL C   OXT  sing N N 344 
VAL CB  CG1  sing N N 345 
VAL CB  CG2  sing N N 346 
VAL CB  HB   sing N N 347 
VAL CG1 HG11 sing N N 348 
VAL CG1 HG12 sing N N 349 
VAL CG1 HG13 sing N N 350 
VAL CG2 HG21 sing N N 351 
VAL CG2 HG22 sing N N 352 
VAL CG2 HG23 sing N N 353 
VAL OXT HXT  sing N N 354 
# 
loop_
_pdbx_nmr_spectrometer.spectrometer_id 
_pdbx_nmr_spectrometer.model 
_pdbx_nmr_spectrometer.manufacturer 
_pdbx_nmr_spectrometer.field_strength 
1 DRX Bruker 500 
2 DRX Bruker 600 
# 
_atom_sites.entry_id                    2BB8 
_atom_sites.fract_transf_matrix[1][1]   1.000000 
_atom_sites.fract_transf_matrix[1][2]   0.000000 
_atom_sites.fract_transf_matrix[1][3]   0.000000 
_atom_sites.fract_transf_matrix[2][1]   0.000000 
_atom_sites.fract_transf_matrix[2][2]   1.000000 
_atom_sites.fract_transf_matrix[2][3]   0.000000 
_atom_sites.fract_transf_matrix[3][1]   0.000000 
_atom_sites.fract_transf_matrix[3][2]   0.000000 
_atom_sites.fract_transf_matrix[3][3]   1.000000 
_atom_sites.fract_transf_vector[1]      0.00000 
_atom_sites.fract_transf_vector[2]      0.00000 
_atom_sites.fract_transf_vector[3]      0.00000 
# 
loop_
_atom_type.symbol 
C 
H 
N 
O 
S 
# 
loop_
_atom_site.group_PDB 
_atom_site.id 
_atom_site.type_symbol 
_atom_site.label_atom_id 
_atom_site.label_alt_id 
_atom_site.label_comp_id 
_atom_site.label_asym_id 
_atom_site.label_entity_id 
_atom_site.label_seq_id 
_atom_site.pdbx_PDB_ins_code 
_atom_site.Cartn_x 
_atom_site.Cartn_y 
_atom_site.Cartn_z 
_atom_site.occupancy 
_atom_site.B_iso_or_equiv 
_atom_site.pdbx_formal_charge 
_atom_site.auth_seq_id 
_atom_site.auth_comp_id 
_atom_site.auth_asym_id 
_atom_site.auth_atom_id 
_atom_site.pdbx_PDB_model_num 
ATOM 1    N N    . GLU A 1 1  ? -21.496 -1.900  2.094   1.00 3.78 ? 3  GLU A N    1 
ATOM 2    C CA   . GLU A 1 1  ? -21.286 -0.721  2.986   1.00 3.27 ? 3  GLU A CA   1 
ATOM 3    C C    . GLU A 1 1  ? -19.790 -0.410  3.044   1.00 2.48 ? 3  GLU A C    1 
ATOM 4    O O    . GLU A 1 1  ? -19.347 0.635   2.614   1.00 2.74 ? 3  GLU A O    1 
ATOM 5    C CB   . GLU A 1 1  ? -21.824 -1.021  4.411   1.00 3.95 ? 3  GLU A CB   1 
ATOM 6    C CG   . GLU A 1 1  ? -22.664 -2.301  4.398   1.00 4.76 ? 3  GLU A CG   1 
ATOM 7    C CD   . GLU A 1 1  ? -23.462 -2.397  5.696   1.00 5.62 ? 3  GLU A CD   1 
ATOM 8    O OE1  . GLU A 1 1  ? -24.468 -1.716  5.800   1.00 6.12 ? 3  GLU A OE1  1 
ATOM 9    O OE2  . GLU A 1 1  ? -23.054 -3.150  6.565   1.00 6.08 ? 3  GLU A OE2  1 
ATOM 10   H H    . GLU A 1 1  ? -20.867 -2.649  2.117   1.00 4.11 ? 3  GLU A H    1 
ATOM 11   H HA   . GLU A 1 1  ? -21.809 0.131   2.572   1.00 3.54 ? 3  GLU A HA   1 
ATOM 12   H HB2  . GLU A 1 1  ? -21.001 -1.148  5.102   1.00 4.18 ? 3  GLU A HB2  1 
ATOM 13   H HB3  . GLU A 1 1  ? -22.440 -0.197  4.746   1.00 4.15 ? 3  GLU A HB3  1 
ATOM 14   H HG2  . GLU A 1 1  ? -23.343 -2.280  3.559   1.00 5.03 ? 3  GLU A HG2  1 
ATOM 15   H HG3  . GLU A 1 1  ? -22.010 -3.158  4.315   1.00 4.91 ? 3  GLU A HG3  1 
ATOM 16   N N    . LYS A 1 2  ? -19.006 -1.312  3.573   1.00 1.89 ? 4  LYS A N    1 
ATOM 17   C CA   . LYS A 1 2  ? -17.539 -1.060  3.650   1.00 1.39 ? 4  LYS A CA   1 
ATOM 18   C C    . LYS A 1 2  ? -16.914 -1.422  2.304   1.00 1.17 ? 4  LYS A C    1 
ATOM 19   O O    . LYS A 1 2  ? -17.457 -2.190  1.537   1.00 1.27 ? 4  LYS A O    1 
ATOM 20   C CB   . LYS A 1 2  ? -16.930 -1.891  4.812   1.00 1.61 ? 4  LYS A CB   1 
ATOM 21   C CG   . LYS A 1 2  ? -16.428 -0.958  5.959   1.00 1.79 ? 4  LYS A CG   1 
ATOM 22   C CD   . LYS A 1 2  ? -16.681 -1.585  7.337   1.00 2.03 ? 4  LYS A CD   1 
ATOM 23   C CE   . LYS A 1 2  ? -15.677 -2.702  7.588   1.00 2.24 ? 4  LYS A CE   1 
ATOM 24   N NZ   . LYS A 1 2  ? -15.865 -3.233  8.966   1.00 2.89 ? 4  LYS A NZ   1 
ATOM 25   H H    . LYS A 1 2  ? -19.381 -2.152  3.915   1.00 2.16 ? 4  LYS A H    1 
ATOM 26   H HA   . LYS A 1 2  ? -17.376 -0.006  3.813   1.00 1.71 ? 4  LYS A HA   1 
ATOM 27   H HB2  . LYS A 1 2  ? -17.688 -2.564  5.187   1.00 2.12 ? 4  LYS A HB2  1 
ATOM 28   H HB3  . LYS A 1 2  ? -16.097 -2.482  4.446   1.00 2.11 ? 4  LYS A HB3  1 
ATOM 29   H HG2  . LYS A 1 2  ? -15.368 -0.786  5.839   1.00 2.24 ? 4  LYS A HG2  1 
ATOM 30   H HG3  . LYS A 1 2  ? -16.940 -0.009  5.924   1.00 2.31 ? 4  LYS A HG3  1 
ATOM 31   H HD2  . LYS A 1 2  ? -16.568 -0.824  8.094   1.00 2.49 ? 4  LYS A HD2  1 
ATOM 32   H HD3  . LYS A 1 2  ? -17.683 -1.982  7.382   1.00 2.50 ? 4  LYS A HD3  1 
ATOM 33   H HE2  . LYS A 1 2  ? -15.839 -3.487  6.873   1.00 2.51 ? 4  LYS A HE2  1 
ATOM 34   H HE3  . LYS A 1 2  ? -14.673 -2.317  7.482   1.00 2.55 ? 4  LYS A HE3  1 
ATOM 35   H HZ1  . LYS A 1 2  ? -16.156 -2.461  9.598   1.00 3.10 ? 4  LYS A HZ1  1 
ATOM 36   H HZ2  . LYS A 1 2  ? -16.599 -3.970  8.955   1.00 3.16 ? 4  LYS A HZ2  1 
ATOM 37   H HZ3  . LYS A 1 2  ? -14.971 -3.639  9.307   1.00 3.48 ? 4  LYS A HZ3  1 
ATOM 38   N N    . ARG A 1 3  ? -15.799 -0.824  1.994   1.00 1.13 ? 5  ARG A N    1 
ATOM 39   C CA   . ARG A 1 3  ? -15.153 -1.070  0.672   1.00 1.14 ? 5  ARG A CA   1 
ATOM 40   C C    . ARG A 1 3  ? -14.225 -2.280  0.706   1.00 0.91 ? 5  ARG A C    1 
ATOM 41   O O    . ARG A 1 3  ? -13.635 -2.618  1.712   1.00 0.87 ? 5  ARG A O    1 
ATOM 42   C CB   . ARG A 1 3  ? -14.347 0.191   0.283   1.00 1.49 ? 5  ARG A CB   1 
ATOM 43   C CG   . ARG A 1 3  ? -14.929 0.841   -0.980  1.00 2.06 ? 5  ARG A CG   1 
ATOM 44   C CD   . ARG A 1 3  ? -14.482 2.297   -1.069  1.00 2.54 ? 5  ARG A CD   1 
ATOM 45   N NE   . ARG A 1 3  ? -15.483 3.104   -0.283  1.00 2.85 ? 5  ARG A NE   1 
ATOM 46   C CZ   . ARG A 1 3  ? -16.123 4.109   -0.787  1.00 3.52 ? 5  ARG A CZ   1 
ATOM 47   N NH1  . ARG A 1 3  ? -15.963 4.427   -2.044  1.00 3.99 ? 5  ARG A NH1  1 
ATOM 48   N NH2  . ARG A 1 3  ? -16.945 4.797   -0.043  1.00 4.17 ? 5  ARG A NH2  1 
ATOM 49   H H    . ARG A 1 3  ? -15.402 -0.179  2.617   1.00 1.27 ? 5  ARG A H    1 
ATOM 50   H HA   . ARG A 1 3  ? -15.920 -1.259  -0.062  1.00 1.29 ? 5  ARG A HA   1 
ATOM 51   H HB2  . ARG A 1 3  ? -14.386 0.896   1.100   1.00 1.87 ? 5  ARG A HB2  1 
ATOM 52   H HB3  . ARG A 1 3  ? -13.310 -0.068  0.097   1.00 1.72 ? 5  ARG A HB3  1 
ATOM 53   H HG2  . ARG A 1 3  ? -14.585 0.298   -1.850  1.00 2.61 ? 5  ARG A HG2  1 
ATOM 54   H HG3  . ARG A 1 3  ? -16.008 0.810   -0.942  1.00 2.44 ? 5  ARG A HG3  1 
ATOM 55   H HD2  . ARG A 1 3  ? -13.540 2.438   -0.602  1.00 2.93 ? 5  ARG A HD2  1 
ATOM 56   H HD3  . ARG A 1 3  ? -14.383 2.576   -2.126  1.00 3.04 ? 5  ARG A HD3  1 
ATOM 57   H HE   . ARG A 1 3  ? -15.647 2.866   0.655   1.00 2.98 ? 5  ARG A HE   1 
ATOM 58   H HH11 . ARG A 1 3  ? -15.348 3.896   -2.620  1.00 3.89 ? 5  ARG A HH11 1 
ATOM 59   H HH12 . ARG A 1 3  ? -16.460 5.203   -2.429  1.00 4.70 ? 5  ARG A HH12 1 
ATOM 60   H HH21 . ARG A 1 3  ? -17.081 4.547   0.915   1.00 4.25 ? 5  ARG A HH21 1 
ATOM 61   H HH22 . ARG A 1 3  ? -17.439 5.574   -0.432  1.00 4.81 ? 5  ARG A HH22 1 
ATOM 62   N N    . ARG A 1 4  ? -14.075 -2.906  -0.431  1.00 0.87 ? 6  ARG A N    1 
ATOM 63   C CA   . ARG A 1 4  ? -13.169 -4.072  -0.549  1.00 0.76 ? 6  ARG A CA   1 
ATOM 64   C C    . ARG A 1 4  ? -12.522 -4.033  -1.931  1.00 0.72 ? 6  ARG A C    1 
ATOM 65   O O    . ARG A 1 4  ? -13.021 -3.399  -2.839  1.00 0.78 ? 6  ARG A O    1 
ATOM 66   C CB   . ARG A 1 4  ? -13.960 -5.366  -0.371  1.00 0.92 ? 6  ARG A CB   1 
ATOM 67   C CG   . ARG A 1 4  ? -14.684 -5.317  0.976   1.00 1.04 ? 6  ARG A CG   1 
ATOM 68   C CD   . ARG A 1 4  ? -15.374 -6.652  1.280   1.00 0.97 ? 6  ARG A CD   1 
ATOM 69   N NE   . ARG A 1 4  ? -16.750 -6.592  0.695   1.00 1.51 ? 6  ARG A NE   1 
ATOM 70   C CZ   . ARG A 1 4  ? -17.608 -7.547  0.904   1.00 1.92 ? 6  ARG A CZ   1 
ATOM 71   N NH1  . ARG A 1 4  ? -17.309 -8.529  1.710   1.00 2.25 ? 6  ARG A NH1  1 
ATOM 72   N NH2  . ARG A 1 4  ? -18.780 -7.506  0.331   1.00 2.69 ? 6  ARG A NH2  1 
ATOM 73   H H    . ARG A 1 4  ? -14.548 -2.582  -1.226  1.00 1.00 ? 6  ARG A H    1 
ATOM 74   H HA   . ARG A 1 4  ? -12.403 -4.006  0.203   1.00 0.73 ? 6  ARG A HA   1 
ATOM 75   H HB2  . ARG A 1 4  ? -14.679 -5.468  -1.172  1.00 1.32 ? 6  ARG A HB2  1 
ATOM 76   H HB3  . ARG A 1 4  ? -13.280 -6.201  -0.382  1.00 1.39 ? 6  ARG A HB3  1 
ATOM 77   H HG2  . ARG A 1 4  ? -13.968 -5.096  1.754   1.00 1.53 ? 6  ARG A HG2  1 
ATOM 78   H HG3  . ARG A 1 4  ? -15.429 -4.539  0.948   1.00 1.52 ? 6  ARG A HG3  1 
ATOM 79   H HD2  . ARG A 1 4  ? -14.845 -7.466  0.833   1.00 1.32 ? 6  ARG A HD2  1 
ATOM 80   H HD3  . ARG A 1 4  ? -15.400 -6.805  2.359   1.00 1.22 ? 6  ARG A HD3  1 
ATOM 81   H HE   . ARG A 1 4  ? -16.998 -5.837  0.122   1.00 2.15 ? 6  ARG A HE   1 
ATOM 82   H HH11 . ARG A 1 4  ? -16.419 -8.548  2.166   1.00 2.20 ? 6  ARG A HH11 1 
ATOM 83   H HH12 . ARG A 1 4  ? -17.973 -9.257  1.879   1.00 2.97 ? 6  ARG A HH12 1 
ATOM 84   H HH21 . ARG A 1 4  ? -19.016 -6.744  -0.270  1.00 3.08 ? 6  ARG A HH21 1 
ATOM 85   H HH22 . ARG A 1 4  ? -19.444 -8.236  0.497   1.00 3.16 ? 6  ARG A HH22 1 
ATOM 86   N N    . ASP A 1 5  ? -11.415 -4.692  -2.104  1.00 0.71 ? 7  ASP A N    1 
ATOM 87   C CA   . ASP A 1 5  ? -10.744 -4.679  -3.432  1.00 0.72 ? 7  ASP A CA   1 
ATOM 88   C C    . ASP A 1 5  ? -11.380 -5.730  -4.341  1.00 0.84 ? 7  ASP A C    1 
ATOM 89   O O    . ASP A 1 5  ? -12.400 -6.307  -4.020  1.00 1.00 ? 7  ASP A O    1 
ATOM 90   C CB   . ASP A 1 5  ? -9.261  -4.978  -3.238  1.00 0.72 ? 7  ASP A CB   1 
ATOM 91   C CG   . ASP A 1 5  ? -9.099  -6.152  -2.277  1.00 1.48 ? 7  ASP A CG   1 
ATOM 92   O OD1  . ASP A 1 5  ? -10.101 -6.768  -1.951  1.00 2.14 ? 7  ASP A OD1  1 
ATOM 93   O OD2  . ASP A 1 5  ? -7.976  -6.412  -1.878  1.00 2.19 ? 7  ASP A OD2  1 
ATOM 94   H H    . ASP A 1 5  ? -11.021 -5.194  -1.360  1.00 0.76 ? 7  ASP A H    1 
ATOM 95   H HA   . ASP A 1 5  ? -10.854 -3.701  -3.883  1.00 0.82 ? 7  ASP A HA   1 
ATOM 96   H HB2  . ASP A 1 5  ? -8.818  -5.232  -4.185  1.00 1.01 ? 7  ASP A HB2  1 
ATOM 97   H HB3  . ASP A 1 5  ? -8.771  -4.107  -2.828  1.00 1.04 ? 7  ASP A HB3  1 
ATOM 98   N N    . ASN A 1 6  ? -10.793 -5.981  -5.478  1.00 0.92 ? 8  ASN A N    1 
ATOM 99   C CA   . ASN A 1 6  ? -11.369 -6.992  -6.408  1.00 1.17 ? 8  ASN A CA   1 
ATOM 100  C C    . ASN A 1 6  ? -11.293 -8.380  -5.764  1.00 1.12 ? 8  ASN A C    1 
ATOM 101  O O    . ASN A 1 6  ? -11.642 -9.371  -6.372  1.00 1.26 ? 8  ASN A O    1 
ATOM 102  C CB   . ASN A 1 6  ? -10.570 -7.000  -7.721  1.00 1.40 ? 8  ASN A CB   1 
ATOM 103  C CG   . ASN A 1 6  ? -10.142 -5.575  -8.079  1.00 1.68 ? 8  ASN A CG   1 
ATOM 104  O OD1  . ASN A 1 6  ? -10.905 -4.642  -7.929  1.00 2.49 ? 8  ASN A OD1  1 
ATOM 105  N ND2  . ASN A 1 6  ? -8.942  -5.370  -8.549  1.00 1.70 ? 8  ASN A ND2  1 
ATOM 106  H H    . ASN A 1 6  ? -9.974  -5.501  -5.723  1.00 0.91 ? 8  ASN A H    1 
ATOM 107  H HA   . ASN A 1 6  ? -12.400 -6.747  -6.615  1.00 1.36 ? 8  ASN A HA   1 
ATOM 108  H HB2  . ASN A 1 6  ? -9.687  -7.617  -7.609  1.00 1.76 ? 8  ASN A HB2  1 
ATOM 109  H HB3  . ASN A 1 6  ? -11.186 -7.396  -8.514  1.00 1.79 ? 8  ASN A HB3  1 
ATOM 110  H HD21 . ASN A 1 6  ? -8.327  -6.125  -8.668  1.00 1.70 ? 8  ASN A HD21 1 
ATOM 111  H HD22 . ASN A 1 6  ? -8.654  -4.463  -8.780  1.00 2.14 ? 8  ASN A HD22 1 
ATOM 112  N N    . ARG A 1 7  ? -10.801 -8.461  -4.551  1.00 1.04 ? 9  ARG A N    1 
ATOM 113  C CA   . ARG A 1 7  ? -10.653 -9.787  -3.878  1.00 1.13 ? 9  ARG A CA   1 
ATOM 114  C C    . ARG A 1 7  ? -11.659 -9.949  -2.744  1.00 1.10 ? 9  ARG A C    1 
ATOM 115  O O    . ARG A 1 7  ? -12.156 -11.032 -2.505  1.00 1.66 ? 9  ARG A O    1 
ATOM 116  C CB   . ARG A 1 7  ? -9.248  -9.851  -3.284  1.00 1.20 ? 9  ARG A CB   1 
ATOM 117  C CG   . ARG A 1 7  ? -8.187  -9.618  -4.395  1.00 1.35 ? 9  ARG A CG   1 
ATOM 118  C CD   . ARG A 1 7  ? -7.318  -10.866 -4.589  1.00 1.58 ? 9  ARG A CD   1 
ATOM 119  N NE   . ARG A 1 7  ? -6.675  -10.802 -5.927  1.00 1.94 ? 9  ARG A NE   1 
ATOM 120  C CZ   . ARG A 1 7  ? -5.697  -11.610 -6.218  1.00 2.40 ? 9  ARG A CZ   1 
ATOM 121  N NH1  . ARG A 1 7  ? -5.291  -12.487 -5.341  1.00 2.78 ? 9  ARG A NH1  1 
ATOM 122  N NH2  . ARG A 1 7  ? -5.128  -11.547 -7.390  1.00 3.12 ? 9  ARG A NH2  1 
ATOM 123  H H    . ARG A 1 7  ? -10.495 -7.653  -4.093  1.00 0.99 ? 9  ARG A H    1 
ATOM 124  H HA   . ARG A 1 7  ? -10.774 -10.590 -4.588  1.00 1.28 ? 9  ARG A HA   1 
ATOM 125  H HB2  . ARG A 1 7  ? -9.155  -9.084  -2.525  1.00 1.14 ? 9  ARG A HB2  1 
ATOM 126  H HB3  . ARG A 1 7  ? -9.108  -10.811 -2.822  1.00 1.33 ? 9  ARG A HB3  1 
ATOM 127  H HG2  . ARG A 1 7  ? -8.675  -9.382  -5.333  1.00 1.68 ? 9  ARG A HG2  1 
ATOM 128  H HG3  . ARG A 1 7  ? -7.552  -8.787  -4.118  1.00 1.83 ? 9  ARG A HG3  1 
ATOM 129  H HD2  . ARG A 1 7  ? -6.559  -10.898 -3.825  1.00 2.17 ? 9  ARG A HD2  1 
ATOM 130  H HD3  . ARG A 1 7  ? -7.932  -11.754 -4.528  1.00 2.02 ? 9  ARG A HD3  1 
ATOM 131  H HE   . ARG A 1 7  ? -6.986  -10.150 -6.589  1.00 2.41 ? 9  ARG A HE   1 
ATOM 132  H HH11 . ARG A 1 7  ? -5.732  -12.538 -4.443  1.00 2.73 ? 9  ARG A HH11 1 
ATOM 133  H HH12 . ARG A 1 7  ? -4.541  -13.108 -5.564  1.00 3.48 ? 9  ARG A HH12 1 
ATOM 134  H HH21 . ARG A 1 7  ? -5.444  -10.878 -8.062  1.00 3.44 ? 9  ARG A HH21 1 
ATOM 135  H HH22 . ARG A 1 7  ? -4.378  -12.166 -7.614  1.00 3.64 ? 9  ARG A HH22 1 
ATOM 136  N N    . GLY A 1 8  ? -11.944 -8.895  -2.033  1.00 0.81 ? 10 GLY A N    1 
ATOM 137  C CA   . GLY A 1 8  ? -12.897 -8.986  -0.883  1.00 0.81 ? 10 GLY A CA   1 
ATOM 138  C C    . GLY A 1 8  ? -12.163 -8.565  0.392   1.00 0.73 ? 10 GLY A C    1 
ATOM 139  O O    . GLY A 1 8  ? -12.670 -8.703  1.487   1.00 0.78 ? 10 GLY A O    1 
ATOM 140  H H    . GLY A 1 8  ? -11.511 -8.039  -2.237  1.00 1.03 ? 10 GLY A H    1 
ATOM 141  H HA2  . GLY A 1 8  ? -13.737 -8.334  -1.060  1.00 0.84 ? 10 GLY A HA2  1 
ATOM 142  H HA3  . GLY A 1 8  ? -13.255 -9.998  -0.764  1.00 0.89 ? 10 GLY A HA3  1 
ATOM 143  N N    . ARG A 1 9  ? -10.966 -8.048  0.255   1.00 0.69 ? 11 ARG A N    1 
ATOM 144  C CA   . ARG A 1 9  ? -10.197 -7.618  1.460   1.00 0.66 ? 11 ARG A CA   1 
ATOM 145  C C    . ARG A 1 9  ? -10.661 -6.233  1.878   1.00 0.54 ? 11 ARG A C    1 
ATOM 146  O O    . ARG A 1 9  ? -10.831 -5.361  1.061   1.00 0.56 ? 11 ARG A O    1 
ATOM 147  C CB   . ARG A 1 9  ? -8.709  -7.515  1.143   1.00 0.79 ? 11 ARG A CB   1 
ATOM 148  C CG   . ARG A 1 9  ? -8.139  -8.874  0.723   1.00 0.92 ? 11 ARG A CG   1 
ATOM 149  C CD   . ARG A 1 9  ? -6.596  -8.849  0.809   1.00 1.14 ? 11 ARG A CD   1 
ATOM 150  N NE   . ARG A 1 9  ? -6.053  -9.044  -0.583  1.00 1.03 ? 11 ARG A NE   1 
ATOM 151  C CZ   . ARG A 1 9  ? -5.337  -10.068 -0.917  1.00 1.62 ? 11 ARG A CZ   1 
ATOM 152  N NH1  . ARG A 1 9  ? -5.132  -11.033 -0.061  1.00 2.44 ? 11 ARG A NH1  1 
ATOM 153  N NH2  . ARG A 1 9  ? -4.830  -10.143 -2.116  1.00 2.11 ? 11 ARG A NH2  1 
ATOM 154  H H    . ARG A 1 9  ? -10.576 -7.945  -0.637  1.00 0.74 ? 11 ARG A H    1 
ATOM 155  H HA   . ARG A 1 9  ? -10.352 -8.318  2.267   1.00 0.74 ? 11 ARG A HA   1 
ATOM 156  H HB2  . ARG A 1 9  ? -8.563  -6.805  0.346   1.00 1.01 ? 11 ARG A HB2  1 
ATOM 157  H HB3  . ARG A 1 9  ? -8.193  -7.167  2.026   1.00 1.03 ? 11 ARG A HB3  1 
ATOM 158  H HG2  . ARG A 1 9  ? -8.532  -9.644  1.375   1.00 1.29 ? 11 ARG A HG2  1 
ATOM 159  H HG3  . ARG A 1 9  ? -8.435  -9.087  -0.295  1.00 1.23 ? 11 ARG A HG3  1 
ATOM 160  H HD2  . ARG A 1 9  ? -6.238  -7.901  1.124   1.00 1.70 ? 11 ARG A HD2  1 
ATOM 161  H HD3  . ARG A 1 9  ? -6.264  -9.590  1.549   1.00 1.75 ? 11 ARG A HD3  1 
ATOM 162  H HE   . ARG A 1 9  ? -6.223  -8.351  -1.255  1.00 1.47 ? 11 ARG A HE   1 
ATOM 163  H HH11 . ARG A 1 9  ? -5.526  -10.985 0.853   1.00 2.60 ? 11 ARG A HH11 1 
ATOM 164  H HH12 . ARG A 1 9  ? -4.576  -11.821 -0.322  1.00 3.18 ? 11 ARG A HH12 1 
ATOM 165  H HH21 . ARG A 1 9  ? -4.994  -9.410  -2.775  1.00 2.28 ? 11 ARG A HH21 1 
ATOM 166  H HH22 . ARG A 1 9  ? -4.272  -10.933 -2.374  1.00 2.72 ? 11 ARG A HH22 1 
ATOM 167  N N    . ILE A 1 10 ? -10.856 -6.021  3.142   1.00 0.55 ? 12 ILE A N    1 
ATOM 168  C CA   . ILE A 1 10 ? -11.311 -4.685  3.609   1.00 0.53 ? 12 ILE A CA   1 
ATOM 169  C C    . ILE A 1 10 ? -10.105 -3.750  3.748   1.00 0.49 ? 12 ILE A C    1 
ATOM 170  O O    . ILE A 1 10 ? -9.375  -3.807  4.715   1.00 0.56 ? 12 ILE A O    1 
ATOM 171  C CB   . ILE A 1 10 ? -11.999 -4.861  4.973   1.00 0.68 ? 12 ILE A CB   1 
ATOM 172  C CG1  . ILE A 1 10 ? -13.134 -5.951  4.832   1.00 0.81 ? 12 ILE A CG1  1 
ATOM 173  C CG2  . ILE A 1 10 ? -12.507 -3.476  5.492   1.00 0.77 ? 12 ILE A CG2  1 
ATOM 174  C CD1  . ILE A 1 10 ? -14.549 -5.400  5.043   1.00 1.22 ? 12 ILE A CD1  1 
ATOM 175  H H    . ILE A 1 10 ? -10.706 -6.740  3.790   1.00 0.67 ? 12 ILE A H    1 
ATOM 176  H HA   . ILE A 1 10 ? -12.016 -4.269  2.904   1.00 0.53 ? 12 ILE A HA   1 
ATOM 177  H HB   . ILE A 1 10 ? -11.251 -5.228  5.672   1.00 0.75 ? 12 ILE A HB   1 
ATOM 178  H HG12 . ILE A 1 10 ? -13.098 -6.396  3.850   1.00 1.35 ? 12 ILE A HG12 1 
ATOM 179  H HG13 . ILE A 1 10 ? -12.959 -6.733  5.561   1.00 1.12 ? 12 ILE A HG13 1 
ATOM 180  H HG21 . ILE A 1 10 ? -12.496 -2.753  4.687   1.00 1.29 ? 12 ILE A HG21 1 
ATOM 181  H HG22 . ILE A 1 10 ? -13.499 -3.546  5.881   1.00 1.23 ? 12 ILE A HG22 1 
ATOM 182  H HG23 . ILE A 1 10 ? -11.863 -3.127  6.284   1.00 1.33 ? 12 ILE A HG23 1 
ATOM 183  H HD11 . ILE A 1 10 ? -14.652 -4.443  4.554   1.00 1.82 ? 12 ILE A HD11 1 
ATOM 184  H HD12 . ILE A 1 10 ? -15.270 -6.087  4.630   1.00 1.83 ? 12 ILE A HD12 1 
ATOM 185  H HD13 . ILE A 1 10 ? -14.725 -5.294  6.100   1.00 1.57 ? 12 ILE A HD13 1 
ATOM 186  N N    . LEU A 1 11 ? -9.893  -2.885  2.792   1.00 0.46 ? 13 LEU A N    1 
ATOM 187  C CA   . LEU A 1 11 ? -8.733  -1.940  2.881   1.00 0.48 ? 13 LEU A CA   1 
ATOM 188  C C    . LEU A 1 11 ? -9.150  -0.707  3.690   1.00 0.53 ? 13 LEU A C    1 
ATOM 189  O O    . LEU A 1 11 ? -10.312 -0.366  3.773   1.00 0.63 ? 13 LEU A O    1 
ATOM 190  C CB   . LEU A 1 11 ? -8.200  -1.528  1.480   1.00 0.55 ? 13 LEU A CB   1 
ATOM 191  C CG   . LEU A 1 11 ? -9.330  -1.498  0.384   1.00 0.88 ? 13 LEU A CG   1 
ATOM 192  C CD1  . LEU A 1 11 ? -9.671  -0.052  -0.072  1.00 1.65 ? 13 LEU A CD1  1 
ATOM 193  C CD2  . LEU A 1 11 ? -8.888  -2.341  -0.836  1.00 1.49 ? 13 LEU A CD2  1 
ATOM 194  H H    . LEU A 1 11 ? -10.497 -2.856  2.022   1.00 0.50 ? 13 LEU A H    1 
ATOM 195  H HA   . LEU A 1 11 ? -7.930  -2.434  3.420   1.00 0.53 ? 13 LEU A HA   1 
ATOM 196  H HB2  . LEU A 1 11 ? -7.735  -0.559  1.560   1.00 1.01 ? 13 LEU A HB2  1 
ATOM 197  H HB3  . LEU A 1 11 ? -7.435  -2.235  1.195   1.00 1.08 ? 13 LEU A HB3  1 
ATOM 198  H HG   . LEU A 1 11 ? -10.234 -1.927  0.775   1.00 1.45 ? 13 LEU A HG   1 
ATOM 199  H HD11 . LEU A 1 11 ? -9.050  0.669   0.426   1.00 2.10 ? 13 LEU A HD11 1 
ATOM 200  H HD12 . LEU A 1 11 ? -9.535  0.042   -1.140  1.00 2.20 ? 13 LEU A HD12 1 
ATOM 201  H HD13 . LEU A 1 11 ? -10.701 0.154   0.169   1.00 2.14 ? 13 LEU A HD13 1 
ATOM 202  H HD21 . LEU A 1 11 ? -7.840  -2.174  -1.034  1.00 1.88 ? 13 LEU A HD21 1 
ATOM 203  H HD22 . LEU A 1 11 ? -9.052  -3.389  -0.627  1.00 2.06 ? 13 LEU A HD22 1 
ATOM 204  H HD23 . LEU A 1 11 ? -9.464  -2.055  -1.703  1.00 2.05 ? 13 LEU A HD23 1 
ATOM 205  N N    . LYS A 1 12 ? -8.204  -0.075  4.335   1.00 0.55 ? 14 LYS A N    1 
ATOM 206  C CA   . LYS A 1 12 ? -8.524  1.095   5.206   1.00 0.68 ? 14 LYS A CA   1 
ATOM 207  C C    . LYS A 1 12 ? -8.453  2.432   4.457   1.00 0.66 ? 14 LYS A C    1 
ATOM 208  O O    . LYS A 1 12 ? -8.206  2.500   3.272   1.00 0.57 ? 14 LYS A O    1 
ATOM 209  C CB   . LYS A 1 12 ? -7.533  1.102   6.368   1.00 0.81 ? 14 LYS A CB   1 
ATOM 210  C CG   . LYS A 1 12 ? -7.312  -0.345  6.843   1.00 0.97 ? 14 LYS A CG   1 
ATOM 211  C CD   . LYS A 1 12 ? -6.810  -0.358  8.292   1.00 1.53 ? 14 LYS A CD   1 
ATOM 212  C CE   . LYS A 1 12 ? -7.935  0.073   9.263   1.00 1.50 ? 14 LYS A CE   1 
ATOM 213  N NZ   . LYS A 1 12 ? -8.166  -1.014  10.254  1.00 2.28 ? 14 LYS A NZ   1 
ATOM 214  H H    . LYS A 1 12 ? -7.281  -0.402  4.283   1.00 0.53 ? 14 LYS A H    1 
ATOM 215  H HA   . LYS A 1 12 ? -9.520  0.975   5.608   1.00 0.77 ? 14 LYS A HA   1 
ATOM 216  H HB2  . LYS A 1 12 ? -6.594  1.526   6.041   1.00 0.77 ? 14 LYS A HB2  1 
ATOM 217  H HB3  . LYS A 1 12 ? -7.931  1.695   7.177   1.00 0.97 ? 14 LYS A HB3  1 
ATOM 218  H HG2  . LYS A 1 12 ? -8.241  -0.896  6.785   1.00 1.28 ? 14 LYS A HG2  1 
ATOM 219  H HG3  . LYS A 1 12 ? -6.577  -0.819  6.208   1.00 1.38 ? 14 LYS A HG3  1 
ATOM 220  H HD2  . LYS A 1 12 ? -6.488  -1.360  8.544   1.00 2.21 ? 14 LYS A HD2  1 
ATOM 221  H HD3  . LYS A 1 12 ? -5.970  0.318   8.384   1.00 2.20 ? 14 LYS A HD3  1 
ATOM 222  H HE2  . LYS A 1 12 ? -7.644  0.973   9.784   1.00 1.79 ? 14 LYS A HE2  1 
ATOM 223  H HE3  . LYS A 1 12 ? -8.855  0.256   8.723   1.00 1.86 ? 14 LYS A HE3  1 
ATOM 224  H HZ1  . LYS A 1 12 ? -8.394  -1.896  9.755   1.00 2.69 ? 14 LYS A HZ1  1 
ATOM 225  H HZ2  . LYS A 1 12 ? -7.308  -1.152  10.824  1.00 2.80 ? 14 LYS A HZ2  1 
ATOM 226  H HZ3  . LYS A 1 12 ? -8.959  -0.750  10.874  1.00 2.65 ? 14 LYS A HZ3  1 
ATOM 227  N N    . THR A 1 13 ? -8.688  3.491   5.184   1.00 0.78 ? 15 THR A N    1 
ATOM 228  C CA   . THR A 1 13 ? -8.669  4.869   4.608   1.00 0.80 ? 15 THR A CA   1 
ATOM 229  C C    . THR A 1 13 ? -7.388  5.115   3.796   1.00 0.72 ? 15 THR A C    1 
ATOM 230  O O    . THR A 1 13 ? -6.327  4.628   4.125   1.00 0.76 ? 15 THR A O    1 
ATOM 231  C CB   . THR A 1 13 ? -8.738  5.873   5.777   1.00 0.96 ? 15 THR A CB   1 
ATOM 232  O OG1  . THR A 1 13 ? -9.501  5.302   6.830   1.00 1.80 ? 15 THR A OG1  1 
ATOM 233  C CG2  . THR A 1 13 ? -9.402  7.184   5.327   1.00 1.28 ? 15 THR A CG2  1 
ATOM 234  H H    . THR A 1 13 ? -8.891  3.378   6.136   1.00 0.87 ? 15 THR A H    1 
ATOM 235  H HA   . THR A 1 13 ? -9.532  5.001   3.970   1.00 0.80 ? 15 THR A HA   1 
ATOM 236  H HB   . THR A 1 13 ? -7.740  6.084   6.137   1.00 1.61 ? 15 THR A HB   1 
ATOM 237  H HG1  . THR A 1 13 ? -10.017 6.002   7.237   1.00 2.25 ? 15 THR A HG1  1 
ATOM 238  H HG21 . THR A 1 13 ? -9.162  7.381   4.293   1.00 1.74 ? 15 THR A HG21 1 
ATOM 239  H HG22 . THR A 1 13 ? -10.472 7.099   5.439   1.00 1.94 ? 15 THR A HG22 1 
ATOM 240  H HG23 . THR A 1 13 ? -9.043  7.999   5.941   1.00 1.80 ? 15 THR A HG23 1 
ATOM 241  N N    . GLY A 1 14 ? -7.484  5.902   2.754   1.00 0.66 ? 16 GLY A N    1 
ATOM 242  C CA   . GLY A 1 14 ? -6.281  6.225   1.930   1.00 0.63 ? 16 GLY A CA   1 
ATOM 243  C C    . GLY A 1 14 ? -5.949  5.080   0.970   1.00 0.56 ? 16 GLY A C    1 
ATOM 244  O O    . GLY A 1 14 ? -5.690  5.300   -0.196  1.00 0.62 ? 16 GLY A O    1 
ATOM 245  H H    . GLY A 1 14 ? -8.350  6.303   2.527   1.00 0.69 ? 16 GLY A H    1 
ATOM 246  H HA2  . GLY A 1 14 ? -6.475  7.122   1.359   1.00 0.66 ? 16 GLY A HA2  1 
ATOM 247  H HA3  . GLY A 1 14 ? -5.441  6.399   2.580   1.00 0.67 ? 16 GLY A HA3  1 
ATOM 248  N N    . GLU A 1 15 ? -5.945  3.864   1.437   1.00 0.53 ? 17 GLU A N    1 
ATOM 249  C CA   . GLU A 1 15 ? -5.620  2.729   0.528   1.00 0.50 ? 17 GLU A CA   1 
ATOM 250  C C    . GLU A 1 15 ? -6.619  2.707   -0.633  1.00 0.53 ? 17 GLU A C    1 
ATOM 251  O O    . GLU A 1 15 ? -7.762  3.088   -0.488  1.00 0.64 ? 17 GLU A O    1 
ATOM 252  C CB   . GLU A 1 15 ? -5.698  1.413   1.318   1.00 0.53 ? 17 GLU A CB   1 
ATOM 253  C CG   . GLU A 1 15 ? -4.379  1.177   2.096   1.00 0.53 ? 17 GLU A CG   1 
ATOM 254  C CD   . GLU A 1 15 ? -4.644  0.448   3.423   1.00 1.22 ? 17 GLU A CD   1 
ATOM 255  O OE1  . GLU A 1 15 ? -5.794  0.342   3.813   1.00 1.88 ? 17 GLU A OE1  1 
ATOM 256  O OE2  . GLU A 1 15 ? -3.681  0.013   4.032   1.00 1.94 ? 17 GLU A OE2  1 
ATOM 257  H H    . GLU A 1 15 ? -6.150  3.695   2.381   1.00 0.62 ? 17 GLU A H    1 
ATOM 258  H HA   . GLU A 1 15 ? -4.621  2.857   0.138   1.00 0.48 ? 17 GLU A HA   1 
ATOM 259  H HB2  . GLU A 1 15 ? -6.529  1.474   2.003   1.00 0.59 ? 17 GLU A HB2  1 
ATOM 260  H HB3  . GLU A 1 15 ? -5.863  0.591   0.637   1.00 0.56 ? 17 GLU A HB3  1 
ATOM 261  H HG2  . GLU A 1 15 ? -3.710  0.579   1.491   1.00 0.96 ? 17 GLU A HG2  1 
ATOM 262  H HG3  . GLU A 1 15 ? -3.904  2.119   2.307   1.00 1.00 ? 17 GLU A HG3  1 
ATOM 263  N N    . SER A 1 16 ? -6.190  2.269   -1.787  1.00 0.47 ? 18 SER A N    1 
ATOM 264  C CA   . SER A 1 16 ? -7.109  2.227   -2.961  1.00 0.52 ? 18 SER A CA   1 
ATOM 265  C C    . SER A 1 16 ? -6.596  1.187   -3.964  1.00 0.47 ? 18 SER A C    1 
ATOM 266  O O    . SER A 1 16 ? -5.418  0.893   -4.012  1.00 0.49 ? 18 SER A O    1 
ATOM 267  C CB   . SER A 1 16 ? -7.159  3.613   -3.615  1.00 0.59 ? 18 SER A CB   1 
ATOM 268  O OG   . SER A 1 16 ? -8.424  3.789   -4.239  1.00 1.42 ? 18 SER A OG   1 
ATOM 269  H H    . SER A 1 16 ? -5.260  1.969   -1.882  1.00 0.42 ? 18 SER A H    1 
ATOM 270  H HA   . SER A 1 16 ? -8.100  1.948   -2.633  1.00 0.61 ? 18 SER A HA   1 
ATOM 271  H HB2  . SER A 1 16 ? -7.028  4.372   -2.862  1.00 0.97 ? 18 SER A HB2  1 
ATOM 272  H HB3  . SER A 1 16 ? -6.369  3.704   -4.351  1.00 1.16 ? 18 SER A HB3  1 
ATOM 273  H HG   . SER A 1 16 ? -9.051  3.204   -3.806  1.00 1.97 ? 18 SER A HG   1 
ATOM 274  N N    . GLN A 1 17 ? -7.474  0.619   -4.758  1.00 0.51 ? 19 GLN A N    1 
ATOM 275  C CA   . GLN A 1 17 ? -7.046  -0.420  -5.752  1.00 0.50 ? 19 GLN A CA   1 
ATOM 276  C C    . GLN A 1 17 ? -7.128  0.123   -7.182  1.00 0.55 ? 19 GLN A C    1 
ATOM 277  O O    . GLN A 1 17 ? -8.046  0.831   -7.545  1.00 0.76 ? 19 GLN A O    1 
ATOM 278  C CB   . GLN A 1 17 ? -7.969  -1.631  -5.635  1.00 0.69 ? 19 GLN A CB   1 
ATOM 279  C CG   . GLN A 1 17 ? -7.540  -2.688  -6.652  1.00 1.00 ? 19 GLN A CG   1 
ATOM 280  C CD   . GLN A 1 17 ? -8.276  -3.993  -6.368  1.00 1.58 ? 19 GLN A CD   1 
ATOM 281  O OE1  . GLN A 1 17 ? -9.464  -3.990  -6.113  1.00 2.37 ? 19 GLN A OE1  1 
ATOM 282  N NE2  . GLN A 1 17 ? -7.618  -5.119  -6.393  1.00 1.79 ? 19 GLN A NE2  1 
ATOM 283  H H    . GLN A 1 17 ? -8.420  0.867   -4.692  1.00 0.61 ? 19 GLN A H    1 
ATOM 284  H HA   . GLN A 1 17 ? -6.031  -0.734  -5.551  1.00 0.48 ? 19 GLN A HA   1 
ATOM 285  H HB2  . GLN A 1 17 ? -7.902  -2.039  -4.637  1.00 0.92 ? 19 GLN A HB2  1 
ATOM 286  H HB3  . GLN A 1 17 ? -8.985  -1.331  -5.836  1.00 0.85 ? 19 GLN A HB3  1 
ATOM 287  H HG2  . GLN A 1 17 ? -7.783  -2.350  -7.648  1.00 1.41 ? 19 GLN A HG2  1 
ATOM 288  H HG3  . GLN A 1 17 ? -6.476  -2.853  -6.575  1.00 1.37 ? 19 GLN A HG3  1 
ATOM 289  H HE21 . GLN A 1 17 ? -6.658  -5.121  -6.593  1.00 1.77 ? 19 GLN A HE21 1 
ATOM 290  H HE22 . GLN A 1 17 ? -8.081  -5.963  -6.211  1.00 2.32 ? 19 GLN A HE22 1 
ATOM 291  N N    . ARG A 1 18 ? -6.168  -0.227  -8.004  1.00 0.47 ? 20 ARG A N    1 
ATOM 292  C CA   . ARG A 1 18 ? -6.166  0.231   -9.429  1.00 0.64 ? 20 ARG A CA   1 
ATOM 293  C C    . ARG A 1 18 ? -6.786  -0.850  -10.320 1.00 0.70 ? 20 ARG A C    1 
ATOM 294  O O    . ARG A 1 18 ? -7.058  -1.946  -9.874  1.00 0.71 ? 20 ARG A O    1 
ATOM 295  C CB   . ARG A 1 18 ? -4.726  0.491   -9.869  1.00 0.67 ? 20 ARG A CB   1 
ATOM 296  C CG   . ARG A 1 18 ? -4.140  1.651   -9.048  1.00 1.00 ? 20 ARG A CG   1 
ATOM 297  C CD   . ARG A 1 18 ? -2.988  2.305   -9.812  1.00 1.06 ? 20 ARG A CD   1 
ATOM 298  N NE   . ARG A 1 18 ? -3.532  3.275   -10.802 1.00 1.57 ? 20 ARG A NE   1 
ATOM 299  C CZ   . ARG A 1 18 ? -2.754  4.193   -11.307 1.00 1.91 ? 20 ARG A CZ   1 
ATOM 300  N NH1  . ARG A 1 18 ? -1.499  4.245   -10.961 1.00 2.24 ? 20 ARG A NH1  1 
ATOM 301  N NH2  . ARG A 1 18 ? -3.231  5.056   -12.161 1.00 2.57 ? 20 ARG A NH2  1 
ATOM 302  H H    . ARG A 1 18 ? -5.448  -0.812  -7.684  1.00 0.40 ? 20 ARG A H    1 
ATOM 303  H HA   . ARG A 1 18 ? -6.741  1.142   -9.521  1.00 0.80 ? 20 ARG A HA   1 
ATOM 304  H HB2  . ARG A 1 18 ? -4.135  -0.400  -9.703  1.00 1.04 ? 20 ARG A HB2  1 
ATOM 305  H HB3  . ARG A 1 18 ? -4.711  0.743   -10.919 1.00 1.20 ? 20 ARG A HB3  1 
ATOM 306  H HG2  . ARG A 1 18 ? -4.903  2.393   -8.863  1.00 1.83 ? 20 ARG A HG2  1 
ATOM 307  H HG3  . ARG A 1 18 ? -3.774  1.272   -8.104  1.00 1.56 ? 20 ARG A HG3  1 
ATOM 308  H HD2  . ARG A 1 18 ? -2.357  2.823   -9.112  1.00 1.48 ? 20 ARG A HD2  1 
ATOM 309  H HD3  . ARG A 1 18 ? -2.413  1.552   -10.330 1.00 1.48 ? 20 ARG A HD3  1 
ATOM 310  H HE   . ARG A 1 18 ? -4.473  3.226   -11.070 1.00 2.15 ? 20 ARG A HE   1 
ATOM 311  H HH11 . ARG A 1 18 ? -1.135  3.581   -10.311 1.00 2.25 ? 20 ARG A HH11 1 
ATOM 312  H HH12 . ARG A 1 18 ? -0.903  4.952   -11.340 1.00 2.85 ? 20 ARG A HH12 1 
ATOM 313  H HH21 . ARG A 1 18 ? -4.193  5.013   -12.431 1.00 2.97 ? 20 ARG A HH21 1 
ATOM 314  H HH22 . ARG A 1 18 ? -2.635  5.761   -12.544 1.00 2.93 ? 20 ARG A HH22 1 
ATOM 315  N N    . LYS A 1 19 ? -7.009  -0.563  -11.580 1.00 0.85 ? 21 LYS A N    1 
ATOM 316  C CA   . LYS A 1 19 ? -7.607  -1.604  -12.469 1.00 0.99 ? 21 LYS A CA   1 
ATOM 317  C C    . LYS A 1 19 ? -6.566  -2.699  -12.703 1.00 0.87 ? 21 LYS A C    1 
ATOM 318  O O    . LYS A 1 19 ? -6.892  -3.811  -13.068 1.00 0.97 ? 21 LYS A O    1 
ATOM 319  C CB   . LYS A 1 19 ? -8.038  -1.023  -13.841 1.00 1.20 ? 21 LYS A CB   1 
ATOM 320  C CG   . LYS A 1 19 ? -8.225  0.510   -13.772 1.00 1.69 ? 21 LYS A CG   1 
ATOM 321  C CD   . LYS A 1 19 ? -6.937  1.232   -14.214 1.00 2.24 ? 21 LYS A CD   1 
ATOM 322  C CE   . LYS A 1 19 ? -7.285  2.644   -14.670 1.00 2.93 ? 21 LYS A CE   1 
ATOM 323  N NZ   . LYS A 1 19 ? -8.222  2.568   -15.831 1.00 3.59 ? 21 LYS A NZ   1 
ATOM 324  H H    . LYS A 1 19 ? -6.783  0.324   -11.935 1.00 0.93 ? 21 LYS A H    1 
ATOM 325  H HA   . LYS A 1 19 ? -8.466  -2.026  -11.975 1.00 1.08 ? 21 LYS A HA   1 
ATOM 326  H HB2  . LYS A 1 19 ? -7.302  -1.271  -14.592 1.00 1.78 ? 21 LYS A HB2  1 
ATOM 327  H HB3  . LYS A 1 19 ? -8.977  -1.476  -14.133 1.00 1.61 ? 21 LYS A HB3  1 
ATOM 328  H HG2  . LYS A 1 19 ? -9.038  0.794   -14.427 1.00 2.18 ? 21 LYS A HG2  1 
ATOM 329  H HG3  . LYS A 1 19 ? -8.474  0.809   -12.765 1.00 2.23 ? 21 LYS A HG3  1 
ATOM 330  H HD2  . LYS A 1 19 ? -6.248  1.281   -13.384 1.00 2.50 ? 21 LYS A HD2  1 
ATOM 331  H HD3  . LYS A 1 19 ? -6.473  0.707   -15.035 1.00 2.54 ? 21 LYS A HD3  1 
ATOM 332  H HE2  . LYS A 1 19 ? -7.759  3.171   -13.858 1.00 3.18 ? 21 LYS A HE2  1 
ATOM 333  H HE3  . LYS A 1 19 ? -6.384  3.158   -14.965 1.00 3.31 ? 21 LYS A HE3  1 
ATOM 334  H HZ1  . LYS A 1 19 ? -7.856  1.891   -16.530 1.00 3.88 ? 21 LYS A HZ1  1 
ATOM 335  H HZ2  . LYS A 1 19 ? -9.157  2.254   -15.501 1.00 4.07 ? 21 LYS A HZ2  1 
ATOM 336  H HZ3  . LYS A 1 19 ? -8.306  3.506   -16.271 1.00 3.81 ? 21 LYS A HZ3  1 
ATOM 337  N N    . ASP A 1 20 ? -5.313  -2.379  -12.529 1.00 0.72 ? 22 ASP A N    1 
ATOM 338  C CA   . ASP A 1 20 ? -4.254  -3.390  -12.775 1.00 0.67 ? 22 ASP A CA   1 
ATOM 339  C C    . ASP A 1 20 ? -4.152  -4.305  -11.559 1.00 0.63 ? 22 ASP A C    1 
ATOM 340  O O    . ASP A 1 20 ? -3.613  -5.389  -11.635 1.00 0.77 ? 22 ASP A O    1 
ATOM 341  C CB   . ASP A 1 20 ? -2.921  -2.676  -12.996 1.00 0.63 ? 22 ASP A CB   1 
ATOM 342  C CG   . ASP A 1 20 ? -3.047  -1.709  -14.174 1.00 1.06 ? 22 ASP A CG   1 
ATOM 343  O OD1  . ASP A 1 20 ? -3.587  -2.111  -15.190 1.00 1.78 ? 22 ASP A OD1  1 
ATOM 344  O OD2  . ASP A 1 20 ? -2.605  -0.580  -14.035 1.00 1.67 ? 22 ASP A OD2  1 
ATOM 345  H H    . ASP A 1 20 ? -5.072  -1.468  -12.258 1.00 0.70 ? 22 ASP A H    1 
ATOM 346  H HA   . ASP A 1 20 ? -4.501  -3.975  -13.648 1.00 0.78 ? 22 ASP A HA   1 
ATOM 347  H HB2  . ASP A 1 20 ? -2.660  -2.125  -12.109 1.00 1.00 ? 22 ASP A HB2  1 
ATOM 348  H HB3  . ASP A 1 20 ? -2.153  -3.402  -13.212 1.00 0.86 ? 22 ASP A HB3  1 
ATOM 349  N N    . GLY A 1 21 ? -4.701  -3.891  -10.444 1.00 0.56 ? 23 GLY A N    1 
ATOM 350  C CA   . GLY A 1 21 ? -4.675  -4.748  -9.218  1.00 0.54 ? 23 GLY A CA   1 
ATOM 351  C C    . GLY A 1 21 ? -3.674  -4.207  -8.198  1.00 0.44 ? 23 GLY A C    1 
ATOM 352  O O    . GLY A 1 21 ? -3.842  -4.388  -7.009  1.00 0.44 ? 23 GLY A O    1 
ATOM 353  H H    . GLY A 1 21 ? -5.148  -3.021  -10.416 1.00 0.63 ? 23 GLY A H    1 
ATOM 354  H HA2  . GLY A 1 21 ? -5.660  -4.752  -8.774  1.00 0.58 ? 23 GLY A HA2  1 
ATOM 355  H HA3  . GLY A 1 21 ? -4.403  -5.761  -9.476  1.00 0.59 ? 23 GLY A HA3  1 
ATOM 356  N N    . ARG A 1 22 ? -2.630  -3.551  -8.630  1.00 0.39 ? 24 ARG A N    1 
ATOM 357  C CA   . ARG A 1 22 ? -1.652  -3.034  -7.634  1.00 0.34 ? 24 ARG A CA   1 
ATOM 358  C C    . ARG A 1 22 ? -2.355  -2.076  -6.682  1.00 0.33 ? 24 ARG A C    1 
ATOM 359  O O    . ARG A 1 22 ? -3.185  -1.281  -7.077  1.00 0.40 ? 24 ARG A O    1 
ATOM 360  C CB   . ARG A 1 22 ? -0.490  -2.314  -8.320  1.00 0.38 ? 24 ARG A CB   1 
ATOM 361  C CG   . ARG A 1 22 ? -1.009  -1.360  -9.395  1.00 0.49 ? 24 ARG A CG   1 
ATOM 362  C CD   . ARG A 1 22 ? 0.141   -0.463  -9.910  1.00 0.54 ? 24 ARG A CD   1 
ATOM 363  N NE   . ARG A 1 22 ? 0.461   -0.852  -11.312 1.00 1.33 ? 24 ARG A NE   1 
ATOM 364  C CZ   . ARG A 1 22 ? 1.277   -0.124  -12.019 1.00 1.64 ? 24 ARG A CZ   1 
ATOM 365  N NH1  . ARG A 1 22 ? 1.875   0.901   -11.475 1.00 1.52 ? 24 ARG A NH1  1 
ATOM 366  N NH2  . ARG A 1 22 ? 1.513   -0.432  -13.265 1.00 2.59 ? 24 ARG A NH2  1 
ATOM 367  H H    . ARG A 1 22 ? -2.491  -3.409  -9.590  1.00 0.42 ? 24 ARG A H    1 
ATOM 368  H HA   . ARG A 1 22 ? -1.265  -3.864  -7.067  1.00 0.35 ? 24 ARG A HA   1 
ATOM 369  H HB2  . ARG A 1 22 ? 0.058   -1.746  -7.581  1.00 0.42 ? 24 ARG A HB2  1 
ATOM 370  H HB3  . ARG A 1 22 ? 0.163   -3.041  -8.775  1.00 0.51 ? 24 ARG A HB3  1 
ATOM 371  H HG2  . ARG A 1 22 ? -1.398  -1.942  -10.214 1.00 0.70 ? 24 ARG A HG2  1 
ATOM 372  H HG3  . ARG A 1 22 ? -1.797  -0.748  -8.984  1.00 0.59 ? 24 ARG A HG3  1 
ATOM 373  H HD2  . ARG A 1 22 ? -0.162  0.569   -9.896  1.00 1.05 ? 24 ARG A HD2  1 
ATOM 374  H HD3  . ARG A 1 22 ? 1.022   -0.575  -9.290  1.00 1.03 ? 24 ARG A HD3  1 
ATOM 375  H HE   . ARG A 1 22 ? 0.040   -1.644  -11.709 1.00 2.00 ? 24 ARG A HE   1 
ATOM 376  H HH11 . ARG A 1 22 ? 1.706   1.127   -10.516 1.00 1.45 ? 24 ARG A HH11 1 
ATOM 377  H HH12 . ARG A 1 22 ? 2.504   1.458   -12.017 1.00 2.01 ? 24 ARG A HH12 1 
ATOM 378  H HH21 . ARG A 1 22 ? 1.068   -1.227  -13.676 1.00 3.15 ? 24 ARG A HH21 1 
ATOM 379  H HH22 . ARG A 1 22 ? 2.140   0.126   -13.808 1.00 2.88 ? 24 ARG A HH22 1 
ATOM 380  N N    . TYR A 1 23 ? -2.032  -2.158  -5.426  1.00 0.31 ? 25 TYR A N    1 
ATOM 381  C CA   . TYR A 1 23 ? -2.673  -1.272  -4.426  1.00 0.33 ? 25 TYR A CA   1 
ATOM 382  C C    . TYR A 1 23 ? -1.987  0.098   -4.433  1.00 0.36 ? 25 TYR A C    1 
ATOM 383  O O    . TYR A 1 23 ? -0.981  0.301   -5.088  1.00 0.41 ? 25 TYR A O    1 
ATOM 384  C CB   . TYR A 1 23 ? -2.542  -1.917  -3.051  1.00 0.38 ? 25 TYR A CB   1 
ATOM 385  C CG   . TYR A 1 23 ? -3.300  -3.225  -3.024  1.00 0.37 ? 25 TYR A CG   1 
ATOM 386  C CD1  . TYR A 1 23 ? -4.699  -3.223  -3.073  1.00 0.43 ? 25 TYR A CD1  1 
ATOM 387  C CD2  . TYR A 1 23 ? -2.605  -4.440  -2.943  1.00 0.40 ? 25 TYR A CD2  1 
ATOM 388  C CE1  . TYR A 1 23 ? -5.401  -4.434  -3.044  1.00 0.49 ? 25 TYR A CE1  1 
ATOM 389  C CE2  . TYR A 1 23 ? -3.308  -5.648  -2.912  1.00 0.44 ? 25 TYR A CE2  1 
ATOM 390  C CZ   . TYR A 1 23 ? -4.706  -5.646  -2.962  1.00 0.48 ? 25 TYR A CZ   1 
ATOM 391  O OH   . TYR A 1 23 ? -5.399  -6.840  -2.929  1.00 0.57 ? 25 TYR A OH   1 
ATOM 392  H H    . TYR A 1 23 ? -1.366  -2.814  -5.135  1.00 0.34 ? 25 TYR A H    1 
ATOM 393  H HA   . TYR A 1 23 ? -3.720  -1.154  -4.667  1.00 0.34 ? 25 TYR A HA   1 
ATOM 394  H HB2  . TYR A 1 23 ? -1.498  -2.103  -2.847  1.00 0.41 ? 25 TYR A HB2  1 
ATOM 395  H HB3  . TYR A 1 23 ? -2.948  -1.253  -2.308  1.00 0.43 ? 25 TYR A HB3  1 
ATOM 396  H HD1  . TYR A 1 23 ? -5.237  -2.289  -3.137  1.00 0.48 ? 25 TYR A HD1  1 
ATOM 397  H HD2  . TYR A 1 23 ? -1.526  -4.442  -2.905  1.00 0.44 ? 25 TYR A HD2  1 
ATOM 398  H HE1  . TYR A 1 23 ? -6.479  -4.433  -3.082  1.00 0.58 ? 25 TYR A HE1  1 
ATOM 399  H HE2  . TYR A 1 23 ? -2.771  -6.583  -2.849  1.00 0.49 ? 25 TYR A HE2  1 
ATOM 400  H HH   . TYR A 1 23 ? -6.212  -6.725  -3.426  1.00 1.07 ? 25 TYR A HH   1 
ATOM 401  N N    . LEU A 1 24 ? -2.541  1.041   -3.718  1.00 0.38 ? 26 LEU A N    1 
ATOM 402  C CA   . LEU A 1 24 ? -1.961  2.413   -3.677  1.00 0.43 ? 26 LEU A CA   1 
ATOM 403  C C    . LEU A 1 24 ? -2.343  3.076   -2.347  1.00 0.42 ? 26 LEU A C    1 
ATOM 404  O O    . LEU A 1 24 ? -3.487  3.058   -1.938  1.00 0.48 ? 26 LEU A O    1 
ATOM 405  C CB   . LEU A 1 24 ? -2.552  3.206   -4.861  1.00 0.50 ? 26 LEU A CB   1 
ATOM 406  C CG   . LEU A 1 24 ? -2.340  4.743   -4.716  1.00 0.64 ? 26 LEU A CG   1 
ATOM 407  C CD1  . LEU A 1 24 ? -0.992  5.169   -5.300  1.00 1.44 ? 26 LEU A CD1  1 
ATOM 408  C CD2  . LEU A 1 24 ? -3.464  5.479   -5.453  1.00 1.30 ? 26 LEU A CD2  1 
ATOM 409  H H    . LEU A 1 24 ? -3.353  0.848   -3.212  1.00 0.38 ? 26 LEU A H    1 
ATOM 410  H HA   . LEU A 1 24 ? -0.883  2.366   -3.769  1.00 0.49 ? 26 LEU A HA   1 
ATOM 411  H HB2  . LEU A 1 24 ? -2.085  2.863   -5.773  1.00 0.76 ? 26 LEU A HB2  1 
ATOM 412  H HB3  . LEU A 1 24 ? -3.610  2.996   -4.919  1.00 0.77 ? 26 LEU A HB3  1 
ATOM 413  H HG   . LEU A 1 24 ? -2.363  5.034   -3.687  1.00 1.37 ? 26 LEU A HG   1 
ATOM 414  H HD11 . LEU A 1 24 ? -0.834  4.681   -6.239  1.00 2.14 ? 26 LEU A HD11 1 
ATOM 415  H HD12 . LEU A 1 24 ? -0.993  6.236   -5.453  1.00 1.94 ? 26 LEU A HD12 1 
ATOM 416  H HD13 . LEU A 1 24 ? -0.200  4.904   -4.614  1.00 1.86 ? 26 LEU A HD13 1 
ATOM 417  H HD21 . LEU A 1 24 ? -3.606  5.036   -6.427  1.00 1.94 ? 26 LEU A HD21 1 
ATOM 418  H HD22 . LEU A 1 24 ? -4.379  5.395   -4.883  1.00 1.91 ? 26 LEU A HD22 1 
ATOM 419  H HD23 . LEU A 1 24 ? -3.204  6.521   -5.562  1.00 1.70 ? 26 LEU A HD23 1 
ATOM 420  N N    . TYR A 1 25 ? -1.395  3.702   -1.697  1.00 0.37 ? 27 TYR A N    1 
ATOM 421  C CA   . TYR A 1 25 ? -1.681  4.417   -0.416  1.00 0.38 ? 27 TYR A CA   1 
ATOM 422  C C    . TYR A 1 25 ? -1.011  5.788   -0.482  1.00 0.36 ? 27 TYR A C    1 
ATOM 423  O O    . TYR A 1 25 ? -0.179  6.036   -1.332  1.00 0.41 ? 27 TYR A O    1 
ATOM 424  C CB   . TYR A 1 25 ? -1.127  3.620   0.768   1.00 0.41 ? 27 TYR A CB   1 
ATOM 425  C CG   . TYR A 1 25 ? -1.362  4.386   2.054   1.00 0.44 ? 27 TYR A CG   1 
ATOM 426  C CD1  . TYR A 1 25 ? -2.669  4.637   2.491   1.00 0.48 ? 27 TYR A CD1  1 
ATOM 427  C CD2  . TYR A 1 25 ? -0.274  4.827   2.822   1.00 0.45 ? 27 TYR A CD2  1 
ATOM 428  C CE1  . TYR A 1 25 ? -2.888  5.326   3.690   1.00 0.52 ? 27 TYR A CE1  1 
ATOM 429  C CE2  . TYR A 1 25 ? -0.500  5.521   4.020   1.00 0.49 ? 27 TYR A CE2  1 
ATOM 430  C CZ   . TYR A 1 25 ? -1.805  5.769   4.452   1.00 0.52 ? 27 TYR A CZ   1 
ATOM 431  O OH   . TYR A 1 25 ? -2.025  6.446   5.633   1.00 0.57 ? 27 TYR A OH   1 
ATOM 432  H H    . TYR A 1 25 ? -0.491  3.726   -2.070  1.00 0.36 ? 27 TYR A H    1 
ATOM 433  H HA   . TYR A 1 25 ? -2.748  4.552   -0.296  1.00 0.39 ? 27 TYR A HA   1 
ATOM 434  H HB2  . TYR A 1 25 ? -1.628  2.666   0.820   1.00 0.44 ? 27 TYR A HB2  1 
ATOM 435  H HB3  . TYR A 1 25 ? -0.071  3.459   0.633   1.00 0.41 ? 27 TYR A HB3  1 
ATOM 436  H HD1  . TYR A 1 25 ? -3.508  4.310   1.899   1.00 0.51 ? 27 TYR A HD1  1 
ATOM 437  H HD2  . TYR A 1 25 ? 0.736   4.637   2.486   1.00 0.45 ? 27 TYR A HD2  1 
ATOM 438  H HE1  . TYR A 1 25 ? -3.895  5.515   4.028   1.00 0.58 ? 27 TYR A HE1  1 
ATOM 439  H HE2  . TYR A 1 25 ? 0.333   5.867   4.611   1.00 0.52 ? 27 TYR A HE2  1 
ATOM 440  H HH   . TYR A 1 25 ? -1.758  7.360   5.505   1.00 1.09 ? 27 TYR A HH   1 
ATOM 441  N N    . LYS A 1 26 ? -1.374  6.688   0.392   1.00 0.35 ? 28 LYS A N    1 
ATOM 442  C CA   . LYS A 1 26 ? -0.769  8.056   0.372   1.00 0.36 ? 28 LYS A CA   1 
ATOM 443  C C    . LYS A 1 26 ? -0.340  8.442   1.787   1.00 0.38 ? 28 LYS A C    1 
ATOM 444  O O    . LYS A 1 26 ? -1.041  8.199   2.749   1.00 0.42 ? 28 LYS A O    1 
ATOM 445  C CB   . LYS A 1 26 ? -1.819  9.051   -0.136  1.00 0.42 ? 28 LYS A CB   1 
ATOM 446  C CG   . LYS A 1 26 ? -1.214  10.470  -0.259  1.00 0.52 ? 28 LYS A CG   1 
ATOM 447  C CD   . LYS A 1 26 ? -2.307  11.520  -0.032  1.00 0.80 ? 28 LYS A CD   1 
ATOM 448  C CE   . LYS A 1 26 ? -1.681  12.912  -0.033  1.00 0.87 ? 28 LYS A CE   1 
ATOM 449  N NZ   . LYS A 1 26 ? -2.670  13.902  0.474   1.00 1.70 ? 28 LYS A NZ   1 
ATOM 450  H H    . LYS A 1 26 ? -2.056  6.470   1.062   1.00 0.38 ? 28 LYS A H    1 
ATOM 451  H HA   . LYS A 1 26 ? 0.094   8.082   -0.281  1.00 0.37 ? 28 LYS A HA   1 
ATOM 452  H HB2  . LYS A 1 26 ? -2.170  8.727   -1.108  1.00 0.50 ? 28 LYS A HB2  1 
ATOM 453  H HB3  . LYS A 1 26 ? -2.649  9.063   0.553   1.00 0.55 ? 28 LYS A HB3  1 
ATOM 454  H HG2  . LYS A 1 26 ? -0.433  10.611  0.471   1.00 0.80 ? 28 LYS A HG2  1 
ATOM 455  H HG3  . LYS A 1 26 ? -0.798  10.600  -1.248  1.00 0.88 ? 28 LYS A HG3  1 
ATOM 456  H HD2  . LYS A 1 26 ? -3.039  11.453  -0.822  1.00 1.21 ? 28 LYS A HD2  1 
ATOM 457  H HD3  . LYS A 1 26 ? -2.784  11.346  0.921   1.00 1.20 ? 28 LYS A HD3  1 
ATOM 458  H HE2  . LYS A 1 26 ? -0.807  12.916  0.603   1.00 0.99 ? 28 LYS A HE2  1 
ATOM 459  H HE3  . LYS A 1 26 ? -1.398  13.171  -1.037  1.00 1.36 ? 28 LYS A HE3  1 
ATOM 460  H HZ1  . LYS A 1 26 ? -3.331  13.431  1.124   1.00 2.16 ? 28 LYS A HZ1  1 
ATOM 461  H HZ2  . LYS A 1 26 ? -2.171  14.665  0.976   1.00 2.10 ? 28 LYS A HZ2  1 
ATOM 462  H HZ3  . LYS A 1 26 ? -3.200  14.302  -0.326  1.00 2.23 ? 28 LYS A HZ3  1 
ATOM 463  N N    . TYR A 1 27 ? 0.805   9.061   1.922   1.00 0.41 ? 29 TYR A N    1 
ATOM 464  C CA   . TYR A 1 27 ? 1.279   9.483   3.278   1.00 0.49 ? 29 TYR A CA   1 
ATOM 465  C C    . TYR A 1 27 ? 2.024   10.818  3.162   1.00 0.52 ? 29 TYR A C    1 
ATOM 466  O O    . TYR A 1 27 ? 2.349   11.260  2.078   1.00 0.57 ? 29 TYR A O    1 
ATOM 467  C CB   . TYR A 1 27 ? 2.204   8.404   3.859   1.00 0.52 ? 29 TYR A CB   1 
ATOM 468  C CG   . TYR A 1 27 ? 3.571   8.475   3.216   1.00 0.47 ? 29 TYR A CG   1 
ATOM 469  C CD1  . TYR A 1 27 ? 3.762   7.990   1.917   1.00 0.48 ? 29 TYR A CD1  1 
ATOM 470  C CD2  . TYR A 1 27 ? 4.646   9.027   3.924   1.00 0.48 ? 29 TYR A CD2  1 
ATOM 471  C CE1  . TYR A 1 27 ? 5.028   8.062   1.326   1.00 0.51 ? 29 TYR A CE1  1 
ATOM 472  C CE2  . TYR A 1 27 ? 5.911   9.097   3.334   1.00 0.48 ? 29 TYR A CE2  1 
ATOM 473  C CZ   . TYR A 1 27 ? 6.103   8.613   2.034   1.00 0.50 ? 29 TYR A CZ   1 
ATOM 474  O OH   . TYR A 1 27 ? 7.352   8.682   1.450   1.00 0.58 ? 29 TYR A OH   1 
ATOM 475  H H    . TYR A 1 27 ? 1.350   9.259   1.127   1.00 0.41 ? 29 TYR A H    1 
ATOM 476  H HA   . TYR A 1 27 ? 0.428   9.615   3.935   1.00 0.56 ? 29 TYR A HA   1 
ATOM 477  H HB2  . TYR A 1 27 ? 2.298   8.551   4.925   1.00 0.59 ? 29 TYR A HB2  1 
ATOM 478  H HB3  . TYR A 1 27 ? 1.774   7.432   3.671   1.00 0.55 ? 29 TYR A HB3  1 
ATOM 479  H HD1  . TYR A 1 27 ? 2.932   7.566   1.373   1.00 0.52 ? 29 TYR A HD1  1 
ATOM 480  H HD2  . TYR A 1 27 ? 4.495   9.402   4.926   1.00 0.54 ? 29 TYR A HD2  1 
ATOM 481  H HE1  . TYR A 1 27 ? 5.177   7.687   0.324   1.00 0.58 ? 29 TYR A HE1  1 
ATOM 482  H HE2  . TYR A 1 27 ? 6.739   9.520   3.881   1.00 0.53 ? 29 TYR A HE2  1 
ATOM 483  H HH   . TYR A 1 27 ? 7.872   7.943   1.777   1.00 0.99 ? 29 TYR A HH   1 
ATOM 484  N N    . ILE A 1 28 ? 2.295   11.466  4.270   1.00 0.57 ? 30 ILE A N    1 
ATOM 485  C CA   . ILE A 1 28 ? 3.015   12.779  4.224   1.00 0.64 ? 30 ILE A CA   1 
ATOM 486  C C    . ILE A 1 28 ? 4.486   12.583  4.592   1.00 0.66 ? 30 ILE A C    1 
ATOM 487  O O    . ILE A 1 28 ? 4.819   11.833  5.487   1.00 0.71 ? 30 ILE A O    1 
ATOM 488  C CB   . ILE A 1 28 ? 2.377   13.757  5.221   1.00 0.77 ? 30 ILE A CB   1 
ATOM 489  C CG1  . ILE A 1 28 ? 0.844   13.788  5.037   1.00 0.94 ? 30 ILE A CG1  1 
ATOM 490  C CG2  . ILE A 1 28 ? 2.955   15.168  5.016   1.00 0.92 ? 30 ILE A CG2  1 
ATOM 491  C CD1  . ILE A 1 28 ? 0.442   14.481  3.720   1.00 1.13 ? 30 ILE A CD1  1 
ATOM 492  H H    . ILE A 1 28 ? 2.020   11.092  5.133   1.00 0.61 ? 30 ILE A H    1 
ATOM 493  H HA   . ILE A 1 28 ? 2.964   13.187  3.228   1.00 0.64 ? 30 ILE A HA   1 
ATOM 494  H HB   . ILE A 1 28 ? 2.606   13.428  6.227   1.00 0.83 ? 30 ILE A HB   1 
ATOM 495  H HG12 . ILE A 1 28 ? 0.464   12.778  5.038   1.00 1.59 ? 30 ILE A HG12 1 
ATOM 496  H HG13 . ILE A 1 28 ? 0.404   14.326  5.864   1.00 1.56 ? 30 ILE A HG13 1 
ATOM 497  H HG21 . ILE A 1 28 ? 3.104   15.356  3.964   1.00 1.58 ? 30 ILE A HG21 1 
ATOM 498  H HG22 . ILE A 1 28 ? 2.272   15.903  5.416   1.00 1.23 ? 30 ILE A HG22 1 
ATOM 499  H HG23 . ILE A 1 28 ? 3.901   15.242  5.531   1.00 1.39 ? 30 ILE A HG23 1 
ATOM 500  H HD11 . ILE A 1 28 ? 1.298   14.635  3.088   1.00 1.66 ? 30 ILE A HD11 1 
ATOM 501  H HD12 . ILE A 1 28 ? -0.273  13.862  3.200   1.00 1.72 ? 30 ILE A HD12 1 
ATOM 502  H HD13 . ILE A 1 28 ? -0.007  15.434  3.945   1.00 1.64 ? 30 ILE A HD13 1 
ATOM 503  N N    . ASP A 1 29 ? 5.371   13.256  3.901   1.00 0.70 ? 31 ASP A N    1 
ATOM 504  C CA   . ASP A 1 29 ? 6.826   13.118  4.198   1.00 0.79 ? 31 ASP A CA   1 
ATOM 505  C C    . ASP A 1 29 ? 7.239   14.124  5.281   1.00 0.92 ? 31 ASP A C    1 
ATOM 506  O O    . ASP A 1 29 ? 6.424   14.847  5.818   1.00 0.94 ? 31 ASP A O    1 
ATOM 507  C CB   . ASP A 1 29 ? 7.619   13.387  2.923   1.00 0.88 ? 31 ASP A CB   1 
ATOM 508  C CG   . ASP A 1 29 ? 7.131   12.461  1.812   1.00 1.17 ? 31 ASP A CG   1 
ATOM 509  O OD1  . ASP A 1 29 ? 6.002   12.007  1.897   1.00 1.89 ? 31 ASP A OD1  1 
ATOM 510  O OD2  . ASP A 1 29 ? 7.893   12.229  0.889   1.00 1.73 ? 31 ASP A OD2  1 
ATOM 511  H H    . ASP A 1 29 ? 5.078   13.858  3.183   1.00 0.71 ? 31 ASP A H    1 
ATOM 512  H HA   . ASP A 1 29 ? 7.033   12.114  4.542   1.00 0.78 ? 31 ASP A HA   1 
ATOM 513  H HB2  . ASP A 1 29 ? 7.472   14.413  2.621   1.00 1.30 ? 31 ASP A HB2  1 
ATOM 514  H HB3  . ASP A 1 29 ? 8.667   13.203  3.105   1.00 1.26 ? 31 ASP A HB3  1 
ATOM 515  N N    . SER A 1 30 ? 8.506   14.173  5.598   1.00 1.08 ? 32 SER A N    1 
ATOM 516  C CA   . SER A 1 30 ? 8.999   15.128  6.637   1.00 1.26 ? 32 SER A CA   1 
ATOM 517  C C    . SER A 1 30 ? 8.957   16.551  6.111   1.00 1.27 ? 32 SER A C    1 
ATOM 518  O O    . SER A 1 30 ? 9.209   17.494  6.836   1.00 1.45 ? 32 SER A O    1 
ATOM 519  C CB   . SER A 1 30 ? 10.436  14.759  7.028   1.00 1.42 ? 32 SER A CB   1 
ATOM 520  O OG   . SER A 1 30 ? 10.404  13.839  8.101   1.00 2.13 ? 32 SER A OG   1 
ATOM 521  H H    . SER A 1 30 ? 9.143   13.579  5.147   1.00 1.11 ? 32 SER A H    1 
ATOM 522  H HA   . SER A 1 30 ? 8.369   15.076  7.496   1.00 1.31 ? 32 SER A HA   1 
ATOM 523  H HB2  . SER A 1 30 ? 10.931  14.301  6.189   1.00 1.73 ? 32 SER A HB2  1 
ATOM 524  H HB3  . SER A 1 30 ? 10.983  15.647  7.325   1.00 1.72 ? 32 SER A HB3  1 
ATOM 525  H HG   . SER A 1 30 ? 10.986  14.168  8.794   1.00 2.53 ? 32 SER A HG   1 
ATOM 526  N N    . PHE A 1 31 ? 8.667   16.722  4.858   1.00 1.14 ? 33 PHE A N    1 
ATOM 527  C CA   . PHE A 1 31 ? 8.636   18.093  4.279   1.00 1.21 ? 33 PHE A CA   1 
ATOM 528  C C    . PHE A 1 31 ? 7.184   18.567  4.176   1.00 1.15 ? 33 PHE A C    1 
ATOM 529  O O    . PHE A 1 31 ? 6.916   19.714  3.875   1.00 1.28 ? 33 PHE A O    1 
ATOM 530  C CB   . PHE A 1 31 ? 9.301   18.035  2.910   1.00 1.22 ? 33 PHE A CB   1 
ATOM 531  C CG   . PHE A 1 31 ? 10.567  17.213  3.036   1.00 1.29 ? 33 PHE A CG   1 
ATOM 532  C CD1  . PHE A 1 31 ? 10.500  15.815  2.992   1.00 1.01 ? 33 PHE A CD1  1 
ATOM 533  C CD2  . PHE A 1 31 ? 11.803  17.846  3.201   1.00 1.81 ? 33 PHE A CD2  1 
ATOM 534  C CE1  . PHE A 1 31 ? 11.665  15.049  3.109   1.00 1.12 ? 33 PHE A CE1  1 
ATOM 535  C CE2  . PHE A 1 31 ? 12.971  17.081  3.320   1.00 1.92 ? 33 PHE A CE2  1 
ATOM 536  C CZ   . PHE A 1 31 ? 12.902  15.683  3.274   1.00 1.52 ? 33 PHE A CZ   1 
ATOM 537  H H    . PHE A 1 31 ? 8.483   15.945  4.288   1.00 1.03 ? 33 PHE A H    1 
ATOM 538  H HA   . PHE A 1 31 ? 9.189   18.778  4.909   1.00 1.35 ? 33 PHE A HA   1 
ATOM 539  H HB2  . PHE A 1 31 ? 8.635   17.574  2.200   1.00 1.15 ? 33 PHE A HB2  1 
ATOM 540  H HB3  . PHE A 1 31 ? 9.550   19.033  2.583   1.00 1.33 ? 33 PHE A HB3  1 
ATOM 541  H HD1  . PHE A 1 31 ? 9.550   15.329  2.877   1.00 0.94 ? 33 PHE A HD1  1 
ATOM 542  H HD2  . PHE A 1 31 ? 11.856  18.923  3.239   1.00 2.18 ? 33 PHE A HD2  1 
ATOM 543  H HE1  . PHE A 1 31 ? 11.609  13.967  3.073   1.00 1.09 ? 33 PHE A HE1  1 
ATOM 544  H HE2  . PHE A 1 31 ? 13.925  17.570  3.449   1.00 2.37 ? 33 PHE A HE2  1 
ATOM 545  H HZ   . PHE A 1 31 ? 13.803  15.094  3.365   1.00 1.64 ? 33 PHE A HZ   1 
ATOM 546  N N    . GLY A 1 32 ? 6.242   17.702  4.458   1.00 1.00 ? 34 GLY A N    1 
ATOM 547  C CA   . GLY A 1 32 ? 4.805   18.110  4.416   1.00 0.99 ? 34 GLY A CA   1 
ATOM 548  C C    . GLY A 1 32 ? 4.243   17.933  3.010   1.00 0.91 ? 34 GLY A C    1 
ATOM 549  O O    . GLY A 1 32 ? 3.089   18.215  2.754   1.00 0.92 ? 34 GLY A O    1 
ATOM 550  H H    . GLY A 1 32 ? 6.480   16.787  4.717   1.00 0.94 ? 34 GLY A H    1 
ATOM 551  H HA2  . GLY A 1 32 ? 4.241   17.502  5.105   1.00 1.00 ? 34 GLY A HA2  1 
ATOM 552  H HA3  . GLY A 1 32 ? 4.715   19.147  4.705   1.00 1.08 ? 34 GLY A HA3  1 
ATOM 553  N N    . GLU A 1 33 ? 5.043   17.475  2.090   1.00 0.87 ? 35 GLU A N    1 
ATOM 554  C CA   . GLU A 1 33 ? 4.544   17.293  0.700   1.00 0.85 ? 35 GLU A CA   1 
ATOM 555  C C    . GLU A 1 33 ? 3.844   15.925  0.582   1.00 0.75 ? 35 GLU A C    1 
ATOM 556  O O    . GLU A 1 33 ? 4.211   14.987  1.261   1.00 0.73 ? 35 GLU A O    1 
ATOM 557  C CB   . GLU A 1 33 ? 5.730   17.364  -0.262  1.00 0.90 ? 35 GLU A CB   1 
ATOM 558  C CG   . GLU A 1 33 ? 6.734   16.262  0.072   1.00 0.93 ? 35 GLU A CG   1 
ATOM 559  C CD   . GLU A 1 33 ? 7.961   16.396  -0.830  1.00 1.30 ? 35 GLU A CD   1 
ATOM 560  O OE1  . GLU A 1 33 ? 7.818   16.186  -2.023  1.00 1.89 ? 35 GLU A OE1  1 
ATOM 561  O OE2  . GLU A 1 33 ? 9.020   16.705  -0.313  1.00 1.85 ? 35 GLU A OE2  1 
ATOM 562  H H    . GLU A 1 33 ? 5.972   17.257  2.311   1.00 0.90 ? 35 GLU A H    1 
ATOM 563  H HA   . GLU A 1 33 ? 3.855   18.087  0.472   1.00 0.90 ? 35 GLU A HA   1 
ATOM 564  H HB2  . GLU A 1 33 ? 5.382   17.242  -1.277  1.00 0.93 ? 35 GLU A HB2  1 
ATOM 565  H HB3  . GLU A 1 33 ? 6.211   18.324  -0.157  1.00 0.98 ? 35 GLU A HB3  1 
ATOM 566  H HG2  . GLU A 1 33 ? 7.028   16.342  1.104   1.00 1.19 ? 35 GLU A HG2  1 
ATOM 567  H HG3  . GLU A 1 33 ? 6.283   15.311  -0.090  1.00 1.00 ? 35 GLU A HG3  1 
ATOM 568  N N    . PRO A 1 34 ? 2.842   15.808  -0.264  1.00 0.74 ? 36 PRO A N    1 
ATOM 569  C CA   . PRO A 1 34 ? 2.089   14.527  -0.452  1.00 0.67 ? 36 PRO A CA   1 
ATOM 570  C C    . PRO A 1 34 ? 2.856   13.497  -1.295  1.00 0.63 ? 36 PRO A C    1 
ATOM 571  O O    . PRO A 1 34 ? 3.388   13.813  -2.341  1.00 0.74 ? 36 PRO A O    1 
ATOM 572  C CB   . PRO A 1 34 ? 0.822   14.972  -1.189  1.00 0.73 ? 36 PRO A CB   1 
ATOM 573  C CG   . PRO A 1 34 ? 1.239   16.174  -1.970  1.00 0.84 ? 36 PRO A CG   1 
ATOM 574  C CD   . PRO A 1 34 ? 2.304   16.879  -1.127  1.00 0.86 ? 36 PRO A CD   1 
ATOM 575  H HA   . PRO A 1 34 ? 1.822   14.103  0.503   1.00 0.64 ? 36 PRO A HA   1 
ATOM 576  H HB2  . PRO A 1 34 ? 0.473   14.194  -1.855  1.00 0.71 ? 36 PRO A HB2  1 
ATOM 577  H HB3  . PRO A 1 34 ? 0.048   15.238  -0.484  1.00 0.76 ? 36 PRO A HB3  1 
ATOM 578  H HG2  . PRO A 1 34 ? 1.654   15.870  -2.923  1.00 0.87 ? 36 PRO A HG2  1 
ATOM 579  H HG3  . PRO A 1 34 ? 0.398   16.833  -2.124  1.00 0.92 ? 36 PRO A HG3  1 
ATOM 580  H HD2  . PRO A 1 34 ? 3.082   17.290  -1.758  1.00 0.94 ? 36 PRO A HD2  1 
ATOM 581  H HD3  . PRO A 1 34 ? 1.852   17.653  -0.523  1.00 0.93 ? 36 PRO A HD3  1 
ATOM 582  N N    . GLN A 1 35 ? 2.884   12.257  -0.857  1.00 0.54 ? 37 GLN A N    1 
ATOM 583  C CA   . GLN A 1 35 ? 3.584   11.180  -1.636  1.00 0.55 ? 37 GLN A CA   1 
ATOM 584  C C    . GLN A 1 35 ? 2.614   10.026  -1.857  1.00 0.48 ? 37 GLN A C    1 
ATOM 585  O O    . GLN A 1 35 ? 1.544   9.973   -1.285  1.00 0.45 ? 37 GLN A O    1 
ATOM 586  C CB   . GLN A 1 35 ? 4.812   10.653  -0.858  1.00 0.60 ? 37 GLN A CB   1 
ATOM 587  C CG   . GLN A 1 35 ? 6.077   11.369  -1.330  1.00 1.05 ? 37 GLN A CG   1 
ATOM 588  C CD   . GLN A 1 35 ? 5.941   12.855  -1.040  1.00 1.59 ? 37 GLN A CD   1 
ATOM 589  O OE1  . GLN A 1 35 ? 6.540   13.674  -1.709  1.00 2.46 ? 37 GLN A OE1  1 
ATOM 590  N NE2  . GLN A 1 35 ? 5.163   13.239  -0.064  1.00 1.41 ? 37 GLN A NE2  1 
ATOM 591  H H    . GLN A 1 35 ? 2.428   12.028  -0.021  1.00 0.52 ? 37 GLN A H    1 
ATOM 592  H HA   . GLN A 1 35 ? 3.894   11.560  -2.602  1.00 0.63 ? 37 GLN A HA   1 
ATOM 593  H HB2  . GLN A 1 35 ? 4.670   10.830  0.196   1.00 1.13 ? 37 GLN A HB2  1 
ATOM 594  H HB3  . GLN A 1 35 ? 4.932   9.591   -1.023  1.00 1.09 ? 37 GLN A HB3  1 
ATOM 595  H HG2  . GLN A 1 35 ? 6.933   10.969  -0.809  1.00 1.39 ? 37 GLN A HG2  1 
ATOM 596  H HG3  . GLN A 1 35 ? 6.201   11.221  -2.392  1.00 1.38 ? 37 GLN A HG3  1 
ATOM 597  H HE21 . GLN A 1 35 ? 4.681   12.577  0.467   1.00 1.19 ? 37 GLN A HE21 1 
ATOM 598  H HE22 . GLN A 1 35 ? 5.050   14.188  0.129   1.00 1.84 ? 37 GLN A HE22 1 
ATOM 599  N N    . PHE A 1 36 ? 3.001   9.090   -2.674  1.00 0.49 ? 38 PHE A N    1 
ATOM 600  C CA   . PHE A 1 36 ? 2.137   7.911   -2.937  1.00 0.45 ? 38 PHE A CA   1 
ATOM 601  C C    . PHE A 1 36 ? 3.019   6.673   -3.048  1.00 0.45 ? 38 PHE A C    1 
ATOM 602  O O    . PHE A 1 36 ? 4.120   6.732   -3.558  1.00 0.54 ? 38 PHE A O    1 
ATOM 603  C CB   . PHE A 1 36 ? 1.389   8.116   -4.249  1.00 0.50 ? 38 PHE A CB   1 
ATOM 604  C CG   . PHE A 1 36 ? 0.457   9.296   -4.133  1.00 0.53 ? 38 PHE A CG   1 
ATOM 605  C CD1  . PHE A 1 36 ? 0.922   10.584  -4.425  1.00 0.65 ? 38 PHE A CD1  1 
ATOM 606  C CD2  . PHE A 1 36 ? -0.875  9.105   -3.745  1.00 0.52 ? 38 PHE A CD2  1 
ATOM 607  C CE1  . PHE A 1 36 ? 0.056   11.680  -4.329  1.00 0.73 ? 38 PHE A CE1  1 
ATOM 608  C CE2  . PHE A 1 36 ? -1.740  10.200  -3.648  1.00 0.60 ? 38 PHE A CE2  1 
ATOM 609  C CZ   . PHE A 1 36 ? -1.274  11.488  -3.941  1.00 0.69 ? 38 PHE A CZ   1 
ATOM 610  H H    . PHE A 1 36 ? 3.880   9.154   -3.108  1.00 0.56 ? 38 PHE A H    1 
ATOM 611  H HA   . PHE A 1 36 ? 1.430   7.778   -2.134  1.00 0.43 ? 38 PHE A HA   1 
ATOM 612  H HB2  . PHE A 1 36 ? 2.098   8.295   -5.038  1.00 0.59 ? 38 PHE A HB2  1 
ATOM 613  H HB3  . PHE A 1 36 ? 0.821   7.230   -4.474  1.00 0.50 ? 38 PHE A HB3  1 
ATOM 614  H HD1  . PHE A 1 36 ? 1.949   10.731  -4.724  1.00 0.73 ? 38 PHE A HD1  1 
ATOM 615  H HD2  . PHE A 1 36 ? -1.232  8.112   -3.518  1.00 0.52 ? 38 PHE A HD2  1 
ATOM 616  H HE1  . PHE A 1 36 ? 0.416   12.673  -4.555  1.00 0.85 ? 38 PHE A HE1  1 
ATOM 617  H HE2  . PHE A 1 36 ? -2.767  10.054  -3.348  1.00 0.65 ? 38 PHE A HE2  1 
ATOM 618  H HZ   . PHE A 1 36 ? -1.942  12.334  -3.867  1.00 0.78 ? 38 PHE A HZ   1 
ATOM 619  N N    . VAL A 1 37 ? 2.543   5.551   -2.579  1.00 0.38 ? 39 VAL A N    1 
ATOM 620  C CA   . VAL A 1 37 ? 3.341   4.291   -2.652  1.00 0.39 ? 39 VAL A CA   1 
ATOM 621  C C    . VAL A 1 37 ? 2.553   3.260   -3.460  1.00 0.36 ? 39 VAL A C    1 
ATOM 622  O O    . VAL A 1 37 ? 1.341   3.297   -3.522  1.00 0.39 ? 39 VAL A O    1 
ATOM 623  C CB   . VAL A 1 37 ? 3.583   3.768   -1.220  1.00 0.41 ? 39 VAL A CB   1 
ATOM 624  C CG1  . VAL A 1 37 ? 4.853   4.409   -0.597  1.00 0.49 ? 39 VAL A CG1  1 
ATOM 625  C CG2  . VAL A 1 37 ? 2.354   4.102   -0.352  1.00 0.43 ? 39 VAL A CG2  1 
ATOM 626  H H    . VAL A 1 37 ? 1.652   5.531   -2.174  1.00 0.36 ? 39 VAL A H    1 
ATOM 627  H HA   . VAL A 1 37 ? 4.283   4.465   -3.148  1.00 0.44 ? 39 VAL A HA   1 
ATOM 628  H HB   . VAL A 1 37 ? 3.706   2.694   -1.250  1.00 0.44 ? 39 VAL A HB   1 
ATOM 629  H HG11 . VAL A 1 37 ? 5.538   4.725   -1.366  1.00 1.11 ? 39 VAL A HG11 1 
ATOM 630  H HG12 . VAL A 1 37 ? 4.578   5.264   0.003   1.00 1.07 ? 39 VAL A HG12 1 
ATOM 631  H HG13 . VAL A 1 37 ? 5.348   3.681   0.030   1.00 1.17 ? 39 VAL A HG13 1 
ATOM 632  H HG21 . VAL A 1 37 ? 1.458   4.050   -0.954  1.00 1.00 ? 39 VAL A HG21 1 
ATOM 633  H HG22 . VAL A 1 37 ? 2.282   3.394   0.461   1.00 1.19 ? 39 VAL A HG22 1 
ATOM 634  H HG23 . VAL A 1 37 ? 2.454   5.100   0.052   1.00 1.13 ? 39 VAL A HG23 1 
ATOM 635  N N    . TYR A 1 38 ? 3.244   2.345   -4.087  1.00 0.36 ? 40 TYR A N    1 
ATOM 636  C CA   . TYR A 1 38 ? 2.569   1.297   -4.912  1.00 0.35 ? 40 TYR A CA   1 
ATOM 637  C C    . TYR A 1 38 ? 3.039   -0.082  -4.468  1.00 0.35 ? 40 TYR A C    1 
ATOM 638  O O    . TYR A 1 38 ? 4.141   -0.245  -3.982  1.00 0.40 ? 40 TYR A O    1 
ATOM 639  C CB   . TYR A 1 38 ? 2.964   1.491   -6.376  1.00 0.41 ? 40 TYR A CB   1 
ATOM 640  C CG   . TYR A 1 38 ? 2.320   2.741   -6.913  1.00 0.44 ? 40 TYR A CG   1 
ATOM 641  C CD1  . TYR A 1 38 ? 2.881   3.996   -6.646  1.00 0.46 ? 40 TYR A CD1  1 
ATOM 642  C CD2  . TYR A 1 38 ? 1.161   2.644   -7.683  1.00 0.52 ? 40 TYR A CD2  1 
ATOM 643  C CE1  . TYR A 1 38 ? 2.278   5.153   -7.151  1.00 0.52 ? 40 TYR A CE1  1 
ATOM 644  C CE2  . TYR A 1 38 ? 0.562   3.795   -8.185  1.00 0.60 ? 40 TYR A CE2  1 
ATOM 645  C CZ   . TYR A 1 38 ? 1.116   5.051   -7.923  1.00 0.59 ? 40 TYR A CZ   1 
ATOM 646  O OH   . TYR A 1 38 ? 0.517   6.190   -8.423  1.00 0.68 ? 40 TYR A OH   1 
ATOM 647  H H    . TYR A 1 38 ? 4.220   2.349   -4.019  1.00 0.40 ? 40 TYR A H    1 
ATOM 648  H HA   . TYR A 1 38 ? 1.492   1.366   -4.813  1.00 0.36 ? 40 TYR A HA   1 
ATOM 649  H HB2  . TYR A 1 38 ? 4.037   1.581   -6.449  1.00 0.44 ? 40 TYR A HB2  1 
ATOM 650  H HB3  . TYR A 1 38 ? 2.634   0.638   -6.951  1.00 0.43 ? 40 TYR A HB3  1 
ATOM 651  H HD1  . TYR A 1 38 ? 3.780   4.070   -6.050  1.00 0.46 ? 40 TYR A HD1  1 
ATOM 652  H HD2  . TYR A 1 38 ? 0.728   1.675   -7.887  1.00 0.56 ? 40 TYR A HD2  1 
ATOM 653  H HE1  . TYR A 1 38 ? 2.707   6.121   -6.945  1.00 0.55 ? 40 TYR A HE1  1 
ATOM 654  H HE2  . TYR A 1 38 ? -0.328  3.717   -8.768  1.00 0.70 ? 40 TYR A HE2  1 
ATOM 655  H HH   . TYR A 1 38 ? 0.568   6.873   -7.750  1.00 1.02 ? 40 TYR A HH   1 
ATOM 656  N N    . SER A 1 39 ? 2.221   -1.082  -4.643  1.00 0.34 ? 41 SER A N    1 
ATOM 657  C CA   . SER A 1 39 ? 2.644   -2.450  -4.240  1.00 0.36 ? 41 SER A CA   1 
ATOM 658  C C    . SER A 1 39 ? 1.625   -3.477  -4.728  1.00 0.33 ? 41 SER A C    1 
ATOM 659  O O    . SER A 1 39 ? 0.434   -3.233  -4.741  1.00 0.34 ? 41 SER A O    1 
ATOM 660  C CB   . SER A 1 39 ? 2.752   -2.530  -2.717  1.00 0.43 ? 41 SER A CB   1 
ATOM 661  O OG   . SER A 1 39 ? 3.222   -3.821  -2.350  1.00 0.51 ? 41 SER A OG   1 
ATOM 662  H H    . SER A 1 39 ? 1.337   -0.934  -5.049  1.00 0.34 ? 41 SER A H    1 
ATOM 663  H HA   . SER A 1 39 ? 3.607   -2.670  -4.677  1.00 0.42 ? 41 SER A HA   1 
ATOM 664  H HB2  . SER A 1 39 ? 3.445   -1.787  -2.362  1.00 0.48 ? 41 SER A HB2  1 
ATOM 665  H HB3  . SER A 1 39 ? 1.780   -2.352  -2.277  1.00 0.45 ? 41 SER A HB3  1 
ATOM 666  H HG   . SER A 1 39 ? 3.078   -3.932  -1.408  1.00 0.87 ? 41 SER A HG   1 
ATOM 667  N N    . TRP A 1 40 ? 2.085   -4.635  -5.113  1.00 0.34 ? 42 TRP A N    1 
ATOM 668  C CA   . TRP A 1 40 ? 1.158   -5.695  -5.586  1.00 0.33 ? 42 TRP A CA   1 
ATOM 669  C C    . TRP A 1 40 ? 0.713   -6.522  -4.379  1.00 0.30 ? 42 TRP A C    1 
ATOM 670  O O    . TRP A 1 40 ? 0.237   -7.633  -4.513  1.00 0.33 ? 42 TRP A O    1 
ATOM 671  C CB   . TRP A 1 40 ? 1.889   -6.595  -6.585  1.00 0.39 ? 42 TRP A CB   1 
ATOM 672  C CG   . TRP A 1 40 ? 2.015   -5.897  -7.896  1.00 0.38 ? 42 TRP A CG   1 
ATOM 673  C CD1  . TRP A 1 40 ? 3.097   -5.202  -8.304  1.00 0.46 ? 42 TRP A CD1  1 
ATOM 674  C CD2  . TRP A 1 40 ? 1.047   -5.826  -8.980  1.00 0.40 ? 42 TRP A CD2  1 
ATOM 675  N NE1  . TRP A 1 40 ? 2.851   -4.701  -9.568  1.00 0.50 ? 42 TRP A NE1  1 
ATOM 676  C CE2  . TRP A 1 40 ? 1.601   -5.059  -10.029 1.00 0.46 ? 42 TRP A CE2  1 
ATOM 677  C CE3  . TRP A 1 40 ? -0.248  -6.346  -9.151  1.00 0.49 ? 42 TRP A CE3  1 
ATOM 678  C CZ2  . TRP A 1 40 ? 0.897   -4.816  -11.210 1.00 0.56 ? 42 TRP A CZ2  1 
ATOM 679  C CZ3  . TRP A 1 40 ? -0.959  -6.104  -10.336 1.00 0.61 ? 42 TRP A CZ3  1 
ATOM 680  C CH2  . TRP A 1 40 ? -0.388  -5.342  -11.364 1.00 0.62 ? 42 TRP A CH2  1 
ATOM 681  H H    . TRP A 1 40 ? 3.048   -4.813  -5.083  1.00 0.37 ? 42 TRP A H    1 
ATOM 682  H HA   . TRP A 1 40 ? 0.294   -5.250  -6.058  1.00 0.34 ? 42 TRP A HA   1 
ATOM 683  H HB2  . TRP A 1 40 ? 2.873   -6.827  -6.207  1.00 0.45 ? 42 TRP A HB2  1 
ATOM 684  H HB3  . TRP A 1 40 ? 1.335   -7.506  -6.721  1.00 0.44 ? 42 TRP A HB3  1 
ATOM 685  H HD1  . TRP A 1 40 ? 4.004   -5.057  -7.736  1.00 0.55 ? 42 TRP A HD1  1 
ATOM 686  H HE1  . TRP A 1 40 ? 3.471   -4.159  -10.088 1.00 0.59 ? 42 TRP A HE1  1 
ATOM 687  H HE3  . TRP A 1 40 ? -0.698  -6.934  -8.366  1.00 0.51 ? 42 TRP A HE3  1 
ATOM 688  H HZ2  . TRP A 1 40 ? 1.344   -4.227  -11.998 1.00 0.63 ? 42 TRP A HZ2  1 
ATOM 689  H HZ3  . TRP A 1 40 ? -1.951  -6.511  -10.456 1.00 0.72 ? 42 TRP A HZ3  1 
ATOM 690  H HH2  . TRP A 1 40 ? -0.939  -5.161  -12.273 1.00 0.73 ? 42 TRP A HH2  1 
ATOM 691  N N    . LYS A 1 41 ? 0.882   -5.987  -3.195  1.00 0.31 ? 43 LYS A N    1 
ATOM 692  C CA   . LYS A 1 41 ? 0.486   -6.730  -1.961  1.00 0.33 ? 43 LYS A CA   1 
ATOM 693  C C    . LYS A 1 41 ? -0.141  -5.780  -0.941  1.00 0.34 ? 43 LYS A C    1 
ATOM 694  O O    . LYS A 1 41 ? 0.266   -4.642  -0.806  1.00 0.36 ? 43 LYS A O    1 
ATOM 695  C CB   . LYS A 1 41 ? 1.735   -7.347  -1.336  1.00 0.38 ? 43 LYS A CB   1 
ATOM 696  C CG   . LYS A 1 41 ? 2.383   -8.325  -2.326  1.00 0.85 ? 43 LYS A CG   1 
ATOM 697  C CD   . LYS A 1 41 ? 3.311   -9.306  -1.585  1.00 1.02 ? 43 LYS A CD   1 
ATOM 698  C CE   . LYS A 1 41 ? 4.662   -8.640  -1.325  1.00 0.52 ? 43 LYS A CE   1 
ATOM 699  N NZ   . LYS A 1 41 ? 5.431   -9.446  -0.335  1.00 1.38 ? 43 LYS A NZ   1 
ATOM 700  H H    . LYS A 1 41 ? 1.278   -5.096  -3.118  1.00 0.34 ? 43 LYS A H    1 
ATOM 701  H HA   . LYS A 1 41 ? -0.218  -7.514  -2.204  1.00 0.37 ? 43 LYS A HA   1 
ATOM 702  H HB2  . LYS A 1 41 ? 2.436   -6.560  -1.097  1.00 0.82 ? 43 LYS A HB2  1 
ATOM 703  H HB3  . LYS A 1 41 ? 1.460   -7.862  -0.435  1.00 0.83 ? 43 LYS A HB3  1 
ATOM 704  H HG2  . LYS A 1 41 ? 1.613   -8.881  -2.842  1.00 1.20 ? 43 LYS A HG2  1 
ATOM 705  H HG3  . LYS A 1 41 ? 2.957   -7.759  -3.047  1.00 1.21 ? 43 LYS A HG3  1 
ATOM 706  H HD2  . LYS A 1 41 ? 2.869   -9.596  -0.645  1.00 1.59 ? 43 LYS A HD2  1 
ATOM 707  H HD3  . LYS A 1 41 ? 3.458   -10.185 -2.187  1.00 1.55 ? 43 LYS A HD3  1 
ATOM 708  H HE2  . LYS A 1 41 ? 5.217   -8.578  -2.250  1.00 1.04 ? 43 LYS A HE2  1 
ATOM 709  H HE3  . LYS A 1 41 ? 4.498   -7.647  -0.936  1.00 1.10 ? 43 LYS A HE3  1 
ATOM 710  H HZ1  . LYS A 1 41 ? 5.097   -10.430 -0.354  1.00 1.92 ? 43 LYS A HZ1  1 
ATOM 711  H HZ2  . LYS A 1 41 ? 6.444   -9.417  -0.578  1.00 1.84 ? 43 LYS A HZ2  1 
ATOM 712  H HZ3  . LYS A 1 41 ? 5.291   -9.052  0.616   1.00 1.97 ? 43 LYS A HZ3  1 
ATOM 713  N N    . LEU A 1 42 ? -1.112  -6.250  -0.196  1.00 0.36 ? 44 LEU A N    1 
ATOM 714  C CA   . LEU A 1 42 ? -1.751  -5.395  0.851   1.00 0.39 ? 44 LEU A CA   1 
ATOM 715  C C    . LEU A 1 42 ? -1.118  -5.744  2.205   1.00 0.39 ? 44 LEU A C    1 
ATOM 716  O O    . LEU A 1 42 ? -0.781  -4.874  2.982   1.00 0.41 ? 44 LEU A O    1 
ATOM 717  C CB   . LEU A 1 42 ? -3.273  -5.647  0.857   1.00 0.44 ? 44 LEU A CB   1 
ATOM 718  C CG   . LEU A 1 42 ? -3.970  -4.881  2.001   1.00 0.49 ? 44 LEU A CG   1 
ATOM 719  C CD1  . LEU A 1 42 ? -4.068  -3.370  1.682   1.00 0.61 ? 44 LEU A CD1  1 
ATOM 720  C CD2  . LEU A 1 42 ? -5.383  -5.451  2.193   1.00 0.56 ? 44 LEU A CD2  1 
ATOM 721  H H    . LEU A 1 42 ? -1.406  -7.179  -0.308  1.00 0.37 ? 44 LEU A H    1 
ATOM 722  H HA   . LEU A 1 42 ? -1.553  -4.360  0.633   1.00 0.39 ? 44 LEU A HA   1 
ATOM 723  H HB2  . LEU A 1 42 ? -3.687  -5.318  -0.086  1.00 0.48 ? 44 LEU A HB2  1 
ATOM 724  H HB3  . LEU A 1 42 ? -3.458  -6.705  0.972   1.00 0.45 ? 44 LEU A HB3  1 
ATOM 725  H HG   . LEU A 1 42 ? -3.414  -5.015  2.916   1.00 0.50 ? 44 LEU A HG   1 
ATOM 726  H HD11 . LEU A 1 42 ? -3.281  -3.073  1.015   1.00 1.23 ? 44 LEU A HD11 1 
ATOM 727  H HD12 . LEU A 1 42 ? -5.018  -3.150  1.217   1.00 1.23 ? 44 LEU A HD12 1 
ATOM 728  H HD13 . LEU A 1 42 ? -3.981  -2.809  2.600   1.00 1.10 ? 44 LEU A HD13 1 
ATOM 729  H HD21 . LEU A 1 42 ? -5.854  -5.574  1.229   1.00 1.14 ? 44 LEU A HD21 1 
ATOM 730  H HD22 . LEU A 1 42 ? -5.322  -6.407  2.690   1.00 1.19 ? 44 LEU A HD22 1 
ATOM 731  H HD23 . LEU A 1 42 ? -5.967  -4.769  2.796   1.00 1.15 ? 44 LEU A HD23 1 
ATOM 732  N N    . VAL A 1 43 ? -0.939  -7.015  2.477   1.00 0.39 ? 45 VAL A N    1 
ATOM 733  C CA   . VAL A 1 43 ? -0.304  -7.455  3.768   1.00 0.42 ? 45 VAL A CA   1 
ATOM 734  C C    . VAL A 1 43 ? 0.972   -8.232  3.419   1.00 0.42 ? 45 VAL A C    1 
ATOM 735  O O    . VAL A 1 43 ? 1.194   -8.607  2.286   1.00 0.47 ? 45 VAL A O    1 
ATOM 736  C CB   . VAL A 1 43 ? -1.260  -8.354  4.630   1.00 0.49 ? 45 VAL A CB   1 
ATOM 737  C CG1  . VAL A 1 43 ? -1.806  -7.547  5.830   1.00 0.95 ? 45 VAL A CG1  1 
ATOM 738  C CG2  . VAL A 1 43 ? -2.450  -8.919  3.799   1.00 1.12 ? 45 VAL A CG2  1 
ATOM 739  H H    . VAL A 1 43 ? -1.214  -7.686  1.822   1.00 0.39 ? 45 VAL A H    1 
ATOM 740  H HA   . VAL A 1 43 ? -0.012  -6.583  4.340   1.00 0.44 ? 45 VAL A HA   1 
ATOM 741  H HB   . VAL A 1 43 ? -0.687  -9.190  5.032   1.00 0.86 ? 45 VAL A HB   1 
ATOM 742  H HG11 . VAL A 1 43 ? -2.000  -6.531  5.526   1.00 1.57 ? 45 VAL A HG11 1 
ATOM 743  H HG12 . VAL A 1 43 ? -2.722  -7.997  6.184   1.00 1.42 ? 45 VAL A HG12 1 
ATOM 744  H HG13 . VAL A 1 43 ? -1.076  -7.550  6.629   1.00 1.56 ? 45 VAL A HG13 1 
ATOM 745  H HG21 . VAL A 1 43 ? -2.580  -8.371  2.888   1.00 1.57 ? 45 VAL A HG21 1 
ATOM 746  H HG22 . VAL A 1 43 ? -2.258  -9.954  3.565   1.00 1.68 ? 45 VAL A HG22 1 
ATOM 747  H HG23 . VAL A 1 43 ? -3.363  -8.856  4.371   1.00 1.72 ? 45 VAL A HG23 1 
ATOM 748  N N    . ALA A 1 44 ? 1.815   -8.456  4.388   1.00 0.44 ? 46 ALA A N    1 
ATOM 749  C CA   . ALA A 1 44 ? 3.089   -9.186  4.127   1.00 0.46 ? 46 ALA A CA   1 
ATOM 750  C C    . ALA A 1 44 ? 2.819   -10.667 3.834   1.00 0.48 ? 46 ALA A C    1 
ATOM 751  O O    . ALA A 1 44 ? 3.697   -11.386 3.401   1.00 0.51 ? 46 ALA A O    1 
ATOM 752  C CB   . ALA A 1 44 ? 4.001   -9.051  5.352   1.00 0.52 ? 46 ALA A CB   1 
ATOM 753  H H    . ALA A 1 44 ? 1.614   -8.131  5.291   1.00 0.49 ? 46 ALA A H    1 
ATOM 754  H HA   . ALA A 1 44 ? 3.579   -8.746  3.275   1.00 0.46 ? 46 ALA A HA   1 
ATOM 755  H HB1  . ALA A 1 44 ? 3.897   -8.059  5.771   1.00 1.17 ? 46 ALA A HB1  1 
ATOM 756  H HB2  . ALA A 1 44 ? 3.727   -9.785  6.096   1.00 1.03 ? 46 ALA A HB2  1 
ATOM 757  H HB3  . ALA A 1 44 ? 5.028   -9.207  5.054   1.00 1.19 ? 46 ALA A HB3  1 
ATOM 758  N N    . THR A 1 45 ? 1.625   -11.141 4.083   1.00 0.50 ? 47 THR A N    1 
ATOM 759  C CA   . THR A 1 45 ? 1.328   -12.586 3.832   1.00 0.55 ? 47 THR A CA   1 
ATOM 760  C C    . THR A 1 45 ? 0.794   -12.783 2.410   1.00 0.50 ? 47 THR A C    1 
ATOM 761  O O    . THR A 1 45 ? 0.594   -13.898 1.968   1.00 0.53 ? 47 THR A O    1 
ATOM 762  C CB   . THR A 1 45 ? 0.266   -13.072 4.824   1.00 0.63 ? 47 THR A CB   1 
ATOM 763  O OG1  . THR A 1 45 ? -0.955  -12.393 4.567   1.00 1.04 ? 47 THR A OG1  1 
ATOM 764  C CG2  . THR A 1 45 ? 0.713   -12.799 6.267   1.00 1.14 ? 47 THR A CG2  1 
ATOM 765  H H    . THR A 1 45 ? 0.930   -10.553 4.447   1.00 0.52 ? 47 THR A H    1 
ATOM 766  H HA   . THR A 1 45 ? 2.228   -13.173 3.961   1.00 0.59 ? 47 THR A HA   1 
ATOM 767  H HB   . THR A 1 45 ? 0.116   -14.134 4.692   1.00 0.89 ? 47 THR A HB   1 
ATOM 768  H HG1  . THR A 1 45 ? -1.237  -12.617 3.676   1.00 1.48 ? 47 THR A HG1  1 
ATOM 769  H HG21 . THR A 1 45 ? 1.283   -11.884 6.312   1.00 1.68 ? 47 THR A HG21 1 
ATOM 770  H HG22 . THR A 1 45 ? -0.160  -12.705 6.896   1.00 1.68 ? 47 THR A HG22 1 
ATOM 771  H HG23 . THR A 1 45 ? 1.322   -13.618 6.618   1.00 1.63 ? 47 THR A HG23 1 
ATOM 772  N N    . ASP A 1 46 ? 0.552   -11.726 1.689   1.00 0.47 ? 48 ASP A N    1 
ATOM 773  C CA   . ASP A 1 46 ? 0.021   -11.888 0.305   1.00 0.45 ? 48 ASP A CA   1 
ATOM 774  C C    . ASP A 1 46 ? 1.087   -12.529 -0.585  1.00 0.46 ? 48 ASP A C    1 
ATOM 775  O O    . ASP A 1 46 ? 2.129   -12.954 -0.128  1.00 0.51 ? 48 ASP A O    1 
ATOM 776  C CB   . ASP A 1 46 ? -0.376  -10.518 -0.270  1.00 0.46 ? 48 ASP A CB   1 
ATOM 777  C CG   . ASP A 1 46 ? -1.797  -10.160 0.163   1.00 0.55 ? 48 ASP A CG   1 
ATOM 778  O OD1  . ASP A 1 46 ? -2.101  -10.342 1.323   1.00 1.33 ? 48 ASP A OD1  1 
ATOM 779  O OD2  . ASP A 1 46 ? -2.562  -9.725  -0.681  1.00 1.08 ? 48 ASP A OD2  1 
ATOM 780  H H    . ASP A 1 46 ? 0.712   -10.830 2.056   1.00 0.49 ? 48 ASP A H    1 
ATOM 781  H HA   . ASP A 1 46 ? -0.844  -12.533 0.332   1.00 0.49 ? 48 ASP A HA   1 
ATOM 782  H HB2  . ASP A 1 46 ? 0.306   -9.772  0.098   1.00 0.48 ? 48 ASP A HB2  1 
ATOM 783  H HB3  . ASP A 1 46 ? -0.330  -10.544 -1.351  1.00 0.47 ? 48 ASP A HB3  1 
ATOM 784  N N    . ARG A 1 47 ? 0.816   -12.604 -1.859  1.00 0.48 ? 49 ARG A N    1 
ATOM 785  C CA   . ARG A 1 47 ? 1.784   -13.217 -2.810  1.00 0.53 ? 49 ARG A CA   1 
ATOM 786  C C    . ARG A 1 47 ? 1.621   -12.530 -4.172  1.00 0.53 ? 49 ARG A C    1 
ATOM 787  O O    . ARG A 1 47 ? 0.530   -12.446 -4.699  1.00 0.62 ? 49 ARG A O    1 
ATOM 788  C CB   . ARG A 1 47 ? 1.469   -14.727 -2.919  1.00 0.62 ? 49 ARG A CB   1 
ATOM 789  C CG   . ARG A 1 47 ? 2.759   -15.557 -2.831  1.00 1.01 ? 49 ARG A CG   1 
ATOM 790  C CD   . ARG A 1 47 ? 3.657   -15.282 -4.049  1.00 1.22 ? 49 ARG A CD   1 
ATOM 791  N NE   . ARG A 1 47 ? 4.379   -16.533 -4.407  1.00 1.63 ? 49 ARG A NE   1 
ATOM 792  C CZ   . ARG A 1 47 ? 4.977   -16.632 -5.562  1.00 2.11 ? 49 ARG A CZ   1 
ATOM 793  N NH1  . ARG A 1 47 ? 4.968   -15.623 -6.390  1.00 2.63 ? 49 ARG A NH1  1 
ATOM 794  N NH2  . ARG A 1 47 ? 5.587   -17.739 -5.887  1.00 2.66 ? 49 ARG A NH2  1 
ATOM 795  H H    . ARG A 1 47 ? -0.037  -12.254 -2.194  1.00 0.50 ? 49 ARG A H    1 
ATOM 796  H HA   . ARG A 1 47 ? 2.794   -13.065 -2.449  1.00 0.56 ? 49 ARG A HA   1 
ATOM 797  H HB2  . ARG A 1 47 ? 0.814   -15.007 -2.106  1.00 1.00 ? 49 ARG A HB2  1 
ATOM 798  H HB3  . ARG A 1 47 ? 0.972   -14.939 -3.855  1.00 1.07 ? 49 ARG A HB3  1 
ATOM 799  H HG2  . ARG A 1 47 ? 3.288   -15.298 -1.924  1.00 1.60 ? 49 ARG A HG2  1 
ATOM 800  H HG3  . ARG A 1 47 ? 2.504   -16.605 -2.805  1.00 1.63 ? 49 ARG A HG3  1 
ATOM 801  H HD2  . ARG A 1 47 ? 3.060   -14.965 -4.892  1.00 1.63 ? 49 ARG A HD2  1 
ATOM 802  H HD3  . ARG A 1 47 ? 4.373   -14.508 -3.807  1.00 1.59 ? 49 ARG A HD3  1 
ATOM 803  H HE   . ARG A 1 47 ? 4.396   -17.286 -3.781  1.00 2.08 ? 49 ARG A HE   1 
ATOM 804  H HH11 . ARG A 1 47 ? 4.502   -14.775 -6.140  1.00 2.59 ? 49 ARG A HH11 1 
ATOM 805  H HH12 . ARG A 1 47 ? 5.427   -15.700 -7.275  1.00 3.34 ? 49 ARG A HH12 1 
ATOM 806  H HH21 . ARG A 1 47 ? 5.595   -18.510 -5.251  1.00 2.87 ? 49 ARG A HH21 1 
ATOM 807  H HH22 . ARG A 1 47 ? 6.045   -17.816 -6.773  1.00 3.16 ? 49 ARG A HH22 1 
ATOM 808  N N    . VAL A 1 48 ? 2.682   -12.034 -4.747  1.00 0.49 ? 50 VAL A N    1 
ATOM 809  C CA   . VAL A 1 48 ? 2.544   -11.357 -6.062  1.00 0.51 ? 50 VAL A CA   1 
ATOM 810  C C    . VAL A 1 48 ? 2.415   -12.414 -7.172  1.00 0.56 ? 50 VAL A C    1 
ATOM 811  O O    . VAL A 1 48 ? 3.022   -13.465 -7.094  1.00 0.61 ? 50 VAL A O    1 
ATOM 812  C CB   . VAL A 1 48 ? 3.781   -10.492 -6.328  1.00 0.52 ? 50 VAL A CB   1 
ATOM 813  C CG1  . VAL A 1 48 ? 3.967   -9.488  -5.200  1.00 0.60 ? 50 VAL A CG1  1 
ATOM 814  C CG2  . VAL A 1 48 ? 5.042   -11.363 -6.431  1.00 0.55 ? 50 VAL A CG2  1 
ATOM 815  H H    . VAL A 1 48 ? 3.559   -12.100 -4.317  1.00 0.49 ? 50 VAL A H    1 
ATOM 816  H HA   . VAL A 1 48 ? 1.671   -10.730 -6.038  1.00 0.58 ? 50 VAL A HA   1 
ATOM 817  H HB   . VAL A 1 48 ? 3.636   -9.956  -7.239  1.00 0.55 ? 50 VAL A HB   1 
ATOM 818  H HG11 . VAL A 1 48 ? 3.026   -8.999  -4.998  1.00 1.21 ? 50 VAL A HG11 1 
ATOM 819  H HG12 . VAL A 1 48 ? 4.307   -10.001 -4.318  1.00 1.15 ? 50 VAL A HG12 1 
ATOM 820  H HG13 . VAL A 1 48 ? 4.701   -8.752  -5.493  1.00 1.16 ? 50 VAL A HG13 1 
ATOM 821  H HG21 . VAL A 1 48 ? 4.928   -12.092 -7.215  1.00 1.17 ? 50 VAL A HG21 1 
ATOM 822  H HG22 . VAL A 1 48 ? 5.890   -10.735 -6.657  1.00 1.14 ? 50 VAL A HG22 1 
ATOM 823  H HG23 . VAL A 1 48 ? 5.208   -11.866 -5.490  1.00 1.15 ? 50 VAL A HG23 1 
ATOM 824  N N    . PRO A 1 49 ? 1.658   -12.143 -8.210  1.00 0.64 ? 51 PRO A N    1 
ATOM 825  C CA   . PRO A 1 49 ? 1.507   -13.107 -9.332  1.00 0.77 ? 51 PRO A CA   1 
ATOM 826  C C    . PRO A 1 49 ? 2.838   -13.308 -10.063 1.00 0.76 ? 51 PRO A C    1 
ATOM 827  O O    . PRO A 1 49 ? 3.642   -12.401 -10.158 1.00 0.71 ? 51 PRO A O    1 
ATOM 828  C CB   . PRO A 1 49 ? 0.449   -12.474 -10.261 1.00 0.93 ? 51 PRO A CB   1 
ATOM 829  C CG   . PRO A 1 49 ? 0.329   -11.031 -9.847  1.00 0.91 ? 51 PRO A CG   1 
ATOM 830  C CD   . PRO A 1 49 ? 0.877   -10.913 -8.418  1.00 0.72 ? 51 PRO A CD   1 
ATOM 831  H HA   . PRO A 1 49 ? 1.148   -14.053 -8.959  1.00 0.88 ? 51 PRO A HA   1 
ATOM 832  H HB2  . PRO A 1 49 ? 0.764   -12.542 -11.297 1.00 1.18 ? 51 PRO A HB2  1 
ATOM 833  H HB3  . PRO A 1 49 ? -0.502  -12.975 -10.137 1.00 1.14 ? 51 PRO A HB3  1 
ATOM 834  H HG2  . PRO A 1 49 ? 0.900   -10.401 -10.519 1.00 1.15 ? 51 PRO A HG2  1 
ATOM 835  H HG3  . PRO A 1 49 ? -0.711  -10.726 -9.860  1.00 1.10 ? 51 PRO A HG3  1 
ATOM 836  H HD2  . PRO A 1 49 ? 1.516   -10.043 -8.327  1.00 0.68 ? 51 PRO A HD2  1 
ATOM 837  H HD3  . PRO A 1 49 ? 0.069   -10.865 -7.704  1.00 0.81 ? 51 PRO A HD3  1 
ATOM 838  N N    . ALA A 1 50 ? 3.077   -14.484 -10.578 1.00 1.04 ? 52 ALA A N    1 
ATOM 839  C CA   . ALA A 1 50 ? 4.356   -14.738 -11.303 1.00 1.19 ? 52 ALA A CA   1 
ATOM 840  C C    . ALA A 1 50 ? 4.648   -13.564 -12.243 1.00 1.01 ? 52 ALA A C    1 
ATOM 841  O O    . ALA A 1 50 ? 3.751   -12.878 -12.687 1.00 1.52 ? 52 ALA A O    1 
ATOM 842  C CB   . ALA A 1 50 ? 4.246   -16.032 -12.110 1.00 1.60 ? 52 ALA A CB   1 
ATOM 843  H H    . ALA A 1 50 ? 2.413   -15.201 -10.488 1.00 1.25 ? 52 ALA A H    1 
ATOM 844  H HA   . ALA A 1 50 ? 5.159   -14.829 -10.586 1.00 1.29 ? 52 ALA A HA   1 
ATOM 845  H HB1  . ALA A 1 50 ? 3.762   -16.789 -11.511 1.00 1.91 ? 52 ALA A HB1  1 
ATOM 846  H HB2  . ALA A 1 50 ? 3.665   -15.854 -13.004 1.00 2.02 ? 52 ALA A HB2  1 
ATOM 847  H HB3  . ALA A 1 50 ? 5.234   -16.369 -12.385 1.00 2.03 ? 52 ALA A HB3  1 
ATOM 848  N N    . GLY A 1 51 ? 5.896   -13.317 -12.534 1.00 0.99 ? 53 GLY A N    1 
ATOM 849  C CA   . GLY A 1 51 ? 6.243   -12.173 -13.430 1.00 0.92 ? 53 GLY A CA   1 
ATOM 850  C C    . GLY A 1 51 ? 6.539   -10.943 -12.570 1.00 0.83 ? 53 GLY A C    1 
ATOM 851  O O    . GLY A 1 51 ? 7.432   -10.172 -12.858 1.00 0.87 ? 53 GLY A O    1 
ATOM 852  H H    . GLY A 1 51 ? 6.606   -13.874 -12.154 1.00 1.48 ? 53 GLY A H    1 
ATOM 853  H HA2  . GLY A 1 51 ? 7.116   -12.426 -14.013 1.00 1.02 ? 53 GLY A HA2  1 
ATOM 854  H HA3  . GLY A 1 51 ? 5.416   -11.956 -14.091 1.00 0.96 ? 53 GLY A HA3  1 
ATOM 855  N N    . LYS A 1 52 ? 5.803   -10.760 -11.503 1.00 0.73 ? 54 LYS A N    1 
ATOM 856  C CA   . LYS A 1 52 ? 6.040   -9.597  -10.610 1.00 0.66 ? 54 LYS A CA   1 
ATOM 857  C C    . LYS A 1 52 ? 6.995   -10.038 -9.493  1.00 0.63 ? 54 LYS A C    1 
ATOM 858  O O    . LYS A 1 52 ? 6.912   -11.148 -9.007  1.00 0.63 ? 54 LYS A O    1 
ATOM 859  C CB   . LYS A 1 52 ? 4.713   -9.171  -9.988  1.00 0.61 ? 54 LYS A CB   1 
ATOM 860  C CG   . LYS A 1 52 ? 3.618   -9.022  -11.052 1.00 0.80 ? 54 LYS A CG   1 
ATOM 861  C CD   . LYS A 1 52 ? 4.081   -8.073  -12.182 1.00 0.89 ? 54 LYS A CD   1 
ATOM 862  C CE   . LYS A 1 52 ? 2.878   -7.362  -12.846 1.00 1.14 ? 54 LYS A CE   1 
ATOM 863  N NZ   . LYS A 1 52 ? 2.420   -8.144  -14.029 1.00 2.07 ? 54 LYS A NZ   1 
ATOM 864  H H    . LYS A 1 52 ? 5.093   -11.397 -11.280 1.00 0.71 ? 54 LYS A H    1 
ATOM 865  H HA   . LYS A 1 52 ? 6.471   -8.776  -11.165 1.00 0.72 ? 54 LYS A HA   1 
ATOM 866  H HB2  . LYS A 1 52 ? 4.409   -9.923  -9.289  1.00 0.62 ? 54 LYS A HB2  1 
ATOM 867  H HB3  . LYS A 1 52 ? 4.843   -8.234  -9.474  1.00 0.61 ? 54 LYS A HB3  1 
ATOM 868  H HG2  . LYS A 1 52 ? 3.388   -9.993  -11.466 1.00 1.40 ? 54 LYS A HG2  1 
ATOM 869  H HG3  . LYS A 1 52 ? 2.738   -8.625  -10.576 1.00 1.17 ? 54 LYS A HG3  1 
ATOM 870  H HD2  . LYS A 1 52 ? 4.754   -7.330  -11.778 1.00 1.27 ? 54 LYS A HD2  1 
ATOM 871  H HD3  . LYS A 1 52 ? 4.606   -8.652  -12.933 1.00 1.36 ? 54 LYS A HD3  1 
ATOM 872  H HE2  . LYS A 1 52 ? 2.061   -7.263  -12.150 1.00 1.45 ? 54 LYS A HE2  1 
ATOM 873  H HE3  . LYS A 1 52 ? 3.179   -6.377  -13.169 1.00 1.46 ? 54 LYS A HE3  1 
ATOM 874  H HZ1  . LYS A 1 52 ? 2.687   -9.142  -13.914 1.00 2.47 ? 54 LYS A HZ1  1 
ATOM 875  H HZ2  . LYS A 1 52 ? 1.387   -8.071  -14.113 1.00 2.55 ? 54 LYS A HZ2  1 
ATOM 876  H HZ3  . LYS A 1 52 ? 2.867   -7.762  -14.888 1.00 2.58 ? 54 LYS A HZ3  1 
ATOM 877  N N    . ARG A 1 53 ? 7.912   -9.201  -9.085  1.00 0.65 ? 55 ARG A N    1 
ATOM 878  C CA   . ARG A 1 53 ? 8.866   -9.615  -8.007  1.00 0.66 ? 55 ARG A CA   1 
ATOM 879  C C    . ARG A 1 53 ? 8.245   -9.390  -6.631  1.00 0.62 ? 55 ARG A C    1 
ATOM 880  O O    . ARG A 1 53 ? 7.194   -8.801  -6.488  1.00 0.81 ? 55 ARG A O    1 
ATOM 881  C CB   . ARG A 1 53 ? 10.186  -8.801  -8.088  1.00 0.74 ? 55 ARG A CB   1 
ATOM 882  C CG   . ARG A 1 53 ? 10.162  -7.819  -9.262  1.00 1.45 ? 55 ARG A CG   1 
ATOM 883  C CD   . ARG A 1 53 ? 11.587  -7.347  -9.547  1.00 2.03 ? 55 ARG A CD   1 
ATOM 884  N NE   . ARG A 1 53 ? 12.293  -8.404  -10.318 1.00 2.82 ? 55 ARG A NE   1 
ATOM 885  C CZ   . ARG A 1 53 ? 13.391  -8.122  -10.956 1.00 3.52 ? 55 ARG A CZ   1 
ATOM 886  N NH1  . ARG A 1 53 ? 13.900  -6.924  -10.881 1.00 3.72 ? 55 ARG A NH1  1 
ATOM 887  N NH2  . ARG A 1 53 ? 13.983  -9.043  -11.665 1.00 4.45 ? 55 ARG A NH2  1 
ATOM 888  H H    . ARG A 1 53 ? 7.984   -8.310  -9.487  1.00 0.68 ? 55 ARG A H    1 
ATOM 889  H HA   . ARG A 1 53 ? 9.090   -10.668 -8.120  1.00 0.69 ? 55 ARG A HA   1 
ATOM 890  H HB2  . ARG A 1 53 ? 10.333  -8.236  -7.176  1.00 1.34 ? 55 ARG A HB2  1 
ATOM 891  H HB3  . ARG A 1 53 ? 11.018  -9.481  -8.212  1.00 1.29 ? 55 ARG A HB3  1 
ATOM 892  H HG2  . ARG A 1 53 ? 9.771   -8.306  -10.141 1.00 2.03 ? 55 ARG A HG2  1 
ATOM 893  H HG3  . ARG A 1 53 ? 9.546   -6.969  -9.010  1.00 2.11 ? 55 ARG A HG3  1 
ATOM 894  H HD2  . ARG A 1 53 ? 11.556  -6.432  -10.120 1.00 2.23 ? 55 ARG A HD2  1 
ATOM 895  H HD3  . ARG A 1 53 ? 12.111  -7.175  -8.616  1.00 2.54 ? 55 ARG A HD3  1 
ATOM 896  H HE   . ARG A 1 53 ? 11.923  -9.312  -10.357 1.00 3.19 ? 55 ARG A HE   1 
ATOM 897  H HH11 . ARG A 1 53 ? 13.447  -6.222  -10.331 1.00 3.38 ? 55 ARG A HH11 1 
ATOM 898  H HH12 . ARG A 1 53 ? 14.742  -6.707  -11.374 1.00 4.48 ? 55 ARG A HH12 1 
ATOM 899  H HH21 . ARG A 1 53 ? 13.594  -9.963  -11.716 1.00 4.72 ? 55 ARG A HH21 1 
ATOM 900  H HH22 . ARG A 1 53 ? 14.824  -8.827  -12.161 1.00 5.07 ? 55 ARG A HH22 1 
ATOM 901  N N    . ASP A 1 54 ? 8.944   -9.812  -5.615  1.00 0.57 ? 56 ASP A N    1 
ATOM 902  C CA   . ASP A 1 54 ? 8.461   -9.584  -4.236  1.00 0.53 ? 56 ASP A CA   1 
ATOM 903  C C    . ASP A 1 54 ? 8.376   -8.076  -4.018  1.00 0.52 ? 56 ASP A C    1 
ATOM 904  O O    . ASP A 1 54 ? 8.937   -7.297  -4.764  1.00 0.61 ? 56 ASP A O    1 
ATOM 905  C CB   . ASP A 1 54 ? 9.461   -10.196 -3.233  1.00 0.63 ? 56 ASP A CB   1 
ATOM 906  C CG   . ASP A 1 54 ? 9.068   -11.637 -2.904  1.00 1.72 ? 56 ASP A CG   1 
ATOM 907  O OD1  . ASP A 1 54 ? 7.893   -11.869 -2.670  1.00 2.50 ? 56 ASP A OD1  1 
ATOM 908  O OD2  . ASP A 1 54 ? 9.947   -12.481 -2.882  1.00 2.44 ? 56 ASP A OD2  1 
ATOM 909  H H    . ASP A 1 54 ? 9.813   -10.242 -5.764  1.00 0.71 ? 56 ASP A H    1 
ATOM 910  H HA   . ASP A 1 54 ? 7.484   -10.028 -4.110  1.00 0.50 ? 56 ASP A HA   1 
ATOM 911  H HB2  . ASP A 1 54 ? 10.450  -10.188 -3.670  1.00 1.13 ? 56 ASP A HB2  1 
ATOM 912  H HB3  . ASP A 1 54 ? 9.471   -9.614  -2.320  1.00 1.13 ? 56 ASP A HB3  1 
ATOM 913  N N    . CYS A 1 55 ? 7.694   -7.660  -3.002  1.00 0.49 ? 57 CYS A N    1 
ATOM 914  C CA   . CYS A 1 55 ? 7.584   -6.208  -2.724  1.00 0.54 ? 57 CYS A CA   1 
ATOM 915  C C    . CYS A 1 55 ? 7.183   -6.048  -1.266  1.00 0.52 ? 57 CYS A C    1 
ATOM 916  O O    . CYS A 1 55 ? 6.666   -6.959  -0.657  1.00 0.53 ? 57 CYS A O    1 
ATOM 917  C CB   . CYS A 1 55 ? 6.530   -5.581  -3.659  1.00 0.59 ? 57 CYS A CB   1 
ATOM 918  S SG   . CYS A 1 55 ? 7.112   -3.967  -4.245  1.00 1.75 ? 57 CYS A SG   1 
ATOM 919  H H    . CYS A 1 55 ? 7.259   -8.307  -2.407  1.00 0.50 ? 57 CYS A H    1 
ATOM 920  H HA   . CYS A 1 55 ? 8.545   -5.739  -2.883  1.00 0.61 ? 57 CYS A HA   1 
ATOM 921  H HB2  . CYS A 1 55 ? 6.377   -6.232  -4.507  1.00 1.18 ? 57 CYS A HB2  1 
ATOM 922  H HB3  . CYS A 1 55 ? 5.591   -5.456  -3.136  1.00 1.22 ? 57 CYS A HB3  1 
ATOM 923  H HG   . CYS A 1 55 ? 6.346   -3.454  -4.508  1.00 2.15 ? 57 CYS A HG   1 
ATOM 924  N N    . ILE A 1 56 ? 7.420   -4.915  -0.685  1.00 0.53 ? 58 ILE A N    1 
ATOM 925  C CA   . ILE A 1 56 ? 7.038   -4.746  0.739   1.00 0.53 ? 58 ILE A CA   1 
ATOM 926  C C    . ILE A 1 56 ? 5.569   -4.335  0.826   1.00 0.47 ? 58 ILE A C    1 
ATOM 927  O O    . ILE A 1 56 ? 5.152   -3.356  0.239   1.00 0.46 ? 58 ILE A O    1 
ATOM 928  C CB   . ILE A 1 56 ? 7.924   -3.687  1.391   1.00 0.62 ? 58 ILE A CB   1 
ATOM 929  C CG1  . ILE A 1 56 ? 9.385   -4.165  1.306   1.00 0.72 ? 58 ILE A CG1  1 
ATOM 930  C CG2  . ILE A 1 56 ? 7.502   -3.501  2.872   1.00 0.63 ? 58 ILE A CG2  1 
ATOM 931  C CD1  . ILE A 1 56 ? 10.342  -3.093  1.852   1.00 1.00 ? 58 ILE A CD1  1 
ATOM 932  H H    . ILE A 1 56 ? 7.847   -4.181  -1.174  1.00 0.58 ? 58 ILE A H    1 
ATOM 933  H HA   . ILE A 1 56 ? 7.171   -5.684  1.264   1.00 0.53 ? 58 ILE A HA   1 
ATOM 934  H HB   . ILE A 1 56 ? 7.818   -2.751  0.858   1.00 0.64 ? 58 ILE A HB   1 
ATOM 935  H HG12 . ILE A 1 56 ? 9.497   -5.071  1.883   1.00 1.11 ? 58 ILE A HG12 1 
ATOM 936  H HG13 . ILE A 1 56 ? 9.631   -4.368  0.274   1.00 0.91 ? 58 ILE A HG13 1 
ATOM 937  H HG21 . ILE A 1 56 ? 6.905   -4.343  3.196   1.00 1.10 ? 58 ILE A HG21 1 
ATOM 938  H HG22 . ILE A 1 56 ? 8.375   -3.430  3.503   1.00 1.25 ? 58 ILE A HG22 1 
ATOM 939  H HG23 . ILE A 1 56 ? 6.921   -2.595  2.969   1.00 1.14 ? 58 ILE A HG23 1 
ATOM 940  H HD11 . ILE A 1 56 ? 9.839   -2.474  2.579   1.00 1.43 ? 58 ILE A HD11 1 
ATOM 941  H HD12 . ILE A 1 56 ? 11.187  -3.577  2.320   1.00 1.57 ? 58 ILE A HD12 1 
ATOM 942  H HD13 . ILE A 1 56 ? 10.690  -2.476  1.038   1.00 1.57 ? 58 ILE A HD13 1 
ATOM 943  N N    . SER A 1 57 ? 4.778   -5.077  1.552   1.00 0.46 ? 59 SER A N    1 
ATOM 944  C CA   . SER A 1 57 ? 3.338   -4.727  1.666   1.00 0.43 ? 59 SER A CA   1 
ATOM 945  C C    . SER A 1 57 ? 3.221   -3.280  2.136   1.00 0.42 ? 59 SER A C    1 
ATOM 946  O O    . SER A 1 57 ? 4.130   -2.732  2.726   1.00 0.52 ? 59 SER A O    1 
ATOM 947  C CB   . SER A 1 57 ? 2.661   -5.648  2.678   1.00 0.47 ? 59 SER A CB   1 
ATOM 948  O OG   . SER A 1 57 ? 3.056   -5.274  3.990   1.00 1.29 ? 59 SER A OG   1 
ATOM 949  H H    . SER A 1 57 ? 5.131   -5.866  2.015   1.00 0.50 ? 59 SER A H    1 
ATOM 950  H HA   . SER A 1 57 ? 2.859   -4.836  0.702   1.00 0.42 ? 59 SER A HA   1 
ATOM 951  H HB2  . SER A 1 57 ? 1.591   -5.561  2.589   1.00 0.91 ? 59 SER A HB2  1 
ATOM 952  H HB3  . SER A 1 57 ? 2.952   -6.669  2.480   1.00 1.08 ? 59 SER A HB3  1 
ATOM 953  H HG   . SER A 1 57 ? 3.048   -4.315  4.040   1.00 1.77 ? 59 SER A HG   1 
ATOM 954  N N    . LEU A 1 58 ? 2.114   -2.655  1.869   1.00 0.38 ? 60 LEU A N    1 
ATOM 955  C CA   . LEU A 1 58 ? 1.934   -1.238  2.287   1.00 0.41 ? 60 LEU A CA   1 
ATOM 956  C C    . LEU A 1 58 ? 2.024   -1.117  3.807   1.00 0.41 ? 60 LEU A C    1 
ATOM 957  O O    . LEU A 1 58 ? 2.799   -0.348  4.338   1.00 0.42 ? 60 LEU A O    1 
ATOM 958  C CB   . LEU A 1 58 ? 0.546   -0.774  1.845   1.00 0.46 ? 60 LEU A CB   1 
ATOM 959  C CG   . LEU A 1 58 ? 0.477   -0.709  0.317   1.00 0.50 ? 60 LEU A CG   1 
ATOM 960  C CD1  . LEU A 1 58 ? -0.981  -0.557  -0.109  1.00 1.08 ? 60 LEU A CD1  1 
ATOM 961  C CD2  . LEU A 1 58 ? 1.290   0.492   -0.208  1.00 1.38 ? 60 LEU A CD2  1 
ATOM 962  H H    . LEU A 1 58 ? 1.398   -3.116  1.384   1.00 0.38 ? 60 LEU A H    1 
ATOM 963  H HA   . LEU A 1 58 ? 2.688   -0.620  1.830   1.00 0.43 ? 60 LEU A HA   1 
ATOM 964  H HB2  . LEU A 1 58 ? -0.190  -1.475  2.208   1.00 0.48 ? 60 LEU A HB2  1 
ATOM 965  H HB3  . LEU A 1 58 ? 0.340   0.195   2.255   1.00 0.63 ? 60 LEU A HB3  1 
ATOM 966  H HG   . LEU A 1 58 ? 0.879   -1.624  -0.096  1.00 1.16 ? 60 LEU A HG   1 
ATOM 967  H HD11 . LEU A 1 58 ? -1.579  -1.332  0.349   1.00 1.70 ? 60 LEU A HD11 1 
ATOM 968  H HD12 . LEU A 1 58 ? -1.348  0.410   0.196   1.00 1.76 ? 60 LEU A HD12 1 
ATOM 969  H HD13 . LEU A 1 58 ? -1.043  -0.639  -1.175  1.00 1.55 ? 60 LEU A HD13 1 
ATOM 970  H HD21 . LEU A 1 58 ? 1.191   1.327   0.468   1.00 1.94 ? 60 LEU A HD21 1 
ATOM 971  H HD22 . LEU A 1 58 ? 2.329   0.216   -0.290  1.00 1.93 ? 60 LEU A HD22 1 
ATOM 972  H HD23 . LEU A 1 58 ? 0.923   0.779   -1.183  1.00 1.91 ? 60 LEU A HD23 1 
ATOM 973  N N    . ARG A 1 59 ? 1.214   -1.864  4.500   1.00 0.45 ? 61 ARG A N    1 
ATOM 974  C CA   . ARG A 1 59 ? 1.194   -1.806  5.998   1.00 0.49 ? 61 ARG A CA   1 
ATOM 975  C C    . ARG A 1 59 ? 2.626   -1.727  6.532   1.00 0.46 ? 61 ARG A C    1 
ATOM 976  O O    . ARG A 1 59 ? 2.949   -0.895  7.354   1.00 0.46 ? 61 ARG A O    1 
ATOM 977  C CB   . ARG A 1 59 ? 0.534   -3.077  6.559   1.00 0.57 ? 61 ARG A CB   1 
ATOM 978  C CG   . ARG A 1 59 ? -0.800  -3.391  5.832   1.00 0.63 ? 61 ARG A CG   1 
ATOM 979  C CD   . ARG A 1 59 ? -1.988  -2.840  6.619   1.00 0.97 ? 61 ARG A CD   1 
ATOM 980  N NE   . ARG A 1 59 ? -3.222  -2.973  5.799   1.00 0.82 ? 61 ARG A NE   1 
ATOM 981  C CZ   . ARG A 1 59 ? -4.392  -2.962  6.371   1.00 1.53 ? 61 ARG A CZ   1 
ATOM 982  N NH1  . ARG A 1 59 ? -4.483  -2.894  7.671   1.00 2.36 ? 61 ARG A NH1  1 
ATOM 983  N NH2  . ARG A 1 59 ? -5.471  -3.036  5.642   1.00 1.59 ? 61 ARG A NH2  1 
ATOM 984  H H    . ARG A 1 59 ? 0.596   -2.455  4.031   1.00 0.48 ? 61 ARG A H    1 
ATOM 985  H HA   . ARG A 1 59 ? 0.640   -0.933  6.322   1.00 0.51 ? 61 ARG A HA   1 
ATOM 986  H HB2  . ARG A 1 59 ? 1.213   -3.909  6.431   1.00 0.59 ? 61 ARG A HB2  1 
ATOM 987  H HB3  . ARG A 1 59 ? 0.347   -2.938  7.616   1.00 0.73 ? 61 ARG A HB3  1 
ATOM 988  H HG2  . ARG A 1 59 ? -0.810  -2.958  4.849   1.00 1.31 ? 61 ARG A HG2  1 
ATOM 989  H HG3  . ARG A 1 59 ? -0.911  -4.461  5.741   1.00 1.13 ? 61 ARG A HG3  1 
ATOM 990  H HD2  . ARG A 1 59 ? -2.092  -3.396  7.542   1.00 1.51 ? 61 ARG A HD2  1 
ATOM 991  H HD3  . ARG A 1 59 ? -1.828  -1.796  6.835   1.00 1.69 ? 61 ARG A HD3  1 
ATOM 992  H HE   . ARG A 1 59 ? -3.156  -3.052  4.824   1.00 0.60 ? 61 ARG A HE   1 
ATOM 993  H HH11 . ARG A 1 59 ? -3.656  -2.850  8.230   1.00 2.43 ? 61 ARG A HH11 1 
ATOM 994  H HH12 . ARG A 1 59 ? -5.382  -2.890  8.108   1.00 2.99 ? 61 ARG A HH12 1 
ATOM 995  H HH21 . ARG A 1 59 ? -5.399  -3.101  4.648   1.00 1.17 ? 61 ARG A HH21 1 
ATOM 996  H HH22 . ARG A 1 59 ? -6.370  -3.030  6.080   1.00 2.21 ? 61 ARG A HH22 1 
ATOM 997  N N    . GLU A 1 60 ? 3.481   -2.589  6.066   1.00 0.47 ? 62 GLU A N    1 
ATOM 998  C CA   . GLU A 1 60 ? 4.890   -2.571  6.540   1.00 0.47 ? 62 GLU A CA   1 
ATOM 999  C C    . GLU A 1 60 ? 5.593   -1.323  6.004   1.00 0.42 ? 62 GLU A C    1 
ATOM 1000 O O    . GLU A 1 60 ? 6.428   -0.739  6.665   1.00 0.40 ? 62 GLU A O    1 
ATOM 1001 C CB   . GLU A 1 60 ? 5.605   -3.831  6.037   1.00 0.53 ? 62 GLU A CB   1 
ATOM 1002 C CG   . GLU A 1 60 ? 5.013   -5.098  6.716   1.00 0.87 ? 62 GLU A CG   1 
ATOM 1003 C CD   . GLU A 1 60 ? 6.133   -5.945  7.332   1.00 1.50 ? 62 GLU A CD   1 
ATOM 1004 O OE1  . GLU A 1 60 ? 6.780   -6.666  6.593   1.00 2.19 ? 62 GLU A OE1  1 
ATOM 1005 O OE2  . GLU A 1 60 ? 6.332   -5.842  8.532   1.00 2.11 ? 62 GLU A OE2  1 
ATOM 1006 H H    . GLU A 1 60 ? 3.197   -3.253  5.400   1.00 0.50 ? 62 GLU A H    1 
ATOM 1007 H HA   . GLU A 1 60 ? 4.905   -2.556  7.620   1.00 0.50 ? 62 GLU A HA   1 
ATOM 1008 H HB2  . GLU A 1 60 ? 5.477   -3.903  4.966   1.00 0.63 ? 62 GLU A HB2  1 
ATOM 1009 H HB3  . GLU A 1 60 ? 6.660   -3.749  6.260   1.00 0.67 ? 62 GLU A HB3  1 
ATOM 1010 H HG2  . GLU A 1 60 ? 4.318   -4.816  7.494   1.00 1.29 ? 62 GLU A HG2  1 
ATOM 1011 H HG3  . GLU A 1 60 ? 4.491   -5.693  5.979   1.00 1.37 ? 62 GLU A HG3  1 
ATOM 1012 N N    . LYS A 1 61 ? 5.262   -0.908  4.813   1.00 0.43 ? 63 LYS A N    1 
ATOM 1013 C CA   . LYS A 1 61 ? 5.909   0.306   4.242   1.00 0.42 ? 63 LYS A CA   1 
ATOM 1014 C C    . LYS A 1 61 ? 5.439   1.547   5.018   1.00 0.40 ? 63 LYS A C    1 
ATOM 1015 O O    . LYS A 1 61 ? 6.233   2.348   5.470   1.00 0.42 ? 63 LYS A O    1 
ATOM 1016 C CB   . LYS A 1 61 ? 5.526   0.427   2.747   1.00 0.46 ? 63 LYS A CB   1 
ATOM 1017 C CG   . LYS A 1 61 ? 6.776   0.739   1.907   1.00 0.75 ? 63 LYS A CG   1 
ATOM 1018 C CD   . LYS A 1 61 ? 6.388   1.028   0.428   1.00 0.72 ? 63 LYS A CD   1 
ATOM 1019 C CE   . LYS A 1 61 ? 6.816   -0.128  -0.487  1.00 0.83 ? 63 LYS A CE   1 
ATOM 1020 N NZ   . LYS A 1 61 ? 6.792   0.328   -1.904  1.00 1.71 ? 63 LYS A NZ   1 
ATOM 1021 H H    . LYS A 1 61 ? 4.583   -1.393  4.296   1.00 0.46 ? 63 LYS A H    1 
ATOM 1022 H HA   . LYS A 1 61 ? 6.981   0.210   4.345   1.00 0.44 ? 63 LYS A HA   1 
ATOM 1023 H HB2  . LYS A 1 61 ? 5.099   -0.508  2.415   1.00 0.92 ? 63 LYS A HB2  1 
ATOM 1024 H HB3  . LYS A 1 61 ? 4.798   1.215   2.611   1.00 0.82 ? 63 LYS A HB3  1 
ATOM 1025 H HG2  . LYS A 1 61 ? 7.271   1.605   2.327   1.00 1.15 ? 63 LYS A HG2  1 
ATOM 1026 H HG3  . LYS A 1 61 ? 7.447   -0.104  1.962   1.00 1.23 ? 63 LYS A HG3  1 
ATOM 1027 H HD2  . LYS A 1 61 ? 5.317   1.163   0.344   1.00 1.18 ? 63 LYS A HD2  1 
ATOM 1028 H HD3  . LYS A 1 61 ? 6.878   1.933   0.100   1.00 1.01 ? 63 LYS A HD3  1 
ATOM 1029 H HE2  . LYS A 1 61 ? 7.815   -0.442  -0.238  1.00 1.42 ? 63 LYS A HE2  1 
ATOM 1030 H HE3  . LYS A 1 61 ? 6.132   -0.954  -0.364  1.00 1.35 ? 63 LYS A HE3  1 
ATOM 1031 H HZ1  . LYS A 1 61 ? 6.061   1.056   -2.024  1.00 2.22 ? 63 LYS A HZ1  1 
ATOM 1032 H HZ2  . LYS A 1 61 ? 7.722   0.723   -2.153  1.00 2.29 ? 63 LYS A HZ2  1 
ATOM 1033 H HZ3  . LYS A 1 61 ? 6.580   -0.479  -2.524  1.00 2.11 ? 63 LYS A HZ3  1 
ATOM 1034 N N    . ILE A 1 62 ? 4.153   1.707   5.167   1.00 0.41 ? 64 ILE A N    1 
ATOM 1035 C CA   . ILE A 1 62 ? 3.620   2.890   5.903   1.00 0.44 ? 64 ILE A CA   1 
ATOM 1036 C C    . ILE A 1 62 ? 4.374   3.054   7.229   1.00 0.43 ? 64 ILE A C    1 
ATOM 1037 O O    . ILE A 1 62 ? 4.874   4.117   7.540   1.00 0.45 ? 64 ILE A O    1 
ATOM 1038 C CB   . ILE A 1 62 ? 2.107   2.671   6.159   1.00 0.48 ? 64 ILE A CB   1 
ATOM 1039 C CG1  . ILE A 1 62 ? 1.287   3.123   4.933   1.00 0.51 ? 64 ILE A CG1  1 
ATOM 1040 C CG2  . ILE A 1 62 ? 1.633   3.450   7.394   1.00 0.53 ? 64 ILE A CG2  1 
ATOM 1041 C CD1  . ILE A 1 62 ? 1.312   2.033   3.868   1.00 0.49 ? 64 ILE A CD1  1 
ATOM 1042 H H    . ILE A 1 62 ? 3.532   1.048   4.788   1.00 0.43 ? 64 ILE A H    1 
ATOM 1043 H HA   . ILE A 1 62 ? 3.772   3.776   5.308   1.00 0.46 ? 64 ILE A HA   1 
ATOM 1044 H HB   . ILE A 1 62 ? 1.934   1.617   6.333   1.00 0.48 ? 64 ILE A HB   1 
ATOM 1045 H HG12 . ILE A 1 62 ? 0.263   3.304   5.227   1.00 0.57 ? 64 ILE A HG12 1 
ATOM 1046 H HG13 . ILE A 1 62 ? 1.702   4.026   4.525   1.00 0.53 ? 64 ILE A HG13 1 
ATOM 1047 H HG21 . ILE A 1 62 ? 1.998   4.465   7.341   1.00 1.11 ? 64 ILE A HG21 1 
ATOM 1048 H HG22 . ILE A 1 62 ? 0.554   3.454   7.421   1.00 1.22 ? 64 ILE A HG22 1 
ATOM 1049 H HG23 . ILE A 1 62 ? 2.010   2.973   8.286   1.00 1.09 ? 64 ILE A HG23 1 
ATOM 1050 H HD11 . ILE A 1 62 ? 2.333   1.841   3.569   1.00 1.11 ? 64 ILE A HD11 1 
ATOM 1051 H HD12 . ILE A 1 62 ? 0.880   1.136   4.278   1.00 1.01 ? 64 ILE A HD12 1 
ATOM 1052 H HD13 . ILE A 1 62 ? 0.740   2.355   3.012   1.00 1.14 ? 64 ILE A HD13 1 
ATOM 1053 N N    . ALA A 1 63 ? 4.445   2.021   8.015   1.00 0.48 ? 65 ALA A N    1 
ATOM 1054 C CA   . ALA A 1 63 ? 5.146   2.130   9.325   1.00 0.53 ? 65 ALA A CA   1 
ATOM 1055 C C    . ALA A 1 63 ? 6.604   2.556   9.104   1.00 0.46 ? 65 ALA A C    1 
ATOM 1056 O O    . ALA A 1 63 ? 7.173   3.283   9.893   1.00 0.49 ? 65 ALA A O    1 
ATOM 1057 C CB   . ALA A 1 63 ? 5.090   0.765   10.038  1.00 0.63 ? 65 ALA A CB   1 
ATOM 1058 H H    . ALA A 1 63 ? 4.021   1.176   7.754   1.00 0.52 ? 65 ALA A H    1 
ATOM 1059 H HA   . ALA A 1 63 ? 4.646   2.874   9.932   1.00 0.58 ? 65 ALA A HA   1 
ATOM 1060 H HB1  . ALA A 1 63 ? 4.273   0.186   9.635   1.00 1.22 ? 65 ALA A HB1  1 
ATOM 1061 H HB2  . ALA A 1 63 ? 6.015   0.225   9.885   1.00 1.06 ? 65 ALA A HB2  1 
ATOM 1062 H HB3  . ALA A 1 63 ? 4.935   0.913   11.099  1.00 1.35 ? 65 ALA A HB3  1 
ATOM 1063 N N    . GLU A 1 64 ? 7.222   2.088   8.055   1.00 0.45 ? 66 GLU A N    1 
ATOM 1064 C CA   . GLU A 1 64 ? 8.652   2.446   7.803   1.00 0.47 ? 66 GLU A CA   1 
ATOM 1065 C C    . GLU A 1 64 ? 8.779   3.869   7.224   1.00 0.44 ? 66 GLU A C    1 
ATOM 1066 O O    . GLU A 1 64 ? 9.674   4.604   7.584   1.00 0.51 ? 66 GLU A O    1 
ATOM 1067 C CB   . GLU A 1 64 ? 9.265   1.410   6.825   1.00 0.56 ? 66 GLU A CB   1 
ATOM 1068 C CG   . GLU A 1 64 ? 10.227  0.470   7.568   1.00 1.27 ? 66 GLU A CG   1 
ATOM 1069 C CD   . GLU A 1 64 ? 10.487  -0.775  6.721   1.00 1.80 ? 66 GLU A CD   1 
ATOM 1070 O OE1  . GLU A 1 64 ? 9.532   -1.313  6.184   1.00 2.51 ? 66 GLU A OE1  1 
ATOM 1071 O OE2  . GLU A 1 64 ? 11.637  -1.171  6.623   1.00 2.31 ? 66 GLU A OE2  1 
ATOM 1072 H H    . GLU A 1 64 ? 6.752   1.486   7.439   1.00 0.48 ? 66 GLU A H    1 
ATOM 1073 H HA   . GLU A 1 64 ? 9.183   2.416   8.744   1.00 0.52 ? 66 GLU A HA   1 
ATOM 1074 H HB2  . GLU A 1 64 ? 8.467   0.827   6.388   1.00 0.77 ? 66 GLU A HB2  1 
ATOM 1075 H HB3  . GLU A 1 64 ? 9.805   1.915   6.035   1.00 1.07 ? 66 GLU A HB3  1 
ATOM 1076 H HG2  . GLU A 1 64 ? 11.160  0.985   7.747   1.00 1.87 ? 66 GLU A HG2  1 
ATOM 1077 H HG3  . GLU A 1 64 ? 9.792   0.176   8.511   1.00 1.88 ? 66 GLU A HG3  1 
ATOM 1078 N N    . LEU A 1 65 ? 7.930   4.252   6.308   1.00 0.43 ? 67 LEU A N    1 
ATOM 1079 C CA   . LEU A 1 65 ? 8.063   5.615   5.704   1.00 0.45 ? 67 LEU A CA   1 
ATOM 1080 C C    . LEU A 1 65 ? 7.730   6.712   6.720   1.00 0.48 ? 67 LEU A C    1 
ATOM 1081 O O    . LEU A 1 65 ? 8.441   7.687   6.837   1.00 0.62 ? 67 LEU A O    1 
ATOM 1082 C CB   . LEU A 1 65 ? 7.137   5.736   4.491   1.00 0.52 ? 67 LEU A CB   1 
ATOM 1083 C CG   . LEU A 1 65 ? 7.707   4.931   3.306   1.00 0.68 ? 67 LEU A CG   1 
ATOM 1084 C CD1  . LEU A 1 65 ? 6.665   4.877   2.164   1.00 1.09 ? 67 LEU A CD1  1 
ATOM 1085 C CD2  . LEU A 1 65 ? 9.020   5.578   2.798   1.00 1.12 ? 67 LEU A CD2  1 
ATOM 1086 H H    . LEU A 1 65 ? 7.224   3.641   6.001   1.00 0.46 ? 67 LEU A H    1 
ATOM 1087 H HA   . LEU A 1 65 ? 9.082   5.749   5.383   1.00 0.52 ? 67 LEU A HA   1 
ATOM 1088 H HB2  . LEU A 1 65 ? 6.161   5.351   4.749   1.00 0.54 ? 67 LEU A HB2  1 
ATOM 1089 H HB3  . LEU A 1 65 ? 7.046   6.773   4.208   1.00 0.55 ? 67 LEU A HB3  1 
ATOM 1090 H HG   . LEU A 1 65 ? 7.912   3.921   3.638   1.00 1.35 ? 67 LEU A HG   1 
ATOM 1091 H HD11 . LEU A 1 65 ? 5.968   5.698   2.255   1.00 1.61 ? 67 LEU A HD11 1 
ATOM 1092 H HD12 . LEU A 1 65 ? 7.164   4.939   1.207   1.00 1.73 ? 67 LEU A HD12 1 
ATOM 1093 H HD13 . LEU A 1 65 ? 6.126   3.943   2.221   1.00 1.61 ? 67 LEU A HD13 1 
ATOM 1094 H HD21 . LEU A 1 65 ? 9.003   6.645   2.979   1.00 1.73 ? 67 LEU A HD21 1 
ATOM 1095 H HD22 . LEU A 1 65 ? 9.861   5.140   3.315   1.00 1.68 ? 67 LEU A HD22 1 
ATOM 1096 H HD23 . LEU A 1 65 ? 9.130   5.400   1.739   1.00 1.63 ? 67 LEU A HD23 1 
ATOM 1097 N N    . GLN A 1 66 ? 6.673   6.578   7.461   1.00 0.50 ? 68 GLN A N    1 
ATOM 1098 C CA   . GLN A 1 66 ? 6.345   7.640   8.455   1.00 0.67 ? 68 GLN A CA   1 
ATOM 1099 C C    . GLN A 1 66 ? 7.414   7.633   9.546   1.00 0.74 ? 68 GLN A C    1 
ATOM 1100 O O    . GLN A 1 66 ? 7.820   8.659   10.055  1.00 0.95 ? 68 GLN A O    1 
ATOM 1101 C CB   . GLN A 1 66 ? 4.992   7.343   9.117   1.00 0.82 ? 68 GLN A CB   1 
ATOM 1102 C CG   . GLN A 1 66 ? 3.838   7.639   8.161   1.00 0.84 ? 68 GLN A CG   1 
ATOM 1103 C CD   . GLN A 1 66 ? 2.519   7.509   8.930   1.00 0.98 ? 68 GLN A CD   1 
ATOM 1104 O OE1  . GLN A 1 66 ? 2.345   8.121   9.965   1.00 1.61 ? 68 GLN A OE1  1 
ATOM 1105 N NE2  . GLN A 1 66 ? 1.581   6.725   8.473   1.00 1.24 ? 68 GLN A NE2  1 
ATOM 1106 H H    . GLN A 1 66 ? 6.099   5.789   7.370   1.00 0.52 ? 68 GLN A H    1 
ATOM 1107 H HA   . GLN A 1 66 ? 6.315   8.605   7.973   1.00 0.73 ? 68 GLN A HA   1 
ATOM 1108 H HB2  . GLN A 1 66 ? 4.959   6.301   9.400   1.00 1.20 ? 68 GLN A HB2  1 
ATOM 1109 H HB3  . GLN A 1 66 ? 4.884   7.954   10.002  1.00 1.24 ? 68 GLN A HB3  1 
ATOM 1110 H HG2  . GLN A 1 66 ? 3.936   8.643   7.775   1.00 1.16 ? 68 GLN A HG2  1 
ATOM 1111 H HG3  . GLN A 1 66 ? 3.850   6.932   7.345   1.00 1.15 ? 68 GLN A HG3  1 
ATOM 1112 H HE21 . GLN A 1 66 ? 1.720   6.227   7.642   1.00 1.77 ? 68 GLN A HE21 1 
ATOM 1113 H HE22 . GLN A 1 66 ? 0.738   6.634   8.964   1.00 1.33 ? 68 GLN A HE22 1 
ATOM 1114 N N    . LYS A 1 67 ? 7.829   6.465   9.930   1.00 0.71 ? 69 LYS A N    1 
ATOM 1115 C CA   . LYS A 1 67 ? 8.834   6.325   11.017  1.00 0.90 ? 69 LYS A CA   1 
ATOM 1116 C C    . LYS A 1 67 ? 10.268  6.582   10.527  1.00 0.91 ? 69 LYS A C    1 
ATOM 1117 O O    . LYS A 1 67 ? 11.115  6.991   11.297  1.00 1.15 ? 69 LYS A O    1 
ATOM 1118 C CB   . LYS A 1 67 ? 8.735   4.902   11.554  1.00 1.00 ? 69 LYS A CB   1 
ATOM 1119 C CG   . LYS A 1 67 ? 9.511   4.773   12.877  1.00 1.49 ? 69 LYS A CG   1 
ATOM 1120 C CD   . LYS A 1 67 ? 9.940   3.314   13.100  1.00 1.60 ? 69 LYS A CD   1 
ATOM 1121 C CE   . LYS A 1 67 ? 8.717   2.433   13.441  1.00 1.70 ? 69 LYS A CE   1 
ATOM 1122 N NZ   . LYS A 1 67 ? 8.786   2.040   14.873  1.00 2.32 ? 69 LYS A NZ   1 
ATOM 1123 H H    . LYS A 1 67 ? 7.453   5.661   9.516   1.00 0.66 ? 69 LYS A H    1 
ATOM 1124 H HA   . LYS A 1 67 ? 8.599   7.016   11.810  1.00 1.08 ? 69 LYS A HA   1 
ATOM 1125 H HB2  . LYS A 1 67 ? 7.694   4.665   11.720  1.00 1.61 ? 69 LYS A HB2  1 
ATOM 1126 H HB3  . LYS A 1 67 ? 9.142   4.222   10.821  1.00 1.44 ? 69 LYS A HB3  1 
ATOM 1127 H HG2  . LYS A 1 67 ? 10.389  5.402   12.851  1.00 2.04 ? 69 LYS A HG2  1 
ATOM 1128 H HG3  . LYS A 1 67 ? 8.875   5.083   13.694  1.00 2.18 ? 69 LYS A HG3  1 
ATOM 1129 H HD2  . LYS A 1 67 ? 10.423  2.940   12.207  1.00 2.21 ? 69 LYS A HD2  1 
ATOM 1130 H HD3  . LYS A 1 67 ? 10.643  3.275   13.918  1.00 2.03 ? 69 LYS A HD3  1 
ATOM 1131 H HE2  . LYS A 1 67 ? 7.798   2.974   13.268  1.00 2.21 ? 69 LYS A HE2  1 
ATOM 1132 H HE3  . LYS A 1 67 ? 8.724   1.544   12.826  1.00 1.97 ? 69 LYS A HE3  1 
ATOM 1133 H HZ1  . LYS A 1 67 ? 9.759   2.166   15.221  1.00 2.78 ? 69 LYS A HZ1  1 
ATOM 1134 H HZ2  . LYS A 1 67 ? 8.140   2.637   15.428  1.00 2.49 ? 69 LYS A HZ2  1 
ATOM 1135 H HZ3  . LYS A 1 67 ? 8.506   1.044   14.973  1.00 2.83 ? 69 LYS A HZ3  1 
ATOM 1136 N N    . ASP A 1 68 ? 10.576  6.322   9.275   1.00 0.80 ? 70 ASP A N    1 
ATOM 1137 C CA   . ASP A 1 68 ? 11.984  6.533   8.801   1.00 0.97 ? 70 ASP A CA   1 
ATOM 1138 C C    . ASP A 1 68 ? 12.126  7.907   8.156   1.00 1.08 ? 70 ASP A C    1 
ATOM 1139 O O    . ASP A 1 68 ? 13.184  8.505   8.179   1.00 1.34 ? 70 ASP A O    1 
ATOM 1140 C CB   . ASP A 1 68 ? 12.345  5.449   7.780   1.00 1.04 ? 70 ASP A CB   1 
ATOM 1141 C CG   . ASP A 1 68 ? 13.867  5.370   7.637   1.00 1.38 ? 70 ASP A CG   1 
ATOM 1142 O OD1  . ASP A 1 68 ? 14.453  6.344   7.189   1.00 2.10 ? 70 ASP A OD1  1 
ATOM 1143 O OD2  . ASP A 1 68 ? 14.423  4.341   7.985   1.00 1.85 ? 70 ASP A OD2  1 
ATOM 1144 H H    . ASP A 1 68 ? 9.897   5.976   8.657   1.00 0.72 ? 70 ASP A H    1 
ATOM 1145 H HA   . ASP A 1 68 ? 12.664  6.465   9.641   1.00 1.09 ? 70 ASP A HA   1 
ATOM 1146 H HB2  . ASP A 1 68 ? 11.966  4.496   8.119   1.00 1.43 ? 70 ASP A HB2  1 
ATOM 1147 H HB3  . ASP A 1 68 ? 11.907  5.691   6.823   1.00 1.29 ? 70 ASP A HB3  1 
ATOM 1148 N N    . ILE A 1 69 ? 11.076  8.420   7.590   1.00 1.05 ? 71 ILE A N    1 
ATOM 1149 C CA   . ILE A 1 69 ? 11.173  9.760   6.960   1.00 1.31 ? 71 ILE A CA   1 
ATOM 1150 C C    . ILE A 1 69 ? 11.153  10.800  8.065   1.00 1.45 ? 71 ILE A C    1 
ATOM 1151 O O    . ILE A 1 69 ? 11.718  11.867  7.943   1.00 1.85 ? 71 ILE A O    1 
ATOM 1152 C CB   . ILE A 1 69 ? 9.953   10.005  6.067   1.00 1.49 ? 71 ILE A CB   1 
ATOM 1153 C CG1  . ILE A 1 69 ? 9.829   8.895   4.991   1.00 1.54 ? 71 ILE A CG1  1 
ATOM 1154 C CG2  . ILE A 1 69 ? 10.082  11.390  5.416   1.00 2.03 ? 71 ILE A CG2  1 
ATOM 1155 C CD1  . ILE A 1 69 ? 10.588  9.263   3.714   1.00 1.78 ? 71 ILE A CD1  1 
ATOM 1156 H H    . ILE A 1 69 ? 10.228  7.930   7.585   1.00 0.98 ? 71 ILE A H    1 
ATOM 1157 H HA   . ILE A 1 69 ? 12.081  9.841   6.384   1.00 1.46 ? 71 ILE A HA   1 
ATOM 1158 H HB   . ILE A 1 69 ? 9.067   10.000  6.688   1.00 1.95 ? 71 ILE A HB   1 
ATOM 1159 H HG12 . ILE A 1 69 ? 10.233  7.971   5.379   1.00 1.77 ? 71 ILE A HG12 1 
ATOM 1160 H HG13 . ILE A 1 69 ? 8.785   8.749   4.752   1.00 2.10 ? 71 ILE A HG13 1 
ATOM 1161 H HG21 . ILE A 1 69 ? 11.084  11.514  5.029   1.00 2.50 ? 71 ILE A HG21 1 
ATOM 1162 H HG22 . ILE A 1 69 ? 9.371   11.475  4.608   1.00 2.50 ? 71 ILE A HG22 1 
ATOM 1163 H HG23 . ILE A 1 69 ? 9.885   12.156  6.151   1.00 2.32 ? 71 ILE A HG23 1 
ATOM 1164 H HD11 . ILE A 1 69 ? 11.599  9.543   3.966   1.00 2.02 ? 71 ILE A HD11 1 
ATOM 1165 H HD12 . ILE A 1 69 ? 10.604  8.410   3.054   1.00 2.29 ? 71 ILE A HD12 1 
ATOM 1166 H HD13 . ILE A 1 69 ? 10.093  10.085  3.220   1.00 2.15 ? 71 ILE A HD13 1 
ATOM 1167 N N    . HIS A 1 70 ? 10.468  10.501  9.139   1.00 1.76 ? 72 HIS A N    1 
ATOM 1168 C CA   . HIS A 1 70 ? 10.358  11.476  10.262  1.00 2.06 ? 72 HIS A CA   1 
ATOM 1169 C C    . HIS A 1 70 ? 11.315  11.135  11.403  1.00 2.78 ? 72 HIS A C    1 
ATOM 1170 O O    . HIS A 1 70 ? 11.020  10.321  12.254  1.00 3.29 ? 72 HIS A O    1 
ATOM 1171 C CB   . HIS A 1 70 ? 8.900   11.479  10.771  1.00 2.28 ? 72 HIS A CB   1 
ATOM 1172 C CG   . HIS A 1 70 ? 8.438   12.896  10.931  1.00 2.78 ? 72 HIS A CG   1 
ATOM 1173 N ND1  . HIS A 1 70 ? 8.410   13.536  12.155  1.00 3.63 ? 72 HIS A ND1  1 
ATOM 1174 C CD2  . HIS A 1 70 ? 8.043   13.819  10.009  1.00 3.00 ? 72 HIS A CD2  1 
ATOM 1175 C CE1  . HIS A 1 70 ? 8.011   14.800  11.938  1.00 4.30 ? 72 HIS A CE1  1 
ATOM 1176 N NE2  . HIS A 1 70 ? 7.773   15.029  10.641  1.00 3.95 ? 72 HIS A NE2  1 
ATOM 1177 H H    . HIS A 1 70 ? 10.001  9.640   9.196   1.00 2.13 ? 72 HIS A H    1 
ATOM 1178 H HA   . HIS A 1 70 ? 10.612  12.458  9.901   1.00 2.10 ? 72 HIS A HA   1 
ATOM 1179 H HB2  . HIS A 1 70 ? 8.270   10.977  10.050  1.00 2.48 ? 72 HIS A HB2  1 
ATOM 1180 H HB3  . HIS A 1 70 ? 8.826   10.968  11.721  1.00 2.54 ? 72 HIS A HB3  1 
ATOM 1181 H HD1  . HIS A 1 70 ? 8.640   13.138  13.021  1.00 3.85 ? 72 HIS A HD1  1 
ATOM 1182 H HD2  . HIS A 1 70 ? 7.954   13.627  8.952   1.00 2.72 ? 72 HIS A HD2  1 
ATOM 1183 H HE1  . HIS A 1 70 ? 7.902   15.541  12.715  1.00 5.14 ? 72 HIS A HE1  1 
ATOM 1184 N N    . ASP A 1 71 ? 12.434  11.797  11.457  1.00 3.34 ? 73 ASP A N    1 
ATOM 1185 C CA   . ASP A 1 71 ? 13.380  11.553  12.575  1.00 4.20 ? 73 ASP A CA   1 
ATOM 1186 C C    . ASP A 1 71 ? 13.663  10.047  12.687  1.00 4.59 ? 73 ASP A C    1 
ATOM 1187 O O    . ASP A 1 71 ? 12.892  9.304   13.263  1.00 5.15 ? 73 ASP A O    1 
ATOM 1188 C CB   . ASP A 1 71 ? 12.723  12.087  13.874  1.00 4.79 ? 73 ASP A CB   1 
ATOM 1189 C CG   . ASP A 1 71 ? 13.696  12.985  14.645  1.00 5.55 ? 73 ASP A CG   1 
ATOM 1190 O OD1  . ASP A 1 71 ? 14.038  14.035  14.127  1.00 5.90 ? 73 ASP A OD1  1 
ATOM 1191 O OD2  . ASP A 1 71 ? 14.085  12.605  15.737  1.00 6.09 ? 73 ASP A OD2  1 
ATOM 1192 H H    . ASP A 1 71 ? 12.635  12.478  10.782  1.00 3.48 ? 73 ASP A H    1 
ATOM 1193 H HA   . ASP A 1 71 ? 14.303  12.078  12.382  1.00 4.61 ? 73 ASP A HA   1 
ATOM 1194 H HB2  . ASP A 1 71 ? 11.848  12.665  13.613  1.00 4.80 ? 73 ASP A HB2  1 
ATOM 1195 H HB3  . ASP A 1 71 ? 12.421  11.264  14.507  1.00 5.09 ? 73 ASP A HB3  1 
# 
